data_6PBZ
#
_entry.id   6PBZ
#
_cell.length_a   83.829
_cell.length_b   162.510
_cell.length_c   165.669
_cell.angle_alpha   90.00
_cell.angle_beta   90.00
_cell.angle_gamma   90.00
#
_symmetry.space_group_name_H-M   'P 21 21 21'
#
loop_
_entity.id
_entity.type
_entity.pdbx_description
1 polymer "Guanosine-5'-triphosphate,3'-diphosphate pyrophosphatase"
2 non-polymer 'CHLORIDE ION'
3 water water
#
_entity_poly.entity_id   1
_entity_poly.type   'polypeptide(L)'
_entity_poly.pdbx_seq_one_letter_code
;MGSTSSLYAAIDLGSNSFHMLVVREVAGSIQTLTRIKRKVRLAAGLNSENALSNEAMERGWQCLRLFAERLQDIPPSQIR
VVATATLRLAVNAGDFIAKAQEILGCPVQVISGEEEARLIYQGVAHTTGGADQRLVVDIGGASTELVTGTGAQTTSLFSL
SMGCVTWLERYFADRNLGQENFDAAEKAAREVLRPVADELRYHGWKVCVGASGTVQALQEIMMAQGMDERITLEKLQQLK
QRAIHCGRLEELEIDGLTLERALVFPSGLAILIAIFTELNIQCMTLAGGALREGLVYGMLHLAVEQDIRSRTLRNIQRRF
MIDIDQAQRVAKVAANFFDQVENEWHLEAISRDLLISACQLHEIGLSVDFKQAPQHAAYLVRNLDLPGFTPAQKKLLATL
LLNQTNPVDLSSLHQQNAVPPRVAEQLCRLLRLAIIFASRRRDDLVPEMTLQANHELLTLTLPQGWLTQHPLGKEIIAQE
SQWQSYVHWPLEVH
;
_entity_poly.pdbx_strand_id   A,B,C,D
#
# COMPACT_ATOMS: atom_id res chain seq x y z
N SER A 6 37.54 -8.44 11.04
CA SER A 6 37.53 -8.94 12.42
C SER A 6 36.67 -8.07 13.36
N LEU A 7 36.30 -8.65 14.51
CA LEU A 7 35.26 -8.11 15.38
C LEU A 7 35.79 -7.16 16.45
N TYR A 8 34.98 -6.16 16.79
CA TYR A 8 35.22 -5.23 17.89
C TYR A 8 33.92 -5.05 18.68
N ALA A 9 34.06 -4.85 19.99
CA ALA A 9 32.93 -4.90 20.91
C ALA A 9 33.06 -3.82 21.97
N ALA A 10 31.91 -3.28 22.39
CA ALA A 10 31.88 -2.20 23.37
C ALA A 10 30.77 -2.43 24.37
N ILE A 11 31.10 -2.44 25.67
CA ILE A 11 30.13 -2.61 26.74
C ILE A 11 30.00 -1.29 27.52
N ASP A 12 28.77 -0.82 27.68
CA ASP A 12 28.45 0.36 28.47
C ASP A 12 27.63 -0.08 29.68
N LEU A 13 28.27 -0.08 30.86
CA LEU A 13 27.59 -0.42 32.09
C LEU A 13 26.99 0.87 32.62
N GLY A 14 25.68 1.05 32.44
CA GLY A 14 25.00 2.29 32.72
C GLY A 14 24.09 2.16 33.93
N SER A 15 23.48 3.28 34.27
CA SER A 15 22.63 3.31 35.45
C SER A 15 21.42 2.39 35.28
N ASN A 16 20.66 2.55 34.19
CA ASN A 16 19.47 1.75 33.97
C ASN A 16 19.69 0.51 33.12
N SER A 17 20.71 0.51 32.28
CA SER A 17 20.84 -0.52 31.26
C SER A 17 22.31 -0.83 31.02
N PHE A 18 22.57 -2.11 30.72
CA PHE A 18 23.86 -2.57 30.18
C PHE A 18 23.74 -2.69 28.65
N HIS A 19 24.60 -1.97 27.94
CA HIS A 19 24.55 -1.92 26.49
C HIS A 19 25.75 -2.67 25.93
N MET A 20 25.51 -3.39 24.83
CA MET A 20 26.56 -4.03 24.07
C MET A 20 26.46 -3.59 22.62
N LEU A 21 27.61 -3.48 21.99
CA LEU A 21 27.70 -3.19 20.57
C LEU A 21 28.76 -4.13 20.05
N VAL A 22 28.44 -4.91 19.05
CA VAL A 22 29.45 -5.71 18.37
C VAL A 22 29.49 -5.25 16.94
N VAL A 23 30.70 -5.27 16.38
CA VAL A 23 30.95 -4.50 15.17
C VAL A 23 32.06 -5.16 14.37
N ARG A 24 32.03 -4.93 13.05
CA ARG A 24 32.90 -5.57 12.07
C ARG A 24 33.47 -4.52 11.11
N GLU A 25 34.76 -4.65 10.81
CA GLU A 25 35.44 -3.75 9.85
C GLU A 25 35.25 -4.30 8.44
N VAL A 26 34.32 -3.73 7.68
CA VAL A 26 34.06 -4.16 6.27
C VAL A 26 34.47 -3.02 5.34
N ALA A 27 35.11 -3.36 4.23
CA ALA A 27 35.66 -2.35 3.31
C ALA A 27 36.55 -1.41 4.15
N GLY A 28 36.24 -0.12 4.18
CA GLY A 28 37.10 0.79 4.95
C GLY A 28 36.36 1.45 6.09
N SER A 29 35.21 0.89 6.46
CA SER A 29 34.41 1.48 7.54
C SER A 29 33.95 0.40 8.51
N ILE A 30 32.90 0.70 9.26
CA ILE A 30 32.37 -0.19 10.27
C ILE A 30 31.02 -0.72 9.81
N GLN A 31 30.71 -1.96 10.18
CA GLN A 31 29.37 -2.51 10.05
C GLN A 31 28.91 -3.09 11.38
N THR A 32 27.73 -2.69 11.83
CA THR A 32 27.17 -3.19 13.07
C THR A 32 26.55 -4.58 12.91
N LEU A 33 26.95 -5.51 13.78
CA LEU A 33 26.41 -6.88 13.84
C LEU A 33 25.31 -7.05 14.89
N THR A 34 25.61 -6.76 16.16
CA THR A 34 24.65 -6.85 17.25
C THR A 34 24.63 -5.53 18.00
N ARG A 35 23.45 -5.12 18.46
CA ARG A 35 23.21 -3.91 19.30
C ARG A 35 22.25 -4.36 20.40
N ILE A 36 22.72 -4.44 21.64
CA ILE A 36 21.97 -5.11 22.70
C ILE A 36 21.87 -4.16 23.90
N LYS A 37 20.65 -4.00 24.41
CA LYS A 37 20.37 -3.34 25.68
C LYS A 37 19.58 -4.28 26.58
N ARG A 38 20.10 -4.50 27.78
CA ARG A 38 19.38 -5.23 28.82
C ARG A 38 19.27 -4.35 30.07
N LYS A 39 18.04 -4.17 30.55
CA LYS A 39 17.80 -3.42 31.77
C LYS A 39 18.17 -4.29 32.96
N VAL A 40 19.27 -3.93 33.62
CA VAL A 40 19.56 -4.45 34.94
C VAL A 40 19.09 -3.48 36.01
N ARG A 41 18.85 -2.22 35.65
CA ARG A 41 18.50 -1.20 36.62
C ARG A 41 19.44 -1.28 37.80
N LEU A 42 20.73 -1.08 37.56
CA LEU A 42 21.71 -1.16 38.65
C LEU A 42 21.48 -0.05 39.66
N ALA A 43 21.24 1.18 39.20
CA ALA A 43 20.96 2.26 40.13
C ALA A 43 19.75 1.95 41.01
N ALA A 44 18.79 1.17 40.51
CA ALA A 44 17.65 0.79 41.33
C ALA A 44 18.06 -0.02 42.56
N GLY A 45 19.20 -0.69 42.55
CA GLY A 45 19.67 -1.40 43.72
C GLY A 45 20.60 -0.61 44.62
N LEU A 46 20.84 0.65 44.29
CA LEU A 46 21.55 1.56 45.19
C LEU A 46 20.67 1.85 46.41
N ASN A 47 21.28 2.31 47.50
CA ASN A 47 20.53 2.62 48.71
C ASN A 47 20.87 4.04 49.17
N SER A 48 20.25 4.45 50.30
CA SER A 48 20.52 5.78 50.86
C SER A 48 21.98 5.95 51.19
N GLU A 49 22.64 4.88 51.62
CA GLU A 49 24.08 4.89 51.87
C GLU A 49 24.91 4.71 50.58
N ASN A 50 24.26 4.53 49.42
CA ASN A 50 24.96 4.34 48.14
C ASN A 50 25.75 3.02 48.11
N ALA A 51 25.08 1.93 48.47
CA ALA A 51 25.62 0.60 48.29
C ALA A 51 24.64 -0.23 47.45
N LEU A 52 25.19 -1.10 46.61
CA LEU A 52 24.40 -1.83 45.65
C LEU A 52 23.78 -3.06 46.29
N SER A 53 22.46 -3.13 46.26
CA SER A 53 21.79 -4.36 46.69
C SER A 53 22.42 -5.54 45.99
N ASN A 54 22.60 -6.64 46.73
CA ASN A 54 23.01 -7.86 46.07
C ASN A 54 21.93 -8.37 45.12
N GLU A 55 20.70 -7.84 45.23
CA GLU A 55 19.69 -8.04 44.20
C GLU A 55 20.13 -7.42 42.88
N ALA A 56 20.39 -6.10 42.90
CA ALA A 56 20.90 -5.40 41.73
C ALA A 56 22.18 -6.03 41.20
N MET A 57 23.19 -6.14 42.07
CA MET A 57 24.46 -6.72 41.68
C MET A 57 24.30 -8.10 41.05
N GLU A 58 23.31 -8.86 41.49
CA GLU A 58 23.04 -10.16 40.89
C GLU A 58 22.53 -10.00 39.45
N ARG A 59 21.56 -9.10 39.25
CA ARG A 59 21.06 -8.86 37.90
C ARG A 59 22.19 -8.46 36.97
N GLY A 60 23.09 -7.59 37.42
CA GLY A 60 24.23 -7.15 36.65
C GLY A 60 25.15 -8.27 36.21
N TRP A 61 25.63 -9.08 37.16
CA TRP A 61 26.49 -10.20 36.80
C TRP A 61 25.81 -11.13 35.82
N GLN A 62 24.54 -11.43 36.07
CA GLN A 62 23.83 -12.38 35.22
C GLN A 62 23.81 -11.90 33.77
N CYS A 63 23.60 -10.59 33.56
CA CYS A 63 23.68 -9.99 32.24
C CYS A 63 25.08 -10.14 31.67
N LEU A 64 26.09 -9.76 32.45
CA LEU A 64 27.46 -9.87 31.97
C LEU A 64 27.82 -11.31 31.66
N ARG A 65 27.16 -12.26 32.31
CA ARG A 65 27.39 -13.67 31.97
C ARG A 65 26.95 -13.95 30.53
N LEU A 66 25.87 -13.28 30.08
CA LEU A 66 25.43 -13.43 28.70
C LEU A 66 26.35 -12.67 27.75
N PHE A 67 26.57 -11.38 28.03
CA PHE A 67 27.54 -10.60 27.26
C PHE A 67 28.83 -11.39 27.09
N ALA A 68 29.23 -12.13 28.14
CA ALA A 68 30.43 -12.94 28.09
C ALA A 68 30.35 -13.96 26.96
N GLU A 69 29.33 -14.83 26.98
CA GLU A 69 29.21 -15.88 25.97
C GLU A 69 29.20 -15.29 24.55
N ARG A 70 28.56 -14.13 24.39
CA ARG A 70 28.61 -13.39 23.12
C ARG A 70 30.03 -12.96 22.79
N LEU A 71 30.85 -12.73 23.81
CA LEU A 71 32.15 -12.13 23.68
C LEU A 71 33.25 -13.12 23.34
N GLN A 72 32.99 -14.41 23.55
CA GLN A 72 34.06 -15.39 23.43
C GLN A 72 34.57 -15.45 22.01
N ASP A 73 35.87 -15.74 21.88
CA ASP A 73 36.58 -15.78 20.59
C ASP A 73 36.67 -14.39 19.97
N ILE A 74 36.57 -13.33 20.76
CA ILE A 74 36.97 -11.98 20.34
C ILE A 74 38.15 -11.56 21.21
N PRO A 75 39.27 -11.16 20.61
CA PRO A 75 40.46 -10.78 21.41
C PRO A 75 40.19 -9.61 22.35
N PRO A 76 40.67 -9.68 23.59
CA PRO A 76 40.54 -8.52 24.49
C PRO A 76 41.18 -7.23 23.96
N SER A 77 42.03 -7.31 22.94
CA SER A 77 42.56 -6.10 22.34
C SER A 77 41.44 -5.30 21.69
N GLN A 78 40.46 -5.99 21.14
CA GLN A 78 39.41 -5.36 20.37
C GLN A 78 38.12 -5.16 21.17
N ILE A 79 38.20 -5.19 22.50
CA ILE A 79 37.05 -4.96 23.37
C ILE A 79 37.34 -3.81 24.33
N ARG A 80 36.30 -3.02 24.65
CA ARG A 80 36.33 -2.03 25.71
C ARG A 80 35.02 -2.08 26.50
N VAL A 81 35.13 -2.31 27.81
CA VAL A 81 34.01 -2.29 28.75
C VAL A 81 34.19 -1.07 29.64
N VAL A 82 33.12 -0.29 29.84
CA VAL A 82 33.21 0.94 30.62
C VAL A 82 32.02 1.02 31.57
N ALA A 83 32.24 1.61 32.74
CA ALA A 83 31.22 1.88 33.73
C ALA A 83 31.17 3.38 34.00
N THR A 84 29.97 3.88 34.27
CA THR A 84 29.72 5.31 34.29
C THR A 84 29.14 5.69 35.66
N ALA A 85 28.48 6.84 35.70
CA ALA A 85 27.99 7.50 36.91
C ALA A 85 27.53 6.61 38.07
N THR A 86 26.70 5.59 37.84
CA THR A 86 26.23 4.80 38.98
C THR A 86 27.38 4.04 39.63
N LEU A 87 28.26 3.44 38.82
CA LEU A 87 29.35 2.67 39.39
C LEU A 87 30.50 3.54 39.87
N ARG A 88 30.57 4.80 39.47
CA ARG A 88 31.49 5.70 40.14
C ARG A 88 30.83 6.37 41.33
N LEU A 89 29.64 5.93 41.71
CA LEU A 89 28.99 6.41 42.93
C LEU A 89 29.09 5.40 44.06
N ALA A 90 28.57 4.19 43.82
CA ALA A 90 28.46 3.19 44.87
C ALA A 90 29.79 2.97 45.57
N VAL A 91 29.76 3.14 46.90
CA VAL A 91 30.86 2.68 47.75
C VAL A 91 31.11 1.21 47.49
N ASN A 92 30.03 0.47 47.39
CA ASN A 92 30.03 -0.95 47.07
C ASN A 92 30.80 -1.27 45.79
N ALA A 93 30.96 -0.29 44.89
CA ALA A 93 31.19 -0.57 43.47
C ALA A 93 32.35 -1.52 43.22
N GLY A 94 33.47 -1.36 43.96
CA GLY A 94 34.62 -2.20 43.73
C GLY A 94 34.31 -3.68 43.75
N ASP A 95 33.24 -4.07 44.45
CA ASP A 95 32.88 -5.49 44.57
C ASP A 95 32.20 -6.01 43.30
N PHE A 96 31.26 -5.24 42.74
CA PHE A 96 30.62 -5.65 41.49
C PHE A 96 31.64 -5.79 40.37
N ILE A 97 32.60 -4.84 40.29
CA ILE A 97 33.55 -4.85 39.20
C ILE A 97 34.35 -6.14 39.18
N ALA A 98 34.94 -6.49 40.32
CA ALA A 98 35.89 -7.58 40.37
C ALA A 98 35.28 -8.88 39.85
N LYS A 99 34.07 -9.22 40.32
CA LYS A 99 33.41 -10.42 39.80
C LYS A 99 33.06 -10.23 38.33
N ALA A 100 32.37 -9.13 38.00
CA ALA A 100 32.11 -8.78 36.59
C ALA A 100 33.38 -8.86 35.75
N GLN A 101 34.49 -8.35 36.29
CA GLN A 101 35.74 -8.34 35.54
C GLN A 101 36.21 -9.75 35.24
N GLU A 102 35.80 -10.72 36.05
CA GLU A 102 36.16 -12.11 35.77
C GLU A 102 35.00 -12.93 35.22
N ILE A 103 33.76 -12.42 35.27
CA ILE A 103 32.68 -13.02 34.49
C ILE A 103 32.89 -12.74 33.00
N LEU A 104 33.28 -11.52 32.64
CA LEU A 104 33.85 -11.22 31.33
C LEU A 104 35.30 -11.66 31.33
N GLY A 105 35.98 -11.51 30.19
CA GLY A 105 37.38 -11.94 30.19
C GLY A 105 38.38 -10.80 30.26
N CYS A 106 37.93 -9.64 30.75
CA CYS A 106 38.65 -8.40 30.44
C CYS A 106 38.37 -7.33 31.47
N PRO A 107 39.02 -6.16 31.37
CA PRO A 107 38.85 -5.12 32.39
C PRO A 107 37.59 -4.28 32.22
N VAL A 108 36.99 -3.91 33.34
CA VAL A 108 35.91 -2.94 33.42
C VAL A 108 36.46 -1.60 33.93
N GLN A 109 36.46 -0.57 33.11
CA GLN A 109 37.09 0.71 33.45
C GLN A 109 36.04 1.75 33.83
N VAL A 110 36.01 2.16 35.10
CA VAL A 110 35.20 3.31 35.49
C VAL A 110 35.76 4.53 34.78
N ILE A 111 34.89 5.33 34.17
CA ILE A 111 35.37 6.55 33.53
C ILE A 111 34.78 7.76 34.23
N SER A 112 35.52 8.85 34.20
CA SER A 112 34.99 10.11 34.68
C SER A 112 33.90 10.62 33.73
N GLY A 113 33.11 11.57 34.22
CA GLY A 113 32.24 12.32 33.34
C GLY A 113 32.98 13.01 32.20
N GLU A 114 34.26 13.35 32.41
CA GLU A 114 35.06 13.97 31.36
C GLU A 114 35.46 12.96 30.29
N GLU A 115 35.96 11.79 30.70
CA GLU A 115 36.25 10.74 29.74
C GLU A 115 34.98 10.25 29.06
N GLU A 116 33.86 10.23 29.79
CA GLU A 116 32.57 10.03 29.18
C GLU A 116 32.30 11.08 28.11
N ALA A 117 32.59 12.35 28.40
CA ALA A 117 32.38 13.39 27.39
C ALA A 117 33.25 13.17 26.16
N ARG A 118 34.50 12.75 26.35
CA ARG A 118 35.43 12.67 25.26
C ARG A 118 35.01 11.60 24.27
N LEU A 119 34.57 10.45 24.79
CA LEU A 119 34.07 9.37 23.94
C LEU A 119 32.77 9.75 23.24
N ILE A 120 31.92 10.55 23.88
CA ILE A 120 30.71 10.99 23.21
C ILE A 120 31.07 11.82 21.99
N TYR A 121 31.94 12.82 22.17
CA TYR A 121 32.36 13.65 21.04
C TYR A 121 33.00 12.80 19.94
N GLN A 122 33.87 11.86 20.30
CA GLN A 122 34.41 10.94 19.29
C GLN A 122 33.30 10.18 18.58
N GLY A 123 32.28 9.74 19.31
CA GLY A 123 31.16 9.07 18.67
C GLY A 123 30.46 9.96 17.67
N VAL A 124 30.20 11.21 18.05
CA VAL A 124 29.45 12.02 17.10
C VAL A 124 30.32 12.41 15.94
N ALA A 125 31.63 12.60 16.15
CA ALA A 125 32.45 13.18 15.08
C ALA A 125 32.71 12.19 13.95
N HIS A 126 32.53 10.91 14.21
CA HIS A 126 32.75 9.92 13.16
C HIS A 126 31.45 9.58 12.42
N THR A 127 30.31 10.00 12.98
CA THR A 127 29.01 9.63 12.46
C THR A 127 28.17 10.83 12.00
N THR A 128 28.63 12.05 12.14
CA THR A 128 27.75 13.19 12.00
C THR A 128 28.24 14.09 10.89
N GLY A 129 27.39 14.32 9.88
CA GLY A 129 27.69 15.22 8.79
C GLY A 129 27.33 16.64 9.15
N GLY A 130 27.61 17.55 8.22
CA GLY A 130 27.47 18.97 8.45
C GLY A 130 28.81 19.63 8.74
N ALA A 131 28.71 20.90 9.12
CA ALA A 131 29.88 21.67 9.52
C ALA A 131 30.63 20.87 10.58
N ASP A 132 31.94 20.71 10.40
CA ASP A 132 32.63 19.87 11.35
C ASP A 132 33.05 20.65 12.60
N GLN A 133 32.67 21.92 12.71
CA GLN A 133 32.95 22.75 13.89
C GLN A 133 31.66 22.86 14.69
N ARG A 134 31.58 22.10 15.77
CA ARG A 134 30.28 21.76 16.32
C ARG A 134 30.24 21.92 17.83
N LEU A 135 29.03 22.09 18.37
CA LEU A 135 28.73 22.01 19.79
C LEU A 135 27.87 20.76 20.03
N VAL A 136 28.28 19.94 21.00
CA VAL A 136 27.64 18.66 21.32
C VAL A 136 27.07 18.74 22.74
N VAL A 137 25.79 18.42 22.87
CA VAL A 137 25.14 18.45 24.17
C VAL A 137 24.60 17.08 24.46
N ASP A 138 24.92 16.55 25.64
CA ASP A 138 24.40 15.27 26.07
C ASP A 138 23.90 15.40 27.49
N ILE A 139 22.58 15.40 27.63
CA ILE A 139 21.94 15.52 28.92
C ILE A 139 21.68 14.11 29.41
N GLY A 140 22.40 13.71 30.47
CA GLY A 140 22.27 12.41 31.07
C GLY A 140 21.45 12.44 32.34
N GLY A 141 21.47 11.33 33.06
CA GLY A 141 20.67 11.24 34.26
C GLY A 141 21.15 12.22 35.31
N ALA A 142 22.46 12.17 35.58
CA ALA A 142 23.07 12.97 36.64
C ALA A 142 23.94 14.10 36.14
N SER A 143 24.35 14.06 34.86
CA SER A 143 25.33 15.01 34.36
C SER A 143 24.99 15.38 32.92
N THR A 144 25.48 16.54 32.51
CA THR A 144 25.28 17.10 31.19
C THR A 144 26.65 17.40 30.60
N GLU A 145 27.03 16.67 29.56
CA GLU A 145 28.26 17.00 28.83
C GLU A 145 28.00 18.07 27.79
N LEU A 146 28.88 19.08 27.76
CA LEU A 146 28.96 20.05 26.67
C LEU A 146 30.38 20.04 26.13
N VAL A 147 30.53 19.65 24.87
CA VAL A 147 31.85 19.62 24.24
C VAL A 147 31.78 20.46 22.99
N THR A 148 32.88 21.12 22.70
CA THR A 148 33.02 22.01 21.59
C THR A 148 34.18 21.45 20.79
N GLY A 149 34.04 21.41 19.48
CA GLY A 149 35.07 20.68 18.78
C GLY A 149 35.00 20.93 17.28
N THR A 150 36.10 20.54 16.63
CA THR A 150 36.20 20.61 15.18
C THR A 150 36.75 19.28 14.71
N GLY A 151 35.93 18.53 13.98
CA GLY A 151 36.32 17.38 13.21
C GLY A 151 37.26 16.43 13.91
N ALA A 152 36.83 15.92 15.06
CA ALA A 152 37.55 15.00 15.95
C ALA A 152 38.57 15.68 16.88
N GLN A 153 38.78 17.00 16.80
CA GLN A 153 39.66 17.71 17.72
C GLN A 153 38.80 18.54 18.66
N THR A 154 38.74 18.17 19.94
CA THR A 154 37.95 18.93 20.90
C THR A 154 38.68 20.21 21.26
N THR A 155 37.97 21.34 21.19
CA THR A 155 38.55 22.60 21.68
C THR A 155 38.08 22.98 23.09
N SER A 156 37.02 22.37 23.62
CA SER A 156 36.64 22.61 25.01
C SER A 156 35.69 21.51 25.45
N LEU A 157 35.67 21.22 26.75
CA LEU A 157 34.99 20.01 27.21
C LEU A 157 34.63 20.12 28.70
N PHE A 158 33.38 19.80 29.02
CA PHE A 158 32.81 20.06 30.34
C PHE A 158 31.81 18.97 30.69
N SER A 159 31.86 18.52 31.96
CA SER A 159 30.89 17.59 32.52
C SER A 159 30.33 18.24 33.78
N LEU A 160 29.07 18.67 33.71
CA LEU A 160 28.41 19.51 34.71
C LEU A 160 27.34 18.72 35.45
N SER A 161 27.20 18.97 36.76
CA SER A 161 26.22 18.28 37.60
C SER A 161 24.84 18.90 37.42
N MET A 162 24.16 18.51 36.34
CA MET A 162 22.71 18.58 36.21
C MET A 162 22.27 17.47 35.27
N GLY A 163 21.10 16.94 35.49
CA GLY A 163 20.60 15.87 34.65
C GLY A 163 19.14 15.67 34.94
N CYS A 164 18.49 14.94 34.04
CA CYS A 164 17.05 14.79 34.16
C CYS A 164 16.69 14.17 35.49
N VAL A 165 17.44 13.17 35.93
CA VAL A 165 16.99 12.47 37.14
C VAL A 165 17.14 13.39 38.35
N THR A 166 18.34 13.97 38.56
CA THR A 166 18.53 14.92 39.66
C THR A 166 17.59 16.13 39.55
N TRP A 167 17.45 16.71 38.35
CA TRP A 167 16.59 17.89 38.22
C TRP A 167 15.12 17.56 38.49
N LEU A 168 14.67 16.36 38.13
CA LEU A 168 13.29 16.02 38.47
C LEU A 168 13.09 16.04 39.98
N GLU A 169 14.10 15.60 40.73
CA GLU A 169 13.98 15.53 42.17
C GLU A 169 13.97 16.91 42.82
N ARG A 170 14.91 17.79 42.48
CA ARG A 170 14.94 19.08 43.17
C ARG A 170 13.77 19.98 42.74
N TYR A 171 13.61 20.19 41.44
CA TYR A 171 12.72 21.25 40.99
C TYR A 171 11.33 20.78 40.67
N PHE A 172 11.13 19.49 40.51
CA PHE A 172 9.79 18.93 40.34
C PHE A 172 9.45 18.10 41.56
N ALA A 173 9.81 18.70 42.70
CA ALA A 173 9.60 18.17 44.03
C ALA A 173 8.21 17.57 44.19
N ASP A 174 7.18 18.42 44.10
CA ASP A 174 5.82 18.03 44.39
C ASP A 174 5.07 17.45 43.19
N ARG A 175 5.80 17.00 42.15
CA ARG A 175 5.22 16.32 40.97
C ARG A 175 4.38 17.25 40.10
N ASN A 176 4.45 18.57 40.26
CA ASN A 176 3.67 19.48 39.43
C ASN A 176 4.47 19.97 38.24
N LEU A 177 3.78 20.05 37.09
CA LEU A 177 4.35 20.47 35.81
C LEU A 177 4.07 21.93 35.52
N GLY A 178 3.85 22.73 36.56
CA GLY A 178 3.46 24.10 36.37
C GLY A 178 4.63 25.00 36.02
N GLN A 179 4.27 26.25 35.70
CA GLN A 179 5.27 27.27 35.40
C GLN A 179 6.18 27.54 36.59
N GLU A 180 5.70 27.33 37.81
CA GLU A 180 6.53 27.51 38.99
C GLU A 180 7.78 26.63 38.92
N ASN A 181 7.57 25.31 38.77
CA ASN A 181 8.69 24.37 38.86
C ASN A 181 9.60 24.49 37.65
N PHE A 182 9.01 24.69 36.48
CA PHE A 182 9.81 24.89 35.27
C PHE A 182 10.76 26.07 35.42
N ASP A 183 10.23 27.22 35.83
CA ASP A 183 11.06 28.39 36.08
C ASP A 183 12.25 28.05 37.01
N ALA A 184 11.99 27.34 38.12
CA ALA A 184 13.09 26.96 39.01
C ALA A 184 14.10 26.07 38.30
N ALA A 185 13.62 24.99 37.65
CA ALA A 185 14.50 24.05 36.98
C ALA A 185 15.40 24.72 35.95
N GLU A 186 14.80 25.53 35.07
CA GLU A 186 15.57 26.27 34.09
C GLU A 186 16.53 27.24 34.76
N LYS A 187 16.09 27.92 35.82
CA LYS A 187 16.98 28.89 36.48
C LYS A 187 18.22 28.22 37.04
N ALA A 188 18.08 27.04 37.65
CA ALA A 188 19.24 26.35 38.19
C ALA A 188 20.17 25.89 37.08
N ALA A 189 19.63 25.41 35.96
CA ALA A 189 20.49 24.91 34.89
C ALA A 189 21.29 26.04 34.26
N ARG A 190 20.66 27.19 34.06
CA ARG A 190 21.41 28.34 33.58
C ARG A 190 22.53 28.66 34.54
N GLU A 191 22.29 28.47 35.85
CA GLU A 191 23.31 28.77 36.84
C GLU A 191 24.41 27.71 36.89
N VAL A 192 24.08 26.44 36.59
CA VAL A 192 25.12 25.44 36.40
C VAL A 192 25.96 25.81 35.20
N LEU A 193 25.28 26.07 34.07
CA LEU A 193 25.95 26.26 32.78
C LEU A 193 26.71 27.58 32.71
N ARG A 194 26.13 28.67 33.23
CA ARG A 194 26.64 30.03 33.06
C ARG A 194 28.16 30.18 33.14
N PRO A 195 28.85 29.60 34.13
CA PRO A 195 30.31 29.87 34.24
C PRO A 195 31.13 29.41 33.06
N VAL A 196 30.72 28.30 32.41
CA VAL A 196 31.46 27.77 31.27
C VAL A 196 30.98 28.35 29.97
N ALA A 197 29.94 29.18 30.00
CA ALA A 197 29.37 29.71 28.77
C ALA A 197 30.41 30.45 27.95
N ASP A 198 31.20 31.34 28.59
CA ASP A 198 32.19 32.13 27.85
C ASP A 198 33.18 31.25 27.10
N GLU A 199 33.67 30.16 27.72
CA GLU A 199 34.61 29.29 27.01
C GLU A 199 33.93 28.62 25.83
N LEU A 200 32.65 28.24 25.99
CA LEU A 200 31.94 27.58 24.90
C LEU A 200 31.75 28.52 23.71
N ARG A 201 31.35 29.78 23.98
CA ARG A 201 31.13 30.74 22.91
C ARG A 201 32.44 31.19 22.28
N TYR A 202 33.51 31.26 23.08
CA TYR A 202 34.82 31.62 22.57
C TYR A 202 35.21 30.76 21.40
N HIS A 203 35.22 29.44 21.61
CA HIS A 203 35.52 28.51 20.52
C HIS A 203 34.40 28.46 19.50
N GLY A 204 33.17 28.80 19.88
CA GLY A 204 32.06 28.87 18.95
C GLY A 204 31.67 27.52 18.36
N TRP A 205 30.71 27.60 17.44
CA TRP A 205 30.29 26.42 16.70
C TRP A 205 29.52 26.90 15.48
N LYS A 206 29.67 26.15 14.39
CA LYS A 206 28.79 26.36 13.25
C LYS A 206 27.53 25.49 13.37
N VAL A 207 27.60 24.35 14.06
CA VAL A 207 26.43 23.47 14.15
C VAL A 207 26.33 22.84 15.54
N CYS A 208 25.11 22.83 16.08
CA CYS A 208 24.85 22.24 17.39
C CYS A 208 24.10 20.95 17.23
N VAL A 209 24.64 19.89 17.78
CA VAL A 209 24.11 18.54 17.64
C VAL A 209 24.06 17.90 19.02
N GLY A 210 23.03 17.10 19.28
CA GLY A 210 22.73 16.60 20.61
C GLY A 210 22.65 15.09 20.66
N ALA A 211 22.58 14.57 21.89
CA ALA A 211 22.86 13.14 21.93
C ALA A 211 21.98 12.20 22.78
N SER A 212 21.44 12.62 23.91
CA SER A 212 20.91 11.50 24.74
C SER A 212 19.37 11.42 24.75
N GLY A 213 18.80 10.77 25.77
CA GLY A 213 17.35 10.55 25.83
C GLY A 213 16.48 11.74 25.50
N THR A 214 16.79 12.89 26.07
CA THR A 214 15.94 14.07 25.88
C THR A 214 15.90 14.48 24.42
N VAL A 215 17.06 14.47 23.76
CA VAL A 215 17.12 14.75 22.33
C VAL A 215 16.38 13.67 21.55
N GLN A 216 16.50 12.41 21.99
CA GLN A 216 15.79 11.35 21.27
C GLN A 216 14.29 11.47 21.48
N ALA A 217 13.87 11.84 22.69
CA ALA A 217 12.46 12.06 22.91
C ALA A 217 11.95 13.12 21.94
N LEU A 218 12.78 14.14 21.69
CA LEU A 218 12.38 15.22 20.81
C LEU A 218 12.26 14.77 19.37
N GLN A 219 13.22 13.99 18.89
CA GLN A 219 13.13 13.46 17.54
C GLN A 219 11.86 12.65 17.39
N GLU A 220 11.57 11.80 18.38
CA GLU A 220 10.40 10.93 18.30
C GLU A 220 9.09 11.72 18.44
N ILE A 221 9.09 12.76 19.25
CA ILE A 221 7.90 13.60 19.36
C ILE A 221 7.66 14.35 18.06
N MET A 222 8.68 15.04 17.56
CA MET A 222 8.57 15.87 16.33
C MET A 222 8.17 14.97 15.16
N MET A 223 8.91 13.91 14.93
CA MET A 223 8.52 12.92 13.93
C MET A 223 7.03 12.67 14.01
N ALA A 224 6.55 12.26 15.20
CA ALA A 224 5.14 11.89 15.36
C ALA A 224 4.19 13.02 14.99
N GLN A 225 4.51 14.25 15.39
CA GLN A 225 3.60 15.36 15.18
C GLN A 225 3.72 15.96 13.78
N GLY A 226 4.66 15.49 12.97
CA GLY A 226 4.72 15.93 11.59
C GLY A 226 5.63 17.10 11.34
N MET A 227 6.52 17.41 12.25
CA MET A 227 7.47 18.51 12.09
C MET A 227 8.73 17.99 11.41
N ASP A 228 9.61 18.91 11.02
CA ASP A 228 10.90 18.39 10.58
C ASP A 228 11.73 18.00 11.81
N GLU A 229 12.95 17.52 11.58
CA GLU A 229 13.79 16.97 12.64
C GLU A 229 14.67 18.05 13.28
N ARG A 230 14.38 19.33 13.04
CA ARG A 230 15.19 20.41 13.60
C ARG A 230 14.61 20.88 14.93
N ILE A 231 15.35 20.68 16.01
CA ILE A 231 14.94 21.14 17.33
C ILE A 231 15.20 22.65 17.42
N THR A 232 14.15 23.40 17.77
CA THR A 232 14.24 24.85 17.90
C THR A 232 13.69 25.26 19.26
N LEU A 233 14.09 26.45 19.71
CA LEU A 233 13.58 26.99 20.96
C LEU A 233 12.05 27.04 20.94
N GLU A 234 11.47 27.53 19.84
CA GLU A 234 10.02 27.64 19.68
C GLU A 234 9.34 26.31 19.96
N LYS A 235 9.84 25.24 19.35
CA LYS A 235 9.22 23.92 19.53
C LYS A 235 9.37 23.44 20.97
N LEU A 236 10.49 23.75 21.62
CA LEU A 236 10.67 23.40 23.03
C LEU A 236 9.70 24.17 23.92
N GLN A 237 9.50 25.47 23.64
CA GLN A 237 8.54 26.25 24.38
C GLN A 237 7.12 25.71 24.21
N GLN A 238 6.78 25.27 22.99
CA GLN A 238 5.44 24.71 22.77
C GLN A 238 5.28 23.44 23.58
N LEU A 239 6.28 22.57 23.56
CA LEU A 239 6.22 21.38 24.41
C LEU A 239 6.06 21.76 25.88
N LYS A 240 6.74 22.83 26.32
CA LYS A 240 6.70 23.24 27.72
C LYS A 240 5.30 23.66 28.12
N GLN A 241 4.70 24.58 27.35
CA GLN A 241 3.32 24.95 27.56
C GLN A 241 2.41 23.73 27.55
N ARG A 242 2.70 22.75 26.67
CA ARG A 242 1.92 21.52 26.70
C ARG A 242 2.11 20.79 28.03
N ALA A 243 3.36 20.63 28.48
CA ALA A 243 3.60 19.97 29.76
C ALA A 243 2.89 20.69 30.91
N ILE A 244 2.94 22.03 30.91
CA ILE A 244 2.29 22.81 31.95
C ILE A 244 0.79 22.61 31.91
N HIS A 245 0.25 22.39 30.72
CA HIS A 245 -1.18 22.19 30.58
C HIS A 245 -1.62 20.89 31.26
N CYS A 246 -0.82 19.81 31.12
CA CYS A 246 -1.15 18.55 31.77
C CYS A 246 -1.04 18.65 33.31
N GLY A 247 -0.06 19.40 33.83
CA GLY A 247 -0.10 19.92 35.18
C GLY A 247 0.42 19.00 36.27
N ARG A 248 0.34 17.69 36.07
CA ARG A 248 0.83 16.71 37.02
C ARG A 248 1.66 15.73 36.23
N LEU A 249 2.87 15.42 36.69
CA LEU A 249 3.75 14.49 35.96
C LEU A 249 3.04 13.21 35.54
N GLU A 250 2.23 12.66 36.42
CA GLU A 250 1.50 11.44 36.09
C GLU A 250 0.45 11.62 34.99
N GLU A 251 0.07 12.86 34.63
CA GLU A 251 -0.89 13.11 33.56
C GLU A 251 -0.26 13.64 32.27
N LEU A 252 1.07 13.61 32.17
CA LEU A 252 1.77 14.05 30.98
C LEU A 252 1.40 13.20 29.76
N GLU A 253 0.83 13.84 28.73
CA GLU A 253 0.59 13.16 27.45
C GLU A 253 0.96 14.11 26.32
N ILE A 254 2.02 13.75 25.58
CA ILE A 254 2.45 14.49 24.40
C ILE A 254 2.54 13.50 23.26
N ASP A 255 1.83 13.79 22.17
CA ASP A 255 1.91 12.95 20.99
C ASP A 255 3.37 12.78 20.57
N GLY A 256 3.82 11.53 20.51
CA GLY A 256 5.21 11.23 20.22
C GLY A 256 6.03 10.85 21.44
N LEU A 257 5.51 11.11 22.63
CA LEU A 257 6.28 10.90 23.86
C LEU A 257 5.92 9.53 24.44
N THR A 258 6.89 8.62 24.43
CA THR A 258 6.67 7.28 24.96
C THR A 258 6.58 7.29 26.48
N LEU A 259 6.27 6.11 27.02
CA LEU A 259 6.07 5.96 28.46
C LEU A 259 7.35 6.23 29.23
N GLU A 260 8.43 5.55 28.88
CA GLU A 260 9.65 5.65 29.68
C GLU A 260 10.46 6.90 29.41
N ARG A 261 10.26 7.57 28.26
CA ARG A 261 10.82 8.91 28.12
C ARG A 261 10.05 9.92 28.94
N ALA A 262 8.75 9.67 29.15
CA ALA A 262 7.90 10.68 29.76
C ALA A 262 8.26 10.94 31.21
N LEU A 263 8.77 9.91 31.90
CA LEU A 263 9.09 10.05 33.30
C LEU A 263 10.18 11.11 33.52
N VAL A 264 11.21 11.11 32.67
CA VAL A 264 12.30 12.07 32.80
C VAL A 264 12.18 13.23 31.80
N PHE A 265 11.03 13.39 31.15
CA PHE A 265 10.97 14.38 30.08
C PHE A 265 10.89 15.82 30.58
N PRO A 266 10.03 16.18 31.53
CA PRO A 266 9.97 17.59 31.92
C PRO A 266 11.31 18.16 32.38
N SER A 267 12.04 17.44 33.23
CA SER A 267 13.29 18.00 33.73
C SER A 267 14.31 18.15 32.61
N GLY A 268 14.50 17.12 31.80
CA GLY A 268 15.32 17.28 30.60
C GLY A 268 14.86 18.43 29.74
N LEU A 269 13.55 18.51 29.48
CA LEU A 269 13.06 19.59 28.64
C LEU A 269 13.49 20.92 29.23
N ALA A 270 13.45 21.03 30.55
CA ALA A 270 13.80 22.28 31.21
C ALA A 270 15.28 22.59 31.04
N ILE A 271 16.15 21.61 31.31
CA ILE A 271 17.58 21.80 31.12
C ILE A 271 17.92 22.22 29.69
N LEU A 272 17.29 21.59 28.70
CA LEU A 272 17.63 21.83 27.32
C LEU A 272 17.18 23.22 26.85
N ILE A 273 16.04 23.68 27.36
CA ILE A 273 15.61 25.05 27.11
C ILE A 273 16.58 26.03 27.75
N ALA A 274 17.05 25.68 28.96
CA ALA A 274 18.02 26.52 29.67
C ALA A 274 19.32 26.56 28.90
N ILE A 275 19.74 25.41 28.36
CA ILE A 275 20.93 25.39 27.52
C ILE A 275 20.68 26.17 26.25
N PHE A 276 19.49 26.00 25.64
CA PHE A 276 19.19 26.69 24.40
C PHE A 276 19.23 28.18 24.57
N THR A 277 18.81 28.67 25.74
CA THR A 277 18.73 30.10 25.98
C THR A 277 20.08 30.69 26.30
N GLU A 278 20.83 30.04 27.19
CA GLU A 278 22.09 30.61 27.66
C GLU A 278 23.13 30.71 26.54
N LEU A 279 23.16 29.74 25.64
CA LEU A 279 24.14 29.75 24.56
C LEU A 279 23.56 30.23 23.23
N ASN A 280 22.27 30.57 23.20
CA ASN A 280 21.58 31.05 22.00
C ASN A 280 21.65 30.07 20.83
N ILE A 281 21.35 28.80 21.12
CA ILE A 281 21.36 27.82 20.05
C ILE A 281 20.19 28.09 19.13
N GLN A 282 20.48 28.25 17.85
CA GLN A 282 19.39 28.44 16.88
C GLN A 282 18.73 27.12 16.54
N CYS A 283 19.51 26.07 16.40
CA CYS A 283 19.00 24.81 15.91
C CYS A 283 19.86 23.67 16.43
N MET A 284 19.21 22.61 16.86
CA MET A 284 19.89 21.40 17.31
C MET A 284 19.33 20.21 16.55
N THR A 285 20.21 19.39 15.99
CA THR A 285 19.82 18.13 15.38
C THR A 285 20.44 16.97 16.17
N LEU A 286 20.07 15.77 15.77
CA LEU A 286 20.43 14.55 16.49
C LEU A 286 21.73 14.00 15.95
N ALA A 287 22.69 13.79 16.84
CA ALA A 287 23.97 13.28 16.38
C ALA A 287 23.84 11.85 15.87
N GLY A 288 24.80 11.44 15.04
CA GLY A 288 24.87 10.08 14.52
C GLY A 288 25.38 9.03 15.48
N GLY A 289 25.87 9.42 16.66
CA GLY A 289 26.58 8.48 17.53
C GLY A 289 26.90 9.11 18.87
N ALA A 290 27.48 8.30 19.72
CA ALA A 290 27.52 8.60 21.15
C ALA A 290 28.66 7.78 21.77
N LEU A 291 28.57 7.55 23.08
CA LEU A 291 29.64 6.92 23.83
C LEU A 291 30.09 5.62 23.20
N ARG A 292 29.14 4.78 22.82
CA ARG A 292 29.53 3.45 22.38
C ARG A 292 30.18 3.50 21.00
N GLU A 293 29.69 4.36 20.11
CA GLU A 293 30.43 4.64 18.87
C GLU A 293 31.84 5.14 19.20
N GLY A 294 31.94 6.07 20.16
CA GLY A 294 33.25 6.54 20.59
C GLY A 294 34.20 5.42 20.96
N LEU A 295 33.73 4.49 21.81
CA LEU A 295 34.58 3.36 22.19
C LEU A 295 35.06 2.58 20.98
N VAL A 296 34.18 2.38 19.99
CA VAL A 296 34.52 1.50 18.89
C VAL A 296 35.48 2.18 17.92
N TYR A 297 35.24 3.44 17.61
CA TYR A 297 36.08 4.08 16.60
C TYR A 297 37.50 4.28 17.12
N GLY A 298 37.72 4.23 18.43
CA GLY A 298 39.06 4.35 18.95
C GLY A 298 39.88 3.09 18.84
N MET A 299 39.24 1.93 18.83
CA MET A 299 39.98 0.70 18.64
C MET A 299 40.35 0.46 17.18
N LEU A 300 39.79 1.23 16.26
CA LEU A 300 40.07 1.10 14.83
C LEU A 300 41.31 1.85 14.39
N HIS A 301 41.60 2.99 15.03
CA HIS A 301 42.84 3.75 14.83
C HIS A 301 42.84 4.59 13.54
N GLN A 306 37.83 13.18 7.08
CA GLN A 306 37.40 14.55 7.45
C GLN A 306 35.93 14.72 7.10
N ASP A 307 35.56 14.38 5.86
CA ASP A 307 34.15 14.49 5.40
C ASP A 307 33.45 13.16 5.68
N ILE A 308 32.62 13.11 6.71
CA ILE A 308 31.91 11.85 7.08
C ILE A 308 31.09 11.36 5.87
N ARG A 309 30.32 12.23 5.27
CA ARG A 309 29.50 11.82 4.11
C ARG A 309 30.33 11.12 3.05
N SER A 310 31.47 11.69 2.68
CA SER A 310 32.23 11.13 1.59
C SER A 310 32.80 9.76 1.95
N ARG A 311 33.31 9.59 3.18
CA ARG A 311 33.71 8.25 3.60
C ARG A 311 32.56 7.26 3.45
N THR A 312 31.35 7.67 3.82
CA THR A 312 30.20 6.78 3.72
C THR A 312 29.89 6.45 2.26
N LEU A 313 29.78 7.49 1.41
CA LEU A 313 29.47 7.29 0.01
C LEU A 313 30.48 6.34 -0.66
N ARG A 314 31.77 6.61 -0.48
CA ARG A 314 32.78 5.73 -1.04
C ARG A 314 32.65 4.31 -0.50
N ASN A 315 32.49 4.15 0.81
CA ASN A 315 32.43 2.80 1.36
C ASN A 315 31.23 2.01 0.80
N ILE A 316 30.08 2.67 0.67
CA ILE A 316 28.93 2.03 0.04
C ILE A 316 29.24 1.65 -1.40
N GLN A 317 29.91 2.55 -2.15
CA GLN A 317 30.25 2.24 -3.53
C GLN A 317 31.11 0.99 -3.60
N ARG A 318 32.07 0.88 -2.68
CA ARG A 318 32.90 -0.32 -2.62
C ARG A 318 32.08 -1.56 -2.33
N ARG A 319 31.26 -1.50 -1.28
CA ARG A 319 30.47 -2.64 -0.85
C ARG A 319 29.56 -3.16 -1.95
N PHE A 320 28.99 -2.27 -2.73
CA PHE A 320 28.03 -2.70 -3.74
C PHE A 320 28.62 -2.67 -5.16
N MET A 321 29.94 -2.55 -5.26
CA MET A 321 30.63 -2.58 -6.54
C MET A 321 30.10 -1.51 -7.51
N ILE A 322 29.72 -0.35 -6.98
CA ILE A 322 29.24 0.69 -7.86
C ILE A 322 30.41 1.18 -8.67
N ASP A 323 30.15 1.51 -9.94
CA ASP A 323 31.14 2.10 -10.83
C ASP A 323 31.42 3.54 -10.38
N ILE A 324 32.61 3.77 -9.83
CA ILE A 324 32.84 5.09 -9.22
C ILE A 324 33.11 6.17 -10.27
N ASP A 325 33.62 5.80 -11.46
CA ASP A 325 33.87 6.79 -12.51
C ASP A 325 32.56 7.26 -13.11
N GLN A 326 31.64 6.34 -13.36
CA GLN A 326 30.30 6.75 -13.77
C GLN A 326 29.66 7.64 -12.71
N ALA A 327 29.78 7.27 -11.43
CA ALA A 327 29.21 8.09 -10.36
C ALA A 327 29.73 9.52 -10.41
N GLN A 328 31.05 9.69 -10.42
CA GLN A 328 31.64 11.03 -10.52
C GLN A 328 31.21 11.76 -11.79
N ARG A 329 31.24 11.08 -12.93
CA ARG A 329 30.77 11.65 -14.19
C ARG A 329 29.39 12.29 -14.02
N VAL A 330 28.41 11.50 -13.54
CA VAL A 330 27.04 11.96 -13.34
C VAL A 330 27.00 13.09 -12.31
N ALA A 331 27.79 12.98 -11.25
CA ALA A 331 27.80 14.03 -10.24
C ALA A 331 28.33 15.33 -10.81
N LYS A 332 29.31 15.25 -11.70
CA LYS A 332 29.84 16.46 -12.32
C LYS A 332 28.78 17.15 -13.17
N VAL A 333 28.11 16.37 -14.01
CA VAL A 333 27.04 16.96 -14.81
C VAL A 333 25.94 17.52 -13.90
N ALA A 334 25.57 16.78 -12.86
CA ALA A 334 24.54 17.29 -11.96
C ALA A 334 24.99 18.58 -11.28
N ALA A 335 26.19 18.57 -10.72
CA ALA A 335 26.66 19.73 -9.97
C ALA A 335 26.71 20.98 -10.85
N ASN A 336 26.95 20.81 -12.15
CA ASN A 336 27.06 21.98 -13.00
C ASN A 336 25.70 22.49 -13.45
N PHE A 337 24.74 21.59 -13.64
CA PHE A 337 23.34 21.97 -13.85
C PHE A 337 22.84 22.83 -12.68
N PHE A 338 23.15 22.38 -11.46
CA PHE A 338 22.74 23.10 -10.26
C PHE A 338 23.21 24.54 -10.31
N ASP A 339 24.48 24.76 -10.65
CA ASP A 339 25.04 26.11 -10.63
C ASP A 339 24.36 27.01 -11.65
N GLN A 340 24.14 26.52 -12.86
CA GLN A 340 23.49 27.37 -13.84
C GLN A 340 22.08 27.78 -13.40
N VAL A 341 21.43 26.96 -12.56
CA VAL A 341 20.06 27.24 -12.14
C VAL A 341 19.95 27.67 -10.70
N GLU A 342 21.02 27.51 -9.90
CA GLU A 342 20.95 27.84 -8.49
C GLU A 342 20.45 29.26 -8.26
N ASN A 343 20.76 30.17 -9.19
CA ASN A 343 20.27 31.54 -9.17
C ASN A 343 18.75 31.62 -9.16
N GLU A 344 18.16 31.21 -10.28
CA GLU A 344 16.73 31.41 -10.50
C GLU A 344 15.90 30.63 -9.50
N TRP A 345 16.42 29.49 -9.03
CA TRP A 345 15.70 28.61 -8.14
C TRP A 345 16.10 28.78 -6.68
N HIS A 346 17.00 29.71 -6.38
CA HIS A 346 17.34 30.08 -5.00
C HIS A 346 17.68 28.87 -4.14
N LEU A 347 18.69 28.10 -4.56
CA LEU A 347 18.99 26.82 -3.93
C LEU A 347 20.19 26.93 -3.01
N GLU A 348 20.12 26.24 -1.88
CA GLU A 348 21.15 26.34 -0.85
C GLU A 348 22.21 25.24 -0.99
N ALA A 349 23.28 25.37 -0.19
CA ALA A 349 24.39 24.43 -0.23
C ALA A 349 23.97 23.05 0.24
N ILE A 350 22.96 22.99 1.11
CA ILE A 350 22.44 21.71 1.55
C ILE A 350 21.94 20.91 0.36
N SER A 351 21.16 21.55 -0.52
CA SER A 351 20.60 20.87 -1.69
C SER A 351 21.70 20.30 -2.57
N ARG A 352 22.74 21.11 -2.83
CA ARG A 352 23.83 20.70 -3.72
C ARG A 352 24.46 19.42 -3.24
N ASP A 353 24.81 19.36 -1.94
CA ASP A 353 25.28 18.13 -1.32
C ASP A 353 24.32 16.96 -1.46
N LEU A 354 23.02 17.21 -1.28
CA LEU A 354 22.10 16.10 -1.37
C LEU A 354 22.00 15.61 -2.81
N LEU A 355 21.98 16.55 -3.77
CA LEU A 355 21.96 16.20 -5.18
C LEU A 355 23.16 15.36 -5.55
N ILE A 356 24.35 15.80 -5.17
CA ILE A 356 25.57 15.09 -5.52
C ILE A 356 25.57 13.69 -4.89
N SER A 357 25.17 13.62 -3.61
CA SER A 357 25.14 12.33 -2.91
C SER A 357 24.23 11.35 -3.63
N ALA A 358 23.02 11.78 -3.97
CA ALA A 358 22.17 10.99 -4.86
C ALA A 358 22.94 10.48 -6.06
N CYS A 359 23.69 11.38 -6.73
CA CYS A 359 24.42 11.00 -7.94
C CYS A 359 25.45 9.93 -7.67
N GLN A 360 26.08 9.96 -6.49
CA GLN A 360 27.11 8.99 -6.18
C GLN A 360 26.54 7.59 -5.98
N LEU A 361 25.29 7.51 -5.56
CA LEU A 361 24.67 6.24 -5.23
C LEU A 361 23.67 5.80 -6.30
N HIS A 362 23.40 6.66 -7.28
CA HIS A 362 22.23 6.47 -8.12
C HIS A 362 22.25 5.12 -8.81
N GLU A 363 23.40 4.56 -9.06
CA GLU A 363 23.43 3.31 -9.77
C GLU A 363 23.43 2.10 -8.87
N ILE A 364 23.25 2.28 -7.56
CA ILE A 364 23.39 1.14 -6.65
C ILE A 364 22.32 0.06 -6.86
N GLY A 365 21.18 0.41 -7.46
CA GLY A 365 20.18 -0.61 -7.72
C GLY A 365 20.65 -1.62 -8.73
N LEU A 366 21.57 -1.21 -9.62
CA LEU A 366 22.12 -2.15 -10.58
C LEU A 366 22.80 -3.32 -9.90
N SER A 367 23.28 -3.15 -8.68
CA SER A 367 23.91 -4.27 -8.01
C SER A 367 22.94 -5.40 -7.68
N VAL A 368 21.64 -5.18 -7.81
CA VAL A 368 20.64 -6.22 -7.62
C VAL A 368 20.25 -6.77 -8.97
N ASP A 369 19.75 -5.91 -9.86
CA ASP A 369 19.36 -6.31 -11.21
C ASP A 369 18.90 -5.07 -11.96
N PHE A 370 19.06 -5.11 -13.29
CA PHE A 370 18.85 -3.94 -14.14
C PHE A 370 17.38 -3.58 -14.36
N LYS A 371 16.47 -4.57 -14.38
CA LYS A 371 15.09 -4.32 -14.78
C LYS A 371 14.45 -3.21 -13.93
N GLN A 372 14.40 -3.44 -12.61
CA GLN A 372 13.75 -2.60 -11.64
C GLN A 372 14.72 -1.73 -10.82
N ALA A 373 15.88 -1.41 -11.40
CA ALA A 373 16.99 -0.86 -10.64
C ALA A 373 16.61 0.38 -9.82
N PRO A 374 15.74 1.27 -10.29
CA PRO A 374 15.31 2.37 -9.41
C PRO A 374 14.63 1.87 -8.13
N GLN A 375 13.68 0.93 -8.29
N GLN A 375 13.63 1.00 -8.25
CA GLN A 375 12.98 0.32 -7.17
CA GLN A 375 13.03 0.42 -7.06
C GLN A 375 13.94 -0.34 -6.18
C GLN A 375 14.10 -0.14 -6.13
N HIS A 376 15.02 -0.96 -6.67
CA HIS A 376 16.05 -1.56 -5.82
C HIS A 376 16.92 -0.52 -5.14
N ALA A 377 17.30 0.54 -5.88
CA ALA A 377 18.12 1.60 -5.32
C ALA A 377 17.47 2.23 -4.08
N ALA A 378 16.22 2.66 -4.22
CA ALA A 378 15.45 3.13 -3.08
C ALA A 378 15.44 2.12 -1.93
N TYR A 379 15.23 0.80 -2.22
CA TYR A 379 15.18 -0.16 -1.12
C TYR A 379 16.52 -0.20 -0.38
N LEU A 380 17.61 -0.25 -1.13
CA LEU A 380 18.93 -0.31 -0.51
C LEU A 380 19.21 0.96 0.29
N VAL A 381 19.05 2.14 -0.35
CA VAL A 381 19.31 3.39 0.36
C VAL A 381 18.39 3.54 1.57
N ARG A 382 17.11 3.18 1.44
CA ARG A 382 16.20 3.36 2.56
C ARG A 382 16.68 2.61 3.78
N ASN A 383 17.22 1.40 3.58
CA ASN A 383 17.51 0.48 4.67
C ASN A 383 18.98 0.46 5.10
N LEU A 384 19.90 1.01 4.30
CA LEU A 384 21.32 1.02 4.64
C LEU A 384 21.55 2.01 5.77
N ASP A 385 22.56 1.74 6.60
CA ASP A 385 23.02 2.76 7.52
C ASP A 385 23.97 3.67 6.76
N LEU A 386 23.76 4.97 6.89
CA LEU A 386 24.52 5.97 6.16
C LEU A 386 25.04 7.05 7.09
N PRO A 387 26.18 6.81 7.75
CA PRO A 387 26.68 7.82 8.69
C PRO A 387 27.00 9.10 7.94
N GLY A 388 26.53 10.21 8.51
CA GLY A 388 26.66 11.51 7.89
C GLY A 388 25.36 12.00 7.32
N PHE A 389 24.33 11.16 7.30
CA PHE A 389 23.04 11.49 6.72
C PHE A 389 21.97 11.27 7.78
N THR A 390 21.04 12.20 7.88
CA THR A 390 19.95 11.98 8.82
C THR A 390 18.88 11.10 8.19
N PRO A 391 17.98 10.52 9.02
CA PRO A 391 16.90 9.71 8.45
C PRO A 391 16.06 10.48 7.46
N ALA A 392 15.81 11.76 7.73
CA ALA A 392 15.07 12.54 6.74
C ALA A 392 15.86 12.68 5.46
N GLN A 393 17.18 12.90 5.55
CA GLN A 393 17.97 13.02 4.32
C GLN A 393 18.06 11.66 3.61
N LYS A 394 18.20 10.60 4.40
CA LYS A 394 18.29 9.28 3.83
C LYS A 394 17.08 8.98 2.98
N LYS A 395 15.93 9.42 3.44
CA LYS A 395 14.68 9.08 2.79
C LYS A 395 14.52 9.87 1.50
N LEU A 396 14.86 11.16 1.54
CA LEU A 396 14.99 11.96 0.33
C LEU A 396 15.87 11.26 -0.73
N LEU A 397 17.12 10.97 -0.39
CA LEU A 397 18.00 10.34 -1.36
C LEU A 397 17.32 9.16 -1.99
N ALA A 398 16.78 8.28 -1.15
CA ALA A 398 16.10 7.10 -1.66
C ALA A 398 15.04 7.46 -2.68
N THR A 399 14.28 8.52 -2.45
CA THR A 399 13.17 8.81 -3.34
C THR A 399 13.62 9.55 -4.60
N LEU A 400 14.72 10.31 -4.54
CA LEU A 400 15.28 10.81 -5.78
C LEU A 400 15.72 9.63 -6.65
N LEU A 401 16.25 8.59 -6.03
CA LEU A 401 16.71 7.45 -6.80
C LEU A 401 15.54 6.69 -7.37
N LEU A 402 14.47 6.52 -6.57
CA LEU A 402 13.29 5.85 -7.09
C LEU A 402 12.78 6.55 -8.35
N ASN A 403 12.97 7.87 -8.44
CA ASN A 403 12.44 8.62 -9.58
C ASN A 403 13.52 8.98 -10.60
N GLN A 404 14.68 8.33 -10.56
CA GLN A 404 15.77 8.73 -11.45
C GLN A 404 15.46 8.54 -12.95
N THR A 405 14.46 7.74 -13.26
CA THR A 405 14.04 7.51 -14.66
C THR A 405 12.59 7.04 -14.67
N ASN A 406 12.02 6.89 -15.86
CA ASN A 406 10.61 6.48 -16.13
C ASN A 406 9.63 7.59 -15.78
N PRO A 407 8.31 7.34 -15.86
CA PRO A 407 7.35 8.38 -15.55
C PRO A 407 7.55 8.88 -14.11
N VAL A 408 7.59 10.19 -13.94
CA VAL A 408 7.69 10.75 -12.60
C VAL A 408 6.51 10.30 -11.75
N ASP A 409 6.80 9.95 -10.51
CA ASP A 409 5.82 9.59 -9.51
C ASP A 409 5.92 10.65 -8.41
N LEU A 410 5.08 11.68 -8.48
CA LEU A 410 5.18 12.74 -7.46
C LEU A 410 4.79 12.19 -6.10
N SER A 411 3.81 11.30 -6.07
CA SER A 411 3.36 10.71 -4.83
C SER A 411 4.53 10.10 -4.08
N SER A 412 5.38 9.34 -4.77
CA SER A 412 6.49 8.80 -4.00
C SER A 412 7.56 9.85 -3.78
N LEU A 413 7.74 10.78 -4.73
CA LEU A 413 8.76 11.81 -4.54
C LEU A 413 8.55 12.58 -3.23
N HIS A 414 7.29 12.84 -2.88
CA HIS A 414 6.96 13.77 -1.82
C HIS A 414 6.77 13.14 -0.45
N GLN A 415 7.15 11.88 -0.24
CA GLN A 415 7.15 11.33 1.10
C GLN A 415 8.56 11.54 1.57
N GLN A 416 8.82 12.76 1.95
CA GLN A 416 10.17 13.24 2.12
C GLN A 416 10.02 14.49 2.95
N ASN A 417 10.92 14.66 3.90
CA ASN A 417 10.86 15.74 4.87
C ASN A 417 12.04 16.66 4.83
N ALA A 418 13.07 16.33 4.04
CA ALA A 418 14.41 16.87 4.21
C ALA A 418 14.59 18.21 3.51
N VAL A 419 14.09 18.34 2.29
CA VAL A 419 14.12 19.63 1.60
C VAL A 419 12.68 20.13 1.51
N PRO A 420 12.44 21.39 1.09
CA PRO A 420 11.06 21.79 0.85
C PRO A 420 10.51 21.09 -0.36
N PRO A 421 9.19 20.88 -0.44
CA PRO A 421 8.66 20.10 -1.58
C PRO A 421 9.11 20.57 -2.97
N ARG A 422 9.08 21.87 -3.28
CA ARG A 422 9.50 22.33 -4.61
C ARG A 422 10.97 21.97 -4.88
N VAL A 423 11.81 22.09 -3.87
CA VAL A 423 13.23 21.76 -4.03
C VAL A 423 13.45 20.27 -4.26
N ALA A 424 12.62 19.41 -3.66
CA ALA A 424 12.71 17.98 -3.98
C ALA A 424 12.48 17.72 -5.46
N GLU A 425 11.52 18.40 -6.07
CA GLU A 425 11.26 18.26 -7.50
C GLU A 425 12.44 18.74 -8.34
N GLN A 426 12.85 20.00 -8.12
CA GLN A 426 13.96 20.60 -8.83
C GLN A 426 15.17 19.68 -8.83
N LEU A 427 15.55 19.17 -7.66
CA LEU A 427 16.72 18.31 -7.54
C LEU A 427 16.51 17.04 -8.31
N CYS A 428 15.31 16.50 -8.22
CA CYS A 428 14.97 15.34 -9.00
C CYS A 428 15.19 15.62 -10.49
N ARG A 429 14.66 16.73 -11.00
CA ARG A 429 14.85 17.06 -12.42
C ARG A 429 16.33 17.13 -12.77
N LEU A 430 17.17 17.71 -11.92
CA LEU A 430 18.57 17.76 -12.27
C LEU A 430 19.17 16.38 -12.29
N LEU A 431 18.69 15.49 -11.40
CA LEU A 431 19.29 14.17 -11.32
C LEU A 431 18.96 13.38 -12.57
N ARG A 432 17.72 13.53 -13.06
CA ARG A 432 17.28 12.83 -14.27
C ARG A 432 18.10 13.27 -15.49
N LEU A 433 18.17 14.58 -15.75
CA LEU A 433 19.01 15.08 -16.84
C LEU A 433 20.46 14.66 -16.68
N ALA A 434 21.06 14.91 -15.51
CA ALA A 434 22.48 14.61 -15.32
C ALA A 434 22.80 13.18 -15.72
N ILE A 435 21.94 12.24 -15.29
CA ILE A 435 22.06 10.82 -15.65
C ILE A 435 22.00 10.63 -17.16
N ILE A 436 21.06 11.34 -17.82
CA ILE A 436 20.85 11.17 -19.25
C ILE A 436 22.11 11.53 -20.04
N PHE A 437 22.81 12.58 -19.63
CA PHE A 437 23.93 13.03 -20.43
C PHE A 437 25.25 12.38 -20.03
N ALA A 438 25.23 11.48 -19.06
CA ALA A 438 26.38 10.64 -18.80
C ALA A 438 26.15 9.26 -19.36
N SER A 439 25.08 9.07 -20.13
CA SER A 439 24.58 7.74 -20.44
C SER A 439 25.59 6.89 -21.20
N ARG A 440 26.59 7.48 -21.84
CA ARG A 440 27.51 6.70 -22.64
C ARG A 440 28.82 6.34 -21.91
N ARG A 441 29.04 6.90 -20.70
CA ARG A 441 30.06 6.41 -19.75
C ARG A 441 31.48 6.77 -20.18
N ARG A 442 31.64 7.96 -20.74
CA ARG A 442 32.93 8.47 -21.15
C ARG A 442 32.92 9.98 -20.93
N ASP A 443 33.96 10.48 -20.25
CA ASP A 443 33.97 11.90 -19.91
C ASP A 443 34.03 12.78 -21.15
N ASP A 444 34.60 12.27 -22.23
CA ASP A 444 34.76 13.04 -23.46
C ASP A 444 33.46 13.15 -24.22
N LEU A 445 32.55 12.21 -24.01
CA LEU A 445 31.29 12.11 -24.74
C LEU A 445 30.19 12.99 -24.15
N VAL A 446 30.43 13.71 -23.06
CA VAL A 446 29.41 14.54 -22.43
C VAL A 446 29.42 15.90 -23.11
N PRO A 447 28.31 16.32 -23.73
CA PRO A 447 28.30 17.57 -24.49
C PRO A 447 28.53 18.80 -23.61
N GLU A 448 28.92 19.90 -24.28
CA GLU A 448 28.86 21.22 -23.69
C GLU A 448 27.41 21.65 -23.63
N MET A 449 26.95 22.06 -22.45
CA MET A 449 25.55 22.43 -22.31
C MET A 449 25.40 23.68 -21.47
N THR A 450 24.31 24.37 -21.72
CA THR A 450 23.86 25.45 -20.87
C THR A 450 22.41 25.18 -20.51
N LEU A 451 22.10 25.37 -19.24
CA LEU A 451 20.76 25.20 -18.72
C LEU A 451 20.36 26.50 -18.04
N GLN A 452 19.33 27.16 -18.56
CA GLN A 452 18.75 28.29 -17.87
C GLN A 452 17.39 27.90 -17.33
N ALA A 453 17.12 28.35 -16.11
CA ALA A 453 15.81 28.09 -15.49
C ALA A 453 15.00 29.38 -15.52
N ASN A 454 13.78 29.31 -16.02
CA ASN A 454 12.85 30.47 -16.02
C ASN A 454 11.62 29.98 -15.27
N HIS A 455 11.59 30.22 -13.97
CA HIS A 455 10.50 29.74 -13.08
C HIS A 455 10.48 28.22 -13.19
N GLU A 456 9.38 27.63 -13.62
CA GLU A 456 9.29 26.15 -13.65
C GLU A 456 9.91 25.59 -14.93
N LEU A 457 10.29 26.45 -15.87
CA LEU A 457 10.79 25.92 -17.16
C LEU A 457 12.31 25.83 -17.22
N LEU A 458 12.82 24.67 -17.63
CA LEU A 458 14.23 24.51 -17.91
C LEU A 458 14.40 24.64 -19.42
N THR A 459 15.36 25.48 -19.83
CA THR A 459 15.82 25.50 -21.21
C THR A 459 17.25 24.96 -21.21
N LEU A 460 17.48 23.96 -22.04
CA LEU A 460 18.77 23.32 -22.22
C LEU A 460 19.16 23.47 -23.68
N THR A 461 20.31 24.08 -23.92
CA THR A 461 20.83 24.23 -25.28
C THR A 461 22.04 23.34 -25.40
N LEU A 462 21.99 22.46 -26.43
CA LEU A 462 22.96 21.47 -26.86
C LEU A 462 23.87 22.04 -27.96
N PRO A 463 25.06 21.46 -28.12
CA PRO A 463 25.93 21.86 -29.24
C PRO A 463 25.21 21.68 -30.57
N GLN A 464 25.58 22.51 -31.55
CA GLN A 464 24.86 22.63 -32.80
C GLN A 464 24.66 21.28 -33.46
N GLY A 465 23.40 20.97 -33.77
CA GLY A 465 23.10 19.70 -34.41
C GLY A 465 23.53 18.48 -33.65
N TRP A 466 23.80 18.59 -32.34
CA TRP A 466 24.08 17.41 -31.53
C TRP A 466 22.90 16.44 -31.56
N LEU A 467 21.69 16.99 -31.47
CA LEU A 467 20.49 16.17 -31.60
C LEU A 467 20.47 15.40 -32.93
N THR A 468 20.80 16.06 -34.04
CA THR A 468 20.71 15.39 -35.34
C THR A 468 21.75 14.28 -35.45
N GLN A 469 22.90 14.46 -34.78
CA GLN A 469 23.98 13.49 -34.84
C GLN A 469 23.75 12.25 -33.97
N HIS A 470 22.96 12.34 -32.91
CA HIS A 470 22.77 11.24 -31.97
C HIS A 470 21.31 10.81 -31.94
N PRO A 471 20.89 9.90 -32.82
CA PRO A 471 19.46 9.56 -32.86
C PRO A 471 18.99 8.84 -31.60
N LEU A 472 19.92 8.30 -30.77
CA LEU A 472 19.56 7.72 -29.48
C LEU A 472 19.40 8.78 -28.41
N GLY A 473 20.48 9.53 -28.12
CA GLY A 473 20.36 10.68 -27.24
C GLY A 473 19.14 11.53 -27.53
N LYS A 474 18.88 11.80 -28.80
CA LYS A 474 17.68 12.52 -29.17
C LYS A 474 16.45 11.76 -28.71
N GLU A 475 16.38 10.46 -29.00
CA GLU A 475 15.19 9.67 -28.66
C GLU A 475 14.90 9.71 -27.17
N ILE A 476 15.92 9.47 -26.35
CA ILE A 476 15.77 9.46 -24.90
C ILE A 476 15.37 10.84 -24.39
N ILE A 477 16.11 11.88 -24.81
CA ILE A 477 15.79 13.24 -24.40
C ILE A 477 14.34 13.54 -24.70
N ALA A 478 13.87 13.13 -25.86
CA ALA A 478 12.48 13.42 -26.21
C ALA A 478 11.54 12.77 -25.21
N GLN A 479 11.84 11.51 -24.85
CA GLN A 479 11.05 10.79 -23.84
C GLN A 479 11.09 11.51 -22.49
N GLU A 480 12.28 11.97 -22.07
CA GLU A 480 12.40 12.65 -20.80
C GLU A 480 11.64 13.97 -20.77
N SER A 481 11.51 14.65 -21.91
CA SER A 481 10.72 15.88 -21.94
C SER A 481 9.23 15.58 -21.84
N GLN A 482 8.84 14.42 -22.37
CA GLN A 482 7.46 13.98 -22.24
C GLN A 482 7.14 13.63 -20.80
N TRP A 483 7.98 12.77 -20.21
CA TRP A 483 7.84 12.39 -18.81
C TRP A 483 7.71 13.63 -17.96
N GLN A 484 8.62 14.62 -18.14
CA GLN A 484 8.54 15.83 -17.34
C GLN A 484 7.25 16.59 -17.59
N SER A 485 6.70 16.47 -18.80
CA SER A 485 5.52 17.25 -19.17
C SER A 485 4.25 16.68 -18.56
N TYR A 486 4.21 15.37 -18.30
CA TYR A 486 3.06 14.73 -17.65
C TYR A 486 2.88 15.20 -16.21
N VAL A 487 3.97 15.66 -15.61
CA VAL A 487 4.01 16.25 -14.28
C VAL A 487 4.01 17.79 -14.34
N HIS A 488 3.96 18.34 -15.56
CA HIS A 488 3.93 19.78 -15.82
C HIS A 488 5.27 20.42 -15.48
N TRP A 489 6.35 19.72 -15.80
CA TRP A 489 7.67 20.31 -15.77
C TRP A 489 8.06 20.67 -17.19
N PRO A 490 8.02 21.94 -17.57
CA PRO A 490 8.37 22.30 -18.95
C PRO A 490 9.88 22.24 -19.15
N LEU A 491 10.28 21.54 -20.21
CA LEU A 491 11.68 21.32 -20.53
C LEU A 491 11.86 21.54 -22.03
N GLU A 492 12.76 22.48 -22.39
CA GLU A 492 13.10 22.82 -23.78
C GLU A 492 14.52 22.42 -24.07
N VAL A 493 14.72 21.64 -25.12
CA VAL A 493 16.05 21.22 -25.52
C VAL A 493 16.15 21.25 -27.04
N HIS A 494 17.20 21.87 -27.55
CA HIS A 494 17.49 21.91 -28.97
C HIS A 494 18.99 21.80 -29.15
N SER B 6 35.48 -6.25 -19.34
CA SER B 6 34.79 -4.99 -19.65
C SER B 6 33.32 -5.33 -20.03
N LEU B 7 32.69 -4.43 -20.81
CA LEU B 7 31.35 -4.68 -21.32
C LEU B 7 31.39 -5.53 -22.59
N TYR B 8 30.39 -6.38 -22.77
CA TYR B 8 30.25 -7.19 -23.97
C TYR B 8 28.87 -6.96 -24.57
N ALA B 9 28.79 -7.07 -25.89
CA ALA B 9 27.54 -6.90 -26.61
C ALA B 9 27.26 -8.11 -27.49
N ALA B 10 25.97 -8.31 -27.82
CA ALA B 10 25.55 -9.35 -28.78
C ALA B 10 24.31 -8.89 -29.53
N ILE B 11 24.38 -8.95 -30.87
CA ILE B 11 23.36 -8.42 -31.76
C ILE B 11 22.85 -9.54 -32.65
N ASP B 12 21.53 -9.64 -32.77
CA ASP B 12 20.86 -10.70 -33.51
C ASP B 12 19.95 -10.08 -34.55
N LEU B 13 20.32 -10.23 -35.82
CA LEU B 13 19.55 -9.63 -36.91
C LEU B 13 18.52 -10.65 -37.38
N GLY B 14 17.26 -10.48 -36.98
CA GLY B 14 16.20 -11.37 -37.35
C GLY B 14 15.35 -10.82 -38.49
N SER B 15 14.49 -11.68 -39.01
CA SER B 15 13.58 -11.22 -40.06
C SER B 15 12.59 -10.20 -39.50
N ASN B 16 12.22 -10.37 -38.24
CA ASN B 16 11.25 -9.51 -37.55
C ASN B 16 11.95 -8.36 -36.83
N SER B 17 12.87 -8.68 -35.92
CA SER B 17 13.48 -7.68 -35.06
C SER B 17 14.99 -7.88 -34.95
N PHE B 18 15.65 -6.79 -34.55
CA PHE B 18 17.06 -6.79 -34.18
C PHE B 18 17.15 -6.76 -32.66
N HIS B 19 18.06 -7.55 -32.12
CA HIS B 19 18.09 -7.81 -30.69
C HIS B 19 19.49 -7.53 -30.18
N MET B 20 19.58 -6.68 -29.18
CA MET B 20 20.84 -6.41 -28.51
C MET B 20 20.78 -6.96 -27.09
N LEU B 21 21.94 -7.36 -26.60
CA LEU B 21 22.14 -7.78 -25.22
C LEU B 21 23.47 -7.20 -24.78
N VAL B 22 23.45 -6.36 -23.75
CA VAL B 22 24.68 -5.79 -23.23
C VAL B 22 24.84 -6.18 -21.77
N VAL B 23 26.09 -6.42 -21.39
CA VAL B 23 26.43 -7.20 -20.21
C VAL B 23 27.74 -6.65 -19.64
N ARG B 24 27.85 -6.66 -18.31
CA ARG B 24 29.07 -6.28 -17.61
C ARG B 24 29.64 -7.53 -16.95
N GLU B 25 30.94 -7.71 -17.11
CA GLU B 25 31.67 -8.76 -16.41
C GLU B 25 32.28 -8.14 -15.17
N SER B 29 32.14 -13.55 -13.58
CA SER B 29 30.75 -13.80 -13.97
C SER B 29 30.08 -12.47 -14.35
N ILE B 30 28.94 -12.57 -15.06
CA ILE B 30 28.40 -11.43 -15.81
C ILE B 30 26.98 -11.10 -15.41
N GLN B 31 26.57 -9.87 -15.71
CA GLN B 31 25.23 -9.38 -15.37
C GLN B 31 24.69 -8.45 -16.45
N THR B 32 23.40 -8.57 -16.73
CA THR B 32 22.77 -7.78 -17.78
C THR B 32 22.67 -6.31 -17.40
N LEU B 33 22.95 -5.44 -18.36
CA LEU B 33 22.74 -4.02 -18.18
C LEU B 33 21.56 -3.52 -19.02
N THR B 34 21.56 -3.78 -20.33
CA THR B 34 20.42 -3.43 -21.15
C THR B 34 20.02 -4.63 -22.01
N ARG B 35 18.73 -4.70 -22.33
CA ARG B 35 18.16 -5.80 -23.11
C ARG B 35 17.14 -5.20 -24.04
N ILE B 36 17.49 -5.09 -25.33
CA ILE B 36 16.81 -4.22 -26.27
C ILE B 36 16.25 -5.05 -27.41
N LYS B 37 15.09 -4.64 -27.89
CA LYS B 37 14.46 -5.23 -29.06
C LYS B 37 13.85 -4.08 -29.85
N ARG B 38 14.25 -3.98 -31.11
CA ARG B 38 13.72 -2.93 -32.02
C ARG B 38 13.00 -3.65 -33.16
N LYS B 39 11.98 -3.01 -33.71
CA LYS B 39 11.10 -3.62 -34.70
C LYS B 39 11.50 -3.14 -36.11
N VAL B 40 11.85 -4.08 -36.99
CA VAL B 40 12.52 -3.76 -38.26
C VAL B 40 11.67 -4.13 -39.48
N ARG B 41 11.10 -5.34 -39.50
CA ARG B 41 10.29 -5.85 -40.63
C ARG B 41 11.15 -6.10 -41.88
N LEU B 42 12.29 -6.78 -41.69
CA LEU B 42 13.08 -7.18 -42.84
C LEU B 42 12.43 -8.30 -43.65
N ALA B 43 11.38 -8.95 -43.14
CA ALA B 43 10.66 -9.95 -43.90
C ALA B 43 9.74 -9.34 -44.96
N ALA B 44 9.40 -8.05 -44.83
CA ALA B 44 8.53 -7.35 -45.77
C ALA B 44 9.30 -6.61 -46.85
N GLY B 45 10.62 -6.78 -46.93
CA GLY B 45 11.39 -6.26 -48.05
C GLY B 45 11.75 -7.36 -49.04
N LEU B 46 11.37 -8.59 -48.70
CA LEU B 46 11.69 -9.76 -49.50
C LEU B 46 10.52 -10.04 -50.45
N ASN B 47 10.75 -9.81 -51.75
CA ASN B 47 9.72 -9.91 -52.78
C ASN B 47 9.68 -11.34 -53.34
N SER B 48 8.99 -11.49 -54.48
CA SER B 48 8.72 -12.82 -55.04
C SER B 48 9.97 -13.49 -55.58
N GLU B 49 10.95 -12.72 -56.09
CA GLU B 49 12.22 -13.24 -56.57
C GLU B 49 13.31 -13.26 -55.48
N ASN B 50 12.96 -12.88 -54.24
CA ASN B 50 13.76 -13.14 -53.04
C ASN B 50 15.06 -12.34 -53.01
N ALA B 51 14.94 -11.06 -53.31
CA ALA B 51 15.96 -10.08 -52.98
C ALA B 51 15.34 -9.07 -52.04
N LEU B 52 16.21 -8.41 -51.27
CA LEU B 52 15.79 -7.50 -50.22
C LEU B 52 15.58 -6.10 -50.77
N SER B 53 14.46 -5.49 -50.40
CA SER B 53 14.07 -4.17 -50.89
C SER B 53 14.82 -3.06 -50.15
N ASN B 54 14.91 -1.90 -50.80
CA ASN B 54 15.62 -0.75 -50.28
C ASN B 54 14.75 0.13 -49.37
N GLU B 55 13.53 -0.29 -49.07
CA GLU B 55 12.73 0.37 -48.02
C GLU B 55 13.17 -0.13 -46.64
N ALA B 56 13.09 -1.46 -46.44
CA ALA B 56 13.53 -2.05 -45.18
C ALA B 56 15.04 -1.97 -45.04
N MET B 57 15.76 -1.96 -46.16
CA MET B 57 17.21 -1.79 -46.12
C MET B 57 17.60 -0.58 -45.27
N GLU B 58 16.90 0.54 -45.46
CA GLU B 58 17.17 1.74 -44.65
C GLU B 58 16.68 1.55 -43.21
N ARG B 59 15.58 0.82 -43.02
CA ARG B 59 14.99 0.62 -41.71
C ARG B 59 15.94 -0.09 -40.74
N GLY B 60 16.43 -1.25 -41.12
CA GLY B 60 17.41 -1.94 -40.29
C GLY B 60 18.66 -1.12 -40.10
N TRP B 61 19.05 -0.33 -41.11
CA TRP B 61 20.18 0.57 -40.97
C TRP B 61 19.88 1.68 -39.97
N GLN B 62 18.68 2.29 -40.07
CA GLN B 62 18.27 3.28 -39.09
C GLN B 62 18.24 2.67 -37.69
N CYS B 63 17.83 1.40 -37.60
CA CYS B 63 17.91 0.71 -36.32
C CYS B 63 19.35 0.47 -35.90
N LEU B 64 20.22 0.14 -36.84
CA LEU B 64 21.60 -0.14 -36.48
C LEU B 64 22.34 1.13 -36.05
N ARG B 65 21.95 2.31 -36.53
CA ARG B 65 22.65 3.50 -36.06
C ARG B 65 22.30 3.83 -34.60
N LEU B 66 21.11 3.44 -34.16
CA LEU B 66 20.78 3.52 -32.75
C LEU B 66 21.59 2.52 -31.94
N PHE B 67 21.61 1.24 -32.35
CA PHE B 67 22.48 0.28 -31.66
C PHE B 67 23.94 0.73 -31.68
N ALA B 68 24.32 1.50 -32.70
CA ALA B 68 25.71 1.92 -32.84
C ALA B 68 26.08 2.95 -31.79
N GLU B 69 25.22 3.97 -31.61
CA GLU B 69 25.46 4.97 -30.59
C GLU B 69 25.54 4.35 -29.21
N ARG B 70 24.87 3.21 -29.01
CA ARG B 70 24.97 2.54 -27.72
C ARG B 70 26.29 1.80 -27.57
N LEU B 71 26.83 1.27 -28.65
CA LEU B 71 27.92 0.30 -28.52
C LEU B 71 29.29 0.92 -28.70
N GLN B 72 29.40 2.24 -28.77
CA GLN B 72 30.72 2.83 -28.68
C GLN B 72 31.31 2.57 -27.30
N ASP B 73 32.65 2.61 -27.22
CA ASP B 73 33.43 2.30 -26.02
C ASP B 73 33.49 0.79 -25.76
N ILE B 74 32.78 -0.01 -26.54
CA ILE B 74 32.95 -1.46 -26.49
C ILE B 74 33.83 -1.87 -27.67
N PRO B 75 35.06 -2.34 -27.45
CA PRO B 75 35.90 -2.83 -28.53
C PRO B 75 35.21 -3.94 -29.28
N PRO B 76 35.35 -3.99 -30.60
CA PRO B 76 34.71 -5.05 -31.38
C PRO B 76 35.15 -6.46 -30.99
N SER B 77 36.32 -6.62 -30.37
CA SER B 77 36.68 -7.95 -29.91
C SER B 77 35.63 -8.48 -28.95
N GLN B 78 35.08 -7.61 -28.10
CA GLN B 78 34.01 -7.94 -27.16
C GLN B 78 32.61 -7.69 -27.73
N ILE B 79 32.46 -7.53 -29.04
CA ILE B 79 31.15 -7.55 -29.69
C ILE B 79 31.08 -8.77 -30.59
N ARG B 80 29.86 -9.31 -30.74
CA ARG B 80 29.60 -10.37 -31.69
C ARG B 80 28.25 -10.11 -32.34
N VAL B 81 28.23 -10.06 -33.67
CA VAL B 81 27.00 -9.82 -34.41
C VAL B 81 26.73 -11.02 -35.31
N VAL B 82 25.45 -11.33 -35.49
CA VAL B 82 25.00 -12.43 -36.35
C VAL B 82 23.73 -12.01 -37.05
N ALA B 83 23.52 -12.56 -38.25
CA ALA B 83 22.27 -12.30 -39.00
C ALA B 83 21.63 -13.65 -39.30
N THR B 84 20.30 -13.72 -39.22
CA THR B 84 19.64 -15.03 -39.45
C THR B 84 18.35 -14.81 -40.22
N ALA B 85 17.58 -15.88 -40.42
CA ALA B 85 16.25 -15.81 -41.08
C ALA B 85 16.33 -15.15 -42.46
N THR B 86 15.66 -14.01 -42.59
CA THR B 86 15.55 -13.26 -43.88
C THR B 86 16.91 -13.01 -44.51
N LEU B 87 17.92 -12.63 -43.73
CA LEU B 87 19.25 -12.30 -44.31
C LEU B 87 19.85 -13.45 -45.12
N ARG B 88 19.66 -14.72 -44.74
CA ARG B 88 20.25 -15.78 -45.59
C ARG B 88 19.63 -15.73 -46.99
N LEU B 89 18.31 -15.86 -47.07
CA LEU B 89 17.50 -15.92 -48.32
C LEU B 89 17.87 -14.81 -49.31
N ALA B 90 17.36 -13.61 -49.07
CA ALA B 90 17.65 -12.49 -49.97
C ALA B 90 19.02 -12.63 -50.63
N VAL B 91 19.01 -12.60 -51.97
CA VAL B 91 20.26 -12.50 -52.73
C VAL B 91 20.84 -11.11 -52.57
N ASN B 92 19.99 -10.11 -52.38
CA ASN B 92 20.39 -8.75 -52.08
C ASN B 92 21.10 -8.64 -50.72
N ALA B 93 20.83 -9.58 -49.82
CA ALA B 93 21.22 -9.44 -48.41
C ALA B 93 22.66 -8.97 -48.25
N GLY B 94 23.58 -9.44 -49.09
CA GLY B 94 24.95 -8.99 -49.00
C GLY B 94 25.09 -7.48 -49.04
N ASP B 95 24.26 -6.82 -49.85
CA ASP B 95 24.29 -5.36 -49.94
C ASP B 95 24.00 -4.74 -48.58
N PHE B 96 22.90 -5.17 -47.95
CA PHE B 96 22.57 -4.74 -46.59
C PHE B 96 23.70 -5.01 -45.63
N ILE B 97 24.10 -6.28 -45.52
CA ILE B 97 25.16 -6.68 -44.59
C ILE B 97 26.41 -5.82 -44.74
N ALA B 98 26.61 -5.25 -45.92
CA ALA B 98 27.83 -4.50 -46.18
C ALA B 98 27.79 -3.12 -45.53
N LYS B 99 26.67 -2.40 -45.69
CA LYS B 99 26.54 -1.07 -45.10
C LYS B 99 26.22 -1.15 -43.61
N ALA B 100 25.44 -2.16 -43.21
CA ALA B 100 25.32 -2.50 -41.80
C ALA B 100 26.71 -2.63 -41.15
N GLN B 101 27.62 -3.33 -41.84
CA GLN B 101 28.96 -3.50 -41.32
C GLN B 101 29.71 -2.19 -41.23
N GLU B 102 29.39 -1.23 -42.09
CA GLU B 102 30.04 0.07 -42.00
C GLU B 102 29.46 0.88 -40.85
N ILE B 103 28.15 0.76 -40.63
CA ILE B 103 27.48 1.46 -39.53
C ILE B 103 28.08 1.03 -38.18
N LEU B 104 28.21 -0.27 -37.97
CA LEU B 104 28.86 -0.76 -36.75
C LEU B 104 30.36 -0.91 -36.98
N GLY B 105 31.13 -0.67 -35.95
CA GLY B 105 32.58 -0.72 -36.12
C GLY B 105 33.17 -2.10 -36.21
N CYS B 106 32.39 -3.07 -36.67
CA CYS B 106 32.72 -4.46 -36.42
C CYS B 106 32.03 -5.35 -37.43
N PRO B 107 32.43 -6.61 -37.55
CA PRO B 107 31.86 -7.48 -38.58
C PRO B 107 30.52 -8.05 -38.19
N VAL B 108 29.68 -8.23 -39.22
CA VAL B 108 28.46 -9.01 -39.14
C VAL B 108 28.70 -10.28 -39.94
N GLN B 109 28.39 -11.44 -39.33
CA GLN B 109 28.42 -12.72 -40.02
C GLN B 109 27.00 -13.25 -40.14
N VAL B 110 26.71 -13.88 -41.29
CA VAL B 110 25.47 -14.62 -41.49
C VAL B 110 25.69 -16.03 -40.99
N ILE B 111 24.84 -16.48 -40.07
CA ILE B 111 24.90 -17.83 -39.51
C ILE B 111 23.69 -18.62 -40.00
N SER B 112 23.87 -19.94 -40.12
CA SER B 112 22.81 -20.85 -40.53
C SER B 112 21.85 -21.10 -39.38
N GLY B 113 20.79 -21.89 -39.64
CA GLY B 113 19.88 -22.27 -38.58
C GLY B 113 20.44 -23.32 -37.65
N GLU B 114 21.37 -24.13 -38.14
CA GLU B 114 21.98 -25.17 -37.30
C GLU B 114 23.08 -24.59 -36.42
N GLU B 115 23.81 -23.59 -36.92
CA GLU B 115 24.70 -22.84 -36.06
C GLU B 115 23.91 -21.97 -35.08
N GLU B 116 22.81 -21.38 -35.57
CA GLU B 116 21.86 -20.73 -34.68
C GLU B 116 21.45 -21.65 -33.54
N ALA B 117 21.20 -22.94 -33.83
CA ALA B 117 20.80 -23.87 -32.79
C ALA B 117 21.97 -24.27 -31.89
N ARG B 118 23.19 -24.21 -32.39
CA ARG B 118 24.30 -24.53 -31.49
C ARG B 118 24.53 -23.39 -30.51
N LEU B 119 24.56 -22.15 -31.00
CA LEU B 119 24.68 -21.01 -30.10
C LEU B 119 23.54 -20.96 -29.09
N ILE B 120 22.35 -21.43 -29.51
CA ILE B 120 21.23 -21.50 -28.59
C ILE B 120 21.51 -22.51 -27.48
N TYR B 121 21.90 -23.73 -27.85
CA TYR B 121 22.22 -24.72 -26.83
C TYR B 121 23.34 -24.23 -25.93
N GLN B 122 24.36 -23.59 -26.51
CA GLN B 122 25.44 -23.04 -25.70
C GLN B 122 24.91 -22.05 -24.66
N GLY B 123 23.90 -21.25 -25.05
CA GLY B 123 23.28 -20.31 -24.11
C GLY B 123 22.66 -20.99 -22.89
N VAL B 124 21.82 -21.99 -23.11
CA VAL B 124 21.25 -22.66 -21.94
C VAL B 124 22.34 -23.41 -21.16
N ALA B 125 23.37 -23.93 -21.84
CA ALA B 125 24.35 -24.78 -21.18
C ALA B 125 25.15 -24.04 -20.13
N HIS B 126 25.40 -22.74 -20.34
CA HIS B 126 26.20 -21.97 -19.40
C HIS B 126 25.34 -21.36 -18.30
N THR B 127 24.06 -21.10 -18.59
CA THR B 127 23.14 -20.43 -17.67
C THR B 127 22.24 -21.38 -16.88
N THR B 128 21.77 -22.47 -17.50
CA THR B 128 20.72 -23.32 -16.92
C THR B 128 21.25 -24.38 -15.96
N GLY B 129 20.56 -24.53 -14.82
CA GLY B 129 20.83 -25.60 -13.90
C GLY B 129 20.09 -26.88 -14.28
N GLY B 130 20.27 -27.90 -13.45
CA GLY B 130 19.70 -29.20 -13.71
C GLY B 130 20.63 -30.03 -14.54
N ALA B 131 20.27 -31.31 -14.68
CA ALA B 131 21.09 -32.31 -15.34
C ALA B 131 21.71 -31.78 -16.62
N ASP B 132 23.00 -31.99 -16.74
CA ASP B 132 23.76 -31.58 -17.91
C ASP B 132 23.38 -32.36 -19.15
N GLN B 133 22.42 -33.28 -19.05
CA GLN B 133 21.98 -34.11 -20.16
C GLN B 133 20.53 -33.71 -20.44
N ARG B 134 20.31 -32.99 -21.54
CA ARG B 134 19.09 -32.23 -21.67
C ARG B 134 18.59 -32.21 -23.11
N LEU B 135 17.33 -31.81 -23.24
CA LEU B 135 16.65 -31.55 -24.50
C LEU B 135 16.25 -30.08 -24.47
N VAL B 136 16.60 -29.33 -25.51
CA VAL B 136 16.31 -27.90 -25.60
C VAL B 136 15.33 -27.67 -26.74
N VAL B 137 14.19 -27.04 -26.42
CA VAL B 137 13.20 -26.66 -27.42
C VAL B 137 13.14 -25.13 -27.47
N ASP B 138 13.22 -24.59 -28.69
CA ASP B 138 13.09 -23.16 -28.95
C ASP B 138 12.25 -22.98 -30.21
N ILE B 139 11.08 -22.37 -30.06
CA ILE B 139 10.13 -22.15 -31.14
C ILE B 139 10.24 -20.68 -31.54
N GLY B 140 10.94 -20.38 -32.62
CA GLY B 140 10.84 -19.07 -33.22
C GLY B 140 9.45 -18.86 -33.79
N GLY B 141 9.24 -17.68 -34.36
CA GLY B 141 8.01 -17.45 -35.10
C GLY B 141 7.98 -18.16 -36.43
N ALA B 142 9.15 -18.53 -36.98
CA ALA B 142 9.25 -19.26 -38.24
C ALA B 142 9.97 -20.60 -38.10
N SER B 143 11.17 -20.58 -37.50
CA SER B 143 12.02 -21.74 -37.35
C SER B 143 11.88 -22.31 -35.94
N THR B 144 11.87 -23.64 -35.83
CA THR B 144 11.82 -24.32 -34.53
C THR B 144 13.07 -25.15 -34.34
N GLU B 145 13.82 -24.85 -33.28
CA GLU B 145 15.09 -25.57 -33.03
C GLU B 145 14.90 -26.56 -31.88
N LEU B 146 15.45 -27.76 -32.03
CA LEU B 146 15.39 -28.82 -30.99
C LEU B 146 16.81 -29.38 -30.90
N VAL B 147 17.38 -29.50 -29.70
CA VAL B 147 18.79 -29.95 -29.66
C VAL B 147 19.07 -30.82 -28.44
N THR B 148 19.42 -32.08 -28.65
CA THR B 148 19.92 -32.90 -27.57
C THR B 148 21.34 -32.48 -27.26
N GLY B 149 21.73 -32.65 -26.01
CA GLY B 149 23.12 -32.47 -25.65
C GLY B 149 23.40 -32.97 -24.26
N THR B 150 24.68 -33.10 -23.95
CA THR B 150 25.14 -33.42 -22.62
C THR B 150 26.23 -32.41 -22.26
N GLY B 151 25.90 -31.50 -21.34
CA GLY B 151 26.84 -30.57 -20.71
C GLY B 151 27.77 -29.80 -21.62
N ALA B 152 27.21 -28.94 -22.47
CA ALA B 152 27.93 -28.05 -23.38
C ALA B 152 28.55 -28.76 -24.60
N GLN B 153 28.54 -30.09 -24.70
CA GLN B 153 28.79 -30.79 -25.96
C GLN B 153 27.46 -31.35 -26.46
N THR B 154 27.14 -31.08 -27.71
CA THR B 154 25.80 -31.40 -28.20
C THR B 154 25.80 -32.76 -28.89
N THR B 155 24.88 -33.63 -28.45
CA THR B 155 24.72 -34.96 -29.04
C THR B 155 23.90 -34.93 -30.34
N SER B 156 22.99 -33.98 -30.49
CA SER B 156 22.08 -33.95 -31.64
C SER B 156 21.50 -32.54 -31.78
N LEU B 157 21.20 -32.15 -33.02
CA LEU B 157 20.87 -30.75 -33.31
C LEU B 157 19.97 -30.67 -34.54
N PHE B 158 18.89 -29.88 -34.44
CA PHE B 158 17.88 -29.79 -35.49
C PHE B 158 17.28 -28.39 -35.53
N SER B 159 16.94 -27.93 -36.73
CA SER B 159 16.19 -26.70 -36.97
C SER B 159 15.13 -27.01 -38.02
N LEU B 160 13.87 -27.06 -37.61
CA LEU B 160 12.79 -27.47 -38.50
C LEU B 160 12.06 -26.24 -39.04
N SER B 161 10.99 -26.51 -39.80
CA SER B 161 10.14 -25.48 -40.38
C SER B 161 8.79 -25.57 -39.70
N MET B 162 8.62 -24.78 -38.66
CA MET B 162 7.35 -24.50 -38.02
C MET B 162 7.62 -23.39 -37.03
N GLY B 163 6.61 -22.58 -36.76
CA GLY B 163 6.78 -21.47 -35.87
C GLY B 163 5.45 -20.87 -35.52
N CYS B 164 5.47 -20.06 -34.46
CA CYS B 164 4.26 -19.36 -34.01
C CYS B 164 3.63 -18.58 -35.14
N VAL B 165 4.41 -17.69 -35.77
CA VAL B 165 3.89 -16.78 -36.78
C VAL B 165 3.40 -17.57 -38.00
N THR B 166 4.20 -18.53 -38.46
CA THR B 166 3.82 -19.32 -39.64
C THR B 166 2.55 -20.13 -39.37
N TRP B 167 2.51 -20.86 -38.25
CA TRP B 167 1.34 -21.65 -37.88
C TRP B 167 0.14 -20.78 -37.54
N LEU B 168 0.35 -19.50 -37.23
CA LEU B 168 -0.77 -18.57 -37.14
C LEU B 168 -1.30 -18.20 -38.51
N GLU B 169 -0.53 -18.42 -39.58
CA GLU B 169 -1.00 -18.14 -40.94
C GLU B 169 -1.59 -19.39 -41.58
N ARG B 170 -0.75 -20.40 -41.82
CA ARG B 170 -1.19 -21.54 -42.62
C ARG B 170 -2.28 -22.32 -41.90
N TYR B 171 -1.97 -22.83 -40.72
CA TYR B 171 -2.91 -23.71 -40.04
C TYR B 171 -3.87 -22.96 -39.12
N PHE B 172 -3.93 -21.64 -39.29
CA PHE B 172 -4.84 -20.78 -38.50
C PHE B 172 -5.25 -19.57 -39.34
N ALA B 173 -6.14 -19.79 -40.31
CA ALA B 173 -6.57 -18.73 -41.26
C ALA B 173 -7.85 -18.03 -40.80
N ASP B 174 -8.07 -17.98 -39.48
CA ASP B 174 -9.26 -17.29 -38.89
C ASP B 174 -8.97 -17.07 -37.41
N ARG B 175 -9.99 -17.18 -36.56
CA ARG B 175 -9.84 -17.01 -35.09
C ARG B 175 -10.69 -18.06 -34.40
N ASN B 176 -10.48 -19.35 -34.71
CA ASN B 176 -11.38 -20.32 -34.10
C ASN B 176 -10.53 -21.46 -33.55
N LEU B 177 -10.44 -21.56 -32.23
CA LEU B 177 -9.67 -22.62 -31.60
C LEU B 177 -10.44 -23.93 -31.57
N GLY B 178 -11.58 -24.01 -32.25
CA GLY B 178 -12.20 -25.29 -32.50
C GLY B 178 -11.17 -26.32 -32.93
N GLN B 179 -11.36 -27.56 -32.48
CA GLN B 179 -10.35 -28.60 -32.65
C GLN B 179 -10.00 -28.89 -34.11
N GLU B 180 -10.80 -28.40 -35.07
CA GLU B 180 -10.54 -28.70 -36.47
C GLU B 180 -9.31 -27.96 -36.99
N ASN B 181 -9.24 -26.65 -36.74
CA ASN B 181 -8.09 -25.86 -37.16
C ASN B 181 -6.90 -26.04 -36.20
N PHE B 182 -7.19 -26.37 -34.95
CA PHE B 182 -6.14 -26.58 -33.96
C PHE B 182 -5.31 -27.83 -34.29
N ASP B 183 -5.98 -28.97 -34.42
CA ASP B 183 -5.30 -30.25 -34.61
C ASP B 183 -4.74 -30.45 -36.02
N ALA B 184 -5.16 -29.65 -37.00
CA ALA B 184 -4.43 -29.63 -38.26
C ALA B 184 -3.02 -29.11 -38.05
N ALA B 185 -2.86 -28.14 -37.14
CA ALA B 185 -1.54 -27.64 -36.77
C ALA B 185 -0.81 -28.60 -35.84
N GLU B 186 -1.55 -29.21 -34.91
CA GLU B 186 -0.94 -30.23 -34.06
C GLU B 186 -0.56 -31.48 -34.83
N LYS B 187 -0.99 -31.61 -36.09
CA LYS B 187 -0.54 -32.68 -36.97
C LYS B 187 0.53 -32.19 -37.94
N ALA B 188 0.22 -31.17 -38.74
CA ALA B 188 1.16 -30.71 -39.74
C ALA B 188 2.48 -30.24 -39.13
N ALA B 189 2.46 -29.83 -37.85
CA ALA B 189 3.70 -29.64 -37.11
C ALA B 189 4.26 -30.96 -36.59
N ARG B 190 3.40 -31.83 -36.07
CA ARG B 190 3.84 -33.11 -35.54
C ARG B 190 4.48 -33.99 -36.63
N GLU B 191 3.98 -33.89 -37.86
CA GLU B 191 4.62 -34.59 -38.97
C GLU B 191 5.88 -33.86 -39.48
N VAL B 192 6.03 -32.57 -39.15
CA VAL B 192 7.23 -31.83 -39.54
C VAL B 192 8.45 -32.39 -38.82
N LEU B 193 8.33 -32.69 -37.53
CA LEU B 193 9.43 -33.21 -36.75
C LEU B 193 9.37 -34.72 -36.59
N ARG B 194 8.33 -35.37 -37.12
CA ARG B 194 8.29 -36.83 -37.13
C ARG B 194 9.47 -37.49 -37.83
N PRO B 195 10.04 -36.95 -38.93
CA PRO B 195 11.27 -37.55 -39.48
C PRO B 195 12.46 -37.53 -38.53
N VAL B 196 12.76 -36.37 -37.96
CA VAL B 196 13.86 -36.25 -37.00
C VAL B 196 13.54 -36.91 -35.67
N ALA B 197 12.27 -37.22 -35.42
CA ALA B 197 11.81 -37.62 -34.09
C ALA B 197 12.69 -38.69 -33.44
N ASP B 198 12.98 -39.76 -34.19
CA ASP B 198 13.54 -40.97 -33.58
C ASP B 198 14.96 -40.76 -33.03
N GLU B 199 15.77 -39.93 -33.70
CA GLU B 199 17.15 -39.71 -33.28
C GLU B 199 17.23 -38.91 -31.99
N LEU B 200 16.24 -38.05 -31.73
CA LEU B 200 16.19 -37.34 -30.46
C LEU B 200 15.86 -38.28 -29.31
N ARG B 201 14.83 -39.12 -29.50
CA ARG B 201 14.32 -39.96 -28.43
C ARG B 201 15.33 -41.00 -27.99
N TYR B 202 16.19 -41.44 -28.89
CA TYR B 202 17.18 -42.44 -28.49
C TYR B 202 18.43 -41.81 -27.92
N HIS B 203 18.82 -40.63 -28.42
CA HIS B 203 19.87 -39.87 -27.76
C HIS B 203 19.51 -39.56 -26.32
N GLY B 204 18.25 -39.22 -26.08
CA GLY B 204 17.72 -39.16 -24.74
C GLY B 204 18.19 -37.96 -23.96
N TRP B 205 17.46 -37.68 -22.89
CA TRP B 205 17.75 -36.55 -22.04
C TRP B 205 17.21 -36.84 -20.66
N LYS B 206 17.90 -36.32 -19.65
CA LYS B 206 17.37 -36.37 -18.30
C LYS B 206 16.40 -35.23 -18.00
N VAL B 207 16.47 -34.12 -18.73
CA VAL B 207 15.66 -32.93 -18.42
C VAL B 207 15.38 -32.19 -19.73
N CYS B 208 14.18 -31.60 -19.82
CA CYS B 208 13.79 -30.81 -20.97
C CYS B 208 13.56 -29.36 -20.56
N VAL B 209 14.25 -28.45 -21.24
CA VAL B 209 14.14 -27.03 -20.98
C VAL B 209 13.81 -26.31 -22.30
N GLY B 210 13.13 -25.17 -22.18
CA GLY B 210 12.65 -24.44 -23.34
C GLY B 210 13.03 -22.98 -23.26
N ALA B 211 13.02 -22.30 -24.44
CA ALA B 211 13.57 -20.94 -24.45
C ALA B 211 12.85 -19.88 -25.28
N SER B 212 11.77 -20.19 -25.99
CA SER B 212 11.18 -19.17 -26.86
C SER B 212 10.07 -18.41 -26.13
N GLY B 213 9.25 -17.65 -26.85
CA GLY B 213 8.10 -17.01 -26.26
C GLY B 213 7.18 -18.00 -25.59
N THR B 214 6.71 -18.98 -26.35
CA THR B 214 5.77 -20.01 -25.92
C THR B 214 6.11 -20.55 -24.53
N VAL B 215 7.39 -20.80 -24.28
CA VAL B 215 7.83 -21.33 -23.00
C VAL B 215 7.79 -20.24 -21.90
N GLN B 216 8.00 -18.98 -22.24
CA GLN B 216 7.87 -17.95 -21.21
C GLN B 216 6.41 -17.69 -20.85
N ALA B 217 5.51 -17.86 -21.82
CA ALA B 217 4.10 -17.72 -21.54
C ALA B 217 3.63 -18.75 -20.53
N LEU B 218 4.27 -19.92 -20.53
CA LEU B 218 3.88 -21.02 -19.64
C LEU B 218 4.48 -20.87 -18.25
N GLN B 219 5.78 -20.54 -18.17
CA GLN B 219 6.37 -20.22 -16.88
C GLN B 219 5.56 -19.15 -16.16
N GLU B 220 5.13 -18.11 -16.90
CA GLU B 220 4.36 -17.02 -16.30
C GLU B 220 2.97 -17.47 -15.93
N ILE B 221 2.28 -18.16 -16.85
CA ILE B 221 0.96 -18.73 -16.57
C ILE B 221 1.01 -19.59 -15.29
N MET B 222 2.14 -20.26 -15.06
CA MET B 222 2.22 -21.23 -13.97
C MET B 222 2.47 -20.57 -12.63
N MET B 223 3.35 -19.57 -12.57
CA MET B 223 3.55 -18.85 -11.31
C MET B 223 2.31 -18.03 -10.95
N ALA B 224 1.60 -17.52 -11.96
CA ALA B 224 0.38 -16.75 -11.71
C ALA B 224 -0.74 -17.64 -11.18
N GLN B 225 -0.92 -18.81 -11.78
CA GLN B 225 -1.99 -19.72 -11.37
C GLN B 225 -1.62 -20.56 -10.15
N GLY B 226 -0.43 -20.35 -9.58
CA GLY B 226 -0.04 -21.03 -8.34
C GLY B 226 0.32 -22.49 -8.49
N MET B 227 0.47 -22.97 -9.72
CA MET B 227 0.87 -24.34 -9.95
C MET B 227 2.34 -24.53 -9.67
N ASP B 228 2.74 -25.79 -9.50
CA ASP B 228 4.16 -26.07 -9.52
C ASP B 228 4.69 -25.88 -10.94
N GLU B 229 6.00 -25.76 -11.08
CA GLU B 229 6.60 -25.18 -12.28
C GLU B 229 6.89 -26.18 -13.40
N ARG B 230 6.76 -27.48 -13.17
CA ARG B 230 7.06 -28.42 -14.25
C ARG B 230 5.89 -28.46 -15.21
N ILE B 231 6.13 -28.03 -16.44
CA ILE B 231 5.09 -27.97 -17.47
C ILE B 231 4.83 -29.37 -18.00
N THR B 232 3.60 -29.83 -17.88
CA THR B 232 3.21 -31.16 -18.33
C THR B 232 2.21 -31.04 -19.48
N LEU B 233 2.08 -32.12 -20.25
CA LEU B 233 1.05 -32.13 -21.28
C LEU B 233 -0.34 -32.12 -20.65
N GLU B 234 -0.46 -32.61 -19.41
CA GLU B 234 -1.71 -32.47 -18.67
C GLU B 234 -1.97 -31.01 -18.32
N LYS B 235 -0.94 -30.31 -17.84
CA LYS B 235 -1.04 -28.86 -17.66
C LYS B 235 -1.24 -28.18 -19.02
N LEU B 236 -0.52 -28.63 -20.05
CA LEU B 236 -0.64 -28.02 -21.37
C LEU B 236 -2.09 -28.04 -21.86
N GLN B 237 -2.86 -29.04 -21.42
CA GLN B 237 -4.20 -29.21 -21.90
C GLN B 237 -5.28 -28.80 -20.91
N GLN B 238 -4.92 -28.36 -19.71
CA GLN B 238 -5.85 -27.49 -19.00
C GLN B 238 -5.95 -26.15 -19.72
N LEU B 239 -4.82 -25.70 -20.32
CA LEU B 239 -4.78 -24.50 -21.15
C LEU B 239 -5.35 -24.76 -22.55
N LYS B 240 -5.28 -25.99 -23.03
CA LYS B 240 -5.99 -26.32 -24.26
C LYS B 240 -7.48 -26.23 -24.07
N GLN B 241 -7.97 -26.64 -22.90
CA GLN B 241 -9.39 -26.64 -22.59
C GLN B 241 -9.88 -25.25 -22.19
N ARG B 242 -9.05 -24.45 -21.53
CA ARG B 242 -9.39 -23.06 -21.34
C ARG B 242 -8.95 -22.20 -22.51
N ALA B 243 -8.38 -22.81 -23.56
CA ALA B 243 -8.33 -22.18 -24.88
C ALA B 243 -9.59 -22.54 -25.67
N ILE B 244 -9.84 -23.84 -25.81
CA ILE B 244 -10.99 -24.34 -26.57
C ILE B 244 -12.30 -23.70 -26.09
N HIS B 245 -12.46 -23.54 -24.78
CA HIS B 245 -13.70 -22.96 -24.27
C HIS B 245 -13.82 -21.48 -24.58
N CYS B 246 -12.80 -20.87 -25.20
CA CYS B 246 -12.76 -19.44 -25.49
C CYS B 246 -13.23 -19.07 -26.89
N GLY B 247 -13.81 -20.00 -27.64
CA GLY B 247 -14.44 -19.64 -28.90
C GLY B 247 -13.51 -19.07 -29.95
N ARG B 248 -13.64 -17.78 -30.23
CA ARG B 248 -12.75 -17.13 -31.19
C ARG B 248 -11.37 -16.88 -30.57
N LEU B 249 -10.46 -16.33 -31.38
CA LEU B 249 -9.07 -16.12 -30.97
C LEU B 249 -8.89 -14.83 -30.17
N GLU B 250 -9.57 -13.76 -30.57
CA GLU B 250 -9.43 -12.48 -29.88
C GLU B 250 -9.97 -12.53 -28.46
N GLU B 251 -10.87 -13.47 -28.18
CA GLU B 251 -11.54 -13.61 -26.89
C GLU B 251 -10.73 -14.44 -25.90
N LEU B 252 -9.48 -14.79 -26.24
CA LEU B 252 -8.69 -15.73 -25.45
C LEU B 252 -8.15 -15.08 -24.18
N GLU B 253 -8.33 -15.76 -23.04
CA GLU B 253 -7.68 -15.29 -21.82
C GLU B 253 -7.52 -16.41 -20.80
N ILE B 254 -6.34 -16.42 -20.16
CA ILE B 254 -5.98 -17.31 -19.06
C ILE B 254 -5.10 -16.51 -18.09
N ASP B 255 -4.90 -17.08 -16.90
CA ASP B 255 -4.22 -16.36 -15.81
C ASP B 255 -2.71 -16.52 -15.97
N GLY B 256 -2.02 -15.40 -16.20
CA GLY B 256 -0.58 -15.38 -16.36
C GLY B 256 -0.07 -15.19 -17.77
N LEU B 257 -0.92 -14.82 -18.71
CA LEU B 257 -0.55 -14.63 -20.11
C LEU B 257 -0.64 -13.14 -20.44
N THR B 258 0.25 -12.64 -21.30
CA THR B 258 0.39 -11.19 -21.51
C THR B 258 0.13 -10.81 -22.97
N LEU B 259 0.35 -9.51 -23.26
CA LEU B 259 0.03 -8.84 -24.52
C LEU B 259 0.63 -9.51 -25.77
N GLU B 260 1.95 -9.49 -25.87
CA GLU B 260 2.56 -10.01 -27.08
C GLU B 260 2.43 -11.53 -27.11
N ARG B 261 2.29 -12.14 -25.93
CA ARG B 261 2.25 -13.60 -25.76
C ARG B 261 1.08 -14.23 -26.49
N ALA B 262 -0.16 -13.88 -26.09
CA ALA B 262 -1.34 -14.48 -26.69
C ALA B 262 -1.47 -14.18 -28.17
N LEU B 263 -0.83 -13.10 -28.64
CA LEU B 263 -0.82 -12.75 -30.06
C LEU B 263 -0.56 -13.97 -30.93
N VAL B 264 0.53 -14.70 -30.66
CA VAL B 264 0.87 -15.92 -31.38
C VAL B 264 0.80 -17.17 -30.50
N PHE B 265 0.30 -17.06 -29.26
CA PHE B 265 0.31 -18.16 -28.29
C PHE B 265 -0.29 -19.46 -28.83
N PRO B 266 -1.49 -19.47 -29.44
CA PRO B 266 -2.12 -20.77 -29.76
C PRO B 266 -1.34 -21.59 -30.76
N SER B 267 -0.83 -20.93 -31.81
CA SER B 267 -0.03 -21.61 -32.81
C SER B 267 1.21 -22.27 -32.23
N GLY B 268 1.75 -21.74 -31.13
CA GLY B 268 2.88 -22.35 -30.46
C GLY B 268 2.46 -23.38 -29.44
N LEU B 269 1.28 -23.16 -28.85
CA LEU B 269 0.72 -24.16 -27.94
C LEU B 269 0.53 -25.49 -28.65
N ALA B 270 0.01 -25.45 -29.89
CA ALA B 270 -0.07 -26.66 -30.68
C ALA B 270 1.31 -27.26 -30.92
N ILE B 271 2.30 -26.42 -31.26
CA ILE B 271 3.61 -26.95 -31.61
C ILE B 271 4.26 -27.61 -30.39
N LEU B 272 4.12 -26.99 -29.22
CA LEU B 272 4.75 -27.57 -28.03
C LEU B 272 4.09 -28.90 -27.64
N ILE B 273 2.77 -28.96 -27.65
CA ILE B 273 2.13 -30.22 -27.29
C ILE B 273 2.41 -31.27 -28.36
N ALA B 274 2.60 -30.84 -29.61
CA ALA B 274 3.01 -31.78 -30.66
C ALA B 274 4.42 -32.29 -30.43
N ILE B 275 5.32 -31.40 -29.98
CA ILE B 275 6.65 -31.82 -29.57
C ILE B 275 6.57 -32.65 -28.30
N PHE B 276 5.62 -32.33 -27.42
CA PHE B 276 5.49 -33.07 -26.17
C PHE B 276 5.09 -34.51 -26.42
N THR B 277 4.21 -34.73 -27.39
CA THR B 277 3.70 -36.07 -27.67
C THR B 277 4.71 -36.91 -28.45
N GLU B 278 5.06 -36.46 -29.65
CA GLU B 278 5.94 -37.21 -30.52
C GLU B 278 7.25 -37.56 -29.81
N LEU B 279 7.76 -36.65 -28.99
CA LEU B 279 8.96 -36.87 -28.19
C LEU B 279 8.68 -37.56 -26.85
N ASN B 280 7.42 -37.57 -26.41
CA ASN B 280 7.04 -38.13 -25.11
C ASN B 280 7.85 -37.48 -23.99
N ILE B 281 7.60 -36.17 -23.84
CA ILE B 281 8.33 -35.33 -22.89
C ILE B 281 7.61 -35.33 -21.55
N GLN B 282 8.35 -35.59 -20.48
CA GLN B 282 7.73 -35.69 -19.16
C GLN B 282 7.41 -34.32 -18.55
N CYS B 283 8.35 -33.38 -18.56
CA CYS B 283 8.00 -32.01 -18.14
C CYS B 283 9.02 -31.01 -18.68
N MET B 284 8.83 -29.76 -18.30
CA MET B 284 9.62 -28.65 -18.82
C MET B 284 9.83 -27.58 -17.76
N THR B 285 11.10 -27.23 -17.53
CA THR B 285 11.42 -25.96 -16.91
C THR B 285 11.81 -24.99 -18.01
N LEU B 286 12.06 -23.76 -17.61
CA LEU B 286 12.36 -22.66 -18.52
C LEU B 286 13.87 -22.49 -18.56
N ALA B 287 14.43 -22.50 -19.76
CA ALA B 287 15.88 -22.33 -19.85
C ALA B 287 16.30 -20.91 -19.45
N GLY B 288 17.52 -20.81 -18.90
CA GLY B 288 18.15 -19.57 -18.47
C GLY B 288 18.89 -18.78 -19.52
N GLY B 289 19.05 -19.26 -20.76
CA GLY B 289 19.81 -18.54 -21.76
C GLY B 289 19.41 -18.97 -23.16
N ALA B 290 20.01 -18.30 -24.14
CA ALA B 290 19.57 -18.52 -25.51
C ALA B 290 20.67 -18.09 -26.49
N LEU B 291 20.26 -17.80 -27.71
CA LEU B 291 21.18 -17.37 -28.75
C LEU B 291 22.09 -16.25 -28.27
N ARG B 292 21.51 -15.10 -27.89
CA ARG B 292 22.37 -13.98 -27.56
C ARG B 292 23.31 -14.31 -26.42
N GLU B 293 22.82 -15.10 -25.46
CA GLU B 293 23.69 -15.58 -24.39
C GLU B 293 24.78 -16.51 -24.91
N GLY B 294 24.49 -17.27 -25.97
CA GLY B 294 25.49 -18.10 -26.59
C GLY B 294 26.64 -17.24 -27.06
N LEU B 295 26.32 -16.29 -27.96
CA LEU B 295 27.30 -15.33 -28.46
C LEU B 295 28.15 -14.76 -27.33
N VAL B 296 27.50 -14.36 -26.23
CA VAL B 296 28.23 -13.69 -25.15
C VAL B 296 29.20 -14.64 -24.46
N TYR B 297 28.78 -15.86 -24.19
CA TYR B 297 29.68 -16.79 -23.53
C TYR B 297 30.73 -17.34 -24.47
N GLY B 298 30.53 -17.25 -25.78
CA GLY B 298 31.60 -17.57 -26.70
C GLY B 298 32.78 -16.62 -26.58
N MET B 299 32.51 -15.37 -26.19
CA MET B 299 33.57 -14.40 -26.00
C MET B 299 34.24 -14.47 -24.63
N LEU B 300 33.61 -15.10 -23.65
CA LEU B 300 34.22 -15.14 -22.32
C LEU B 300 35.31 -16.18 -22.19
N HIS B 301 35.30 -17.22 -23.04
CA HIS B 301 36.30 -18.29 -23.03
C HIS B 301 36.49 -18.86 -21.63
N LEU B 302 35.39 -19.06 -20.91
CA LEU B 302 35.41 -19.73 -19.62
C LEU B 302 35.09 -21.20 -19.84
N GLN B 306 32.40 -24.85 -13.68
CA GLN B 306 32.03 -26.29 -13.65
C GLN B 306 30.50 -26.40 -13.65
N ASP B 307 29.92 -26.49 -12.45
CA ASP B 307 28.46 -26.54 -12.27
C ASP B 307 28.00 -25.11 -11.94
N ILE B 308 26.96 -24.65 -12.63
CA ILE B 308 26.45 -23.25 -12.54
C ILE B 308 26.19 -22.79 -11.10
N ARG B 309 25.25 -23.45 -10.42
CA ARG B 309 24.84 -22.96 -9.10
C ARG B 309 26.01 -22.55 -8.25
N SER B 310 27.02 -23.40 -8.15
CA SER B 310 28.16 -23.04 -7.32
C SER B 310 28.91 -21.85 -7.89
N ARG B 311 28.89 -21.66 -9.22
CA ARG B 311 29.47 -20.45 -9.78
C ARG B 311 28.64 -19.23 -9.40
N THR B 312 27.32 -19.36 -9.46
CA THR B 312 26.45 -18.27 -9.03
C THR B 312 26.70 -17.90 -7.57
N LEU B 313 26.68 -18.90 -6.69
CA LEU B 313 26.77 -18.63 -5.27
C LEU B 313 28.06 -17.89 -4.91
N ARG B 314 29.19 -18.28 -5.52
CA ARG B 314 30.44 -17.55 -5.31
C ARG B 314 30.33 -16.12 -5.77
N ASN B 315 29.87 -15.91 -7.01
CA ASN B 315 29.77 -14.57 -7.57
C ASN B 315 28.95 -13.68 -6.66
N ILE B 316 27.76 -14.15 -6.23
CA ILE B 316 26.90 -13.38 -5.35
C ILE B 316 27.60 -13.12 -4.02
N GLN B 317 28.27 -14.12 -3.47
CA GLN B 317 28.93 -13.88 -2.19
C GLN B 317 30.02 -12.84 -2.29
N ARG B 318 30.57 -12.64 -3.48
CA ARG B 318 31.62 -11.63 -3.68
C ARG B 318 31.01 -10.24 -3.82
N ARG B 319 29.93 -10.12 -4.61
CA ARG B 319 29.28 -8.83 -4.80
C ARG B 319 28.79 -8.26 -3.48
N PHE B 320 28.21 -9.09 -2.62
CA PHE B 320 27.64 -8.63 -1.36
C PHE B 320 28.58 -8.88 -0.17
N MET B 321 29.81 -9.28 -0.46
CA MET B 321 30.85 -9.42 0.56
C MET B 321 30.41 -10.31 1.71
N ILE B 322 29.71 -11.40 1.34
CA ILE B 322 29.31 -12.40 2.32
C ILE B 322 30.54 -13.08 2.87
N ASP B 323 30.65 -13.12 4.19
CA ASP B 323 31.58 -14.01 4.86
C ASP B 323 31.35 -15.41 4.34
N ILE B 324 32.33 -15.92 3.59
CA ILE B 324 32.24 -17.24 2.98
C ILE B 324 32.49 -18.35 4.00
N ASP B 325 33.40 -18.11 4.96
CA ASP B 325 33.70 -19.12 5.97
C ASP B 325 32.45 -19.44 6.79
N GLN B 326 31.87 -18.40 7.41
CA GLN B 326 30.60 -18.54 8.10
C GLN B 326 29.54 -19.22 7.22
N ALA B 327 29.51 -18.91 5.91
CA ALA B 327 28.52 -19.53 5.03
C ALA B 327 28.73 -21.04 4.93
N GLN B 328 29.98 -21.48 4.72
CA GLN B 328 30.30 -22.90 4.75
C GLN B 328 29.99 -23.51 6.11
N ARG B 329 30.44 -22.84 7.16
CA ARG B 329 30.21 -23.30 8.53
C ARG B 329 28.73 -23.58 8.81
N VAL B 330 27.84 -22.72 8.34
CA VAL B 330 26.41 -22.97 8.54
C VAL B 330 25.94 -24.09 7.64
N ALA B 331 26.31 -24.04 6.36
CA ALA B 331 25.94 -25.13 5.47
C ALA B 331 26.50 -26.45 5.97
N LYS B 332 27.67 -26.43 6.61
CA LYS B 332 28.20 -27.64 7.25
C LYS B 332 27.17 -28.27 8.20
N VAL B 333 26.77 -27.51 9.23
CA VAL B 333 25.82 -28.00 10.23
C VAL B 333 24.52 -28.43 9.57
N ALA B 334 23.98 -27.60 8.70
CA ALA B 334 22.70 -27.95 8.08
C ALA B 334 22.83 -29.20 7.23
N ALA B 335 23.98 -29.40 6.59
CA ALA B 335 24.22 -30.65 5.87
C ALA B 335 24.12 -31.81 6.83
N ASN B 336 24.87 -31.75 7.94
CA ASN B 336 24.84 -32.81 8.94
C ASN B 336 23.43 -33.02 9.51
N PHE B 337 22.71 -31.93 9.82
CA PHE B 337 21.34 -32.09 10.31
C PHE B 337 20.48 -32.77 9.28
N PHE B 338 20.62 -32.39 8.01
CA PHE B 338 19.88 -33.04 6.96
C PHE B 338 20.08 -34.56 6.98
N ASP B 339 21.32 -35.00 7.11
CA ASP B 339 21.62 -36.42 7.00
C ASP B 339 21.08 -37.22 8.16
N GLN B 340 20.94 -36.61 9.34
CA GLN B 340 20.47 -37.32 10.51
C GLN B 340 18.96 -37.45 10.54
N VAL B 341 18.24 -36.59 9.82
CA VAL B 341 16.80 -36.72 9.68
C VAL B 341 16.40 -37.22 8.29
N GLU B 342 17.37 -37.71 7.49
CA GLU B 342 17.19 -37.83 6.04
C GLU B 342 16.22 -38.93 5.66
N ASN B 343 16.32 -40.08 6.33
CA ASN B 343 15.46 -41.20 6.00
C ASN B 343 14.06 -40.98 6.58
N GLU B 344 14.00 -40.51 7.82
CA GLU B 344 12.70 -40.35 8.47
C GLU B 344 11.81 -39.39 7.70
N TRP B 345 12.40 -38.35 7.12
CA TRP B 345 11.63 -37.21 6.64
C TRP B 345 11.39 -37.21 5.13
N HIS B 346 11.84 -38.24 4.41
CA HIS B 346 11.58 -38.35 2.96
C HIS B 346 12.31 -37.25 2.19
N LEU B 347 13.61 -37.14 2.42
CA LEU B 347 14.39 -36.01 1.91
C LEU B 347 15.33 -36.49 0.81
N GLU B 348 15.06 -36.04 -0.42
CA GLU B 348 15.81 -36.40 -1.62
C GLU B 348 16.75 -35.28 -2.03
N ALA B 349 17.88 -35.66 -2.64
CA ALA B 349 19.03 -34.75 -2.80
C ALA B 349 18.67 -33.40 -3.39
N ILE B 350 17.69 -33.33 -4.30
CA ILE B 350 17.25 -32.04 -4.85
C ILE B 350 17.06 -31.04 -3.72
N SER B 351 16.28 -31.41 -2.70
CA SER B 351 16.00 -30.54 -1.56
C SER B 351 17.11 -30.53 -0.53
N ARG B 352 18.15 -31.36 -0.69
CA ARG B 352 19.36 -31.10 0.07
C ARG B 352 20.15 -29.93 -0.53
N ASP B 353 20.32 -29.93 -1.86
CA ASP B 353 21.01 -28.81 -2.49
C ASP B 353 20.34 -27.48 -2.12
N LEU B 354 19.02 -27.45 -2.15
CA LEU B 354 18.31 -26.21 -1.84
C LEU B 354 18.64 -25.71 -0.43
N LEU B 355 18.73 -26.62 0.53
CA LEU B 355 19.15 -26.21 1.86
C LEU B 355 20.55 -25.62 1.84
N ILE B 356 21.49 -26.29 1.17
CA ILE B 356 22.86 -25.77 1.14
C ILE B 356 22.93 -24.43 0.40
N SER B 357 22.12 -24.28 -0.64
CA SER B 357 22.10 -23.01 -1.36
C SER B 357 21.56 -21.91 -0.47
N ALA B 358 20.53 -22.20 0.31
CA ALA B 358 20.00 -21.19 1.23
C ALA B 358 21.04 -20.79 2.25
N CYS B 359 21.83 -21.76 2.73
CA CYS B 359 22.86 -21.49 3.73
C CYS B 359 23.95 -20.57 3.16
N GLN B 360 24.47 -20.89 1.97
CA GLN B 360 25.55 -20.08 1.41
C GLN B 360 25.16 -18.60 1.32
N LEU B 361 23.87 -18.32 1.15
CA LEU B 361 23.36 -16.98 0.98
C LEU B 361 22.71 -16.41 2.24
N HIS B 362 22.62 -17.22 3.29
CA HIS B 362 21.73 -16.85 4.39
C HIS B 362 22.11 -15.50 5.01
N GLU B 363 23.38 -15.09 4.90
CA GLU B 363 23.77 -13.81 5.48
C GLU B 363 23.69 -12.64 4.51
N ILE B 364 23.00 -12.77 3.38
CA ILE B 364 23.08 -11.70 2.39
C ILE B 364 22.43 -10.41 2.91
N GLY B 365 21.26 -10.52 3.58
CA GLY B 365 20.59 -9.32 4.10
C GLY B 365 21.46 -8.50 5.04
N LEU B 366 22.41 -9.15 5.70
CA LEU B 366 23.34 -8.41 6.53
C LEU B 366 24.20 -7.46 5.71
N SER B 367 24.33 -7.70 4.41
CA SER B 367 25.05 -6.74 3.59
C SER B 367 24.32 -5.43 3.45
N VAL B 368 23.02 -5.43 3.71
CA VAL B 368 22.25 -4.18 3.76
C VAL B 368 22.33 -3.57 5.15
N ASP B 369 21.83 -4.29 6.16
CA ASP B 369 21.84 -3.84 7.55
C ASP B 369 21.42 -4.99 8.44
N PHE B 370 21.92 -4.99 9.69
CA PHE B 370 21.71 -6.15 10.54
C PHE B 370 20.33 -6.17 11.16
N LYS B 371 19.74 -5.00 11.41
CA LYS B 371 18.51 -4.97 12.19
C LYS B 371 17.46 -5.91 11.64
N GLN B 372 17.05 -5.69 10.40
CA GLN B 372 16.07 -6.53 9.73
C GLN B 372 16.68 -7.35 8.62
N ALA B 373 17.91 -7.80 8.79
CA ALA B 373 18.59 -8.59 7.78
C ALA B 373 17.72 -9.64 7.09
N PRO B 374 16.92 -10.46 7.80
CA PRO B 374 16.14 -11.46 7.06
C PRO B 374 15.25 -10.85 6.01
N GLN B 375 14.59 -9.75 6.35
CA GLN B 375 13.76 -9.09 5.36
C GLN B 375 14.61 -8.62 4.19
N HIS B 376 15.83 -8.16 4.45
CA HIS B 376 16.68 -7.72 3.35
C HIS B 376 17.14 -8.91 2.49
N ALA B 377 17.44 -10.04 3.14
CA ALA B 377 17.91 -11.21 2.40
C ALA B 377 16.85 -11.71 1.42
N ALA B 378 15.59 -11.73 1.86
CA ALA B 378 14.53 -12.13 0.96
C ALA B 378 14.40 -11.17 -0.21
N TYR B 379 14.45 -9.87 0.05
CA TYR B 379 14.35 -8.92 -1.04
C TYR B 379 15.45 -9.15 -2.08
N LEU B 380 16.73 -9.14 -1.64
CA LEU B 380 17.86 -9.41 -2.52
C LEU B 380 17.63 -10.69 -3.32
N VAL B 381 17.39 -11.82 -2.64
CA VAL B 381 17.31 -13.09 -3.33
C VAL B 381 16.11 -13.12 -4.27
N ARG B 382 15.01 -12.49 -3.87
CA ARG B 382 13.80 -12.45 -4.70
C ARG B 382 14.05 -11.73 -6.02
N ASN B 383 14.83 -10.63 -6.00
CA ASN B 383 15.03 -9.83 -7.20
C ASN B 383 16.37 -10.04 -7.89
N LEU B 384 17.34 -10.71 -7.26
CA LEU B 384 18.60 -10.97 -7.93
C LEU B 384 18.40 -11.96 -9.04
N ASP B 385 19.23 -11.84 -10.06
CA ASP B 385 19.31 -12.88 -11.09
C ASP B 385 20.26 -13.98 -10.64
N LEU B 386 19.74 -15.20 -10.52
CA LEU B 386 20.49 -16.33 -9.97
C LEU B 386 20.51 -17.47 -10.97
N PRO B 387 21.42 -17.45 -11.95
CA PRO B 387 21.55 -18.55 -12.91
C PRO B 387 21.77 -19.89 -12.22
N GLY B 388 21.01 -20.90 -12.68
CA GLY B 388 21.06 -22.23 -12.10
C GLY B 388 19.95 -22.54 -11.14
N PHE B 389 18.99 -21.64 -10.99
CA PHE B 389 17.84 -21.79 -10.11
C PHE B 389 16.64 -21.32 -10.91
N THR B 390 15.57 -22.10 -10.88
CA THR B 390 14.34 -21.69 -11.52
C THR B 390 13.66 -20.61 -10.70
N PRO B 391 12.76 -19.83 -11.31
CA PRO B 391 11.93 -18.90 -10.51
C PRO B 391 11.35 -19.52 -9.26
N ALA B 392 10.85 -20.75 -9.35
CA ALA B 392 10.27 -21.40 -8.18
C ALA B 392 11.31 -21.63 -7.10
N GLN B 393 12.51 -22.07 -7.49
CA GLN B 393 13.54 -22.36 -6.49
C GLN B 393 14.05 -21.08 -5.82
N LYS B 394 14.37 -20.07 -6.62
CA LYS B 394 14.65 -18.73 -6.12
C LYS B 394 13.63 -18.30 -5.07
N LYS B 395 12.34 -18.43 -5.40
CA LYS B 395 11.28 -17.93 -4.52
C LYS B 395 11.29 -18.61 -3.17
N LEU B 396 11.56 -19.93 -3.15
CA LEU B 396 11.65 -20.66 -1.89
C LEU B 396 12.91 -20.28 -1.11
N LEU B 397 14.02 -20.07 -1.81
CA LEU B 397 15.23 -19.59 -1.16
C LEU B 397 14.99 -18.29 -0.43
N ALA B 398 14.32 -17.35 -1.10
CA ALA B 398 13.92 -16.11 -0.47
C ALA B 398 13.19 -16.38 0.85
N THR B 399 12.18 -17.28 0.83
CA THR B 399 11.33 -17.41 2.01
C THR B 399 12.02 -18.18 3.14
N LEU B 400 12.89 -19.16 2.80
CA LEU B 400 13.76 -19.73 3.82
C LEU B 400 14.57 -18.66 4.50
N LEU B 401 15.13 -17.74 3.71
CA LEU B 401 16.02 -16.73 4.25
C LEU B 401 15.24 -15.75 5.11
N LEU B 402 14.09 -15.32 4.61
CA LEU B 402 13.15 -14.53 5.42
C LEU B 402 12.88 -15.16 6.78
N ASN B 403 12.67 -16.48 6.81
CA ASN B 403 12.23 -17.21 7.99
C ASN B 403 13.39 -17.86 8.75
N GLN B 404 14.63 -17.43 8.48
CA GLN B 404 15.80 -18.03 9.12
C GLN B 404 15.84 -17.85 10.63
N THR B 405 15.03 -16.95 11.17
CA THR B 405 14.92 -16.65 12.60
C THR B 405 13.62 -15.86 12.75
N ASN B 406 13.30 -15.35 14.03
CA ASN B 406 12.05 -14.58 14.08
C ASN B 406 10.76 -15.38 13.88
N PRO B 407 9.75 -15.22 14.74
CA PRO B 407 8.46 -15.93 14.55
C PRO B 407 8.25 -16.34 13.10
N VAL B 408 7.98 -17.63 12.89
CA VAL B 408 7.77 -18.22 11.56
C VAL B 408 6.54 -17.62 10.88
N ASP B 409 6.60 -17.45 9.56
CA ASP B 409 5.41 -17.11 8.77
C ASP B 409 5.17 -18.21 7.73
N LEU B 410 4.13 -19.01 7.96
CA LEU B 410 3.86 -20.17 7.12
C LEU B 410 3.34 -19.77 5.75
N SER B 411 2.51 -18.73 5.67
CA SER B 411 1.93 -18.35 4.38
C SER B 411 2.99 -18.16 3.31
N SER B 412 4.09 -17.48 3.65
CA SER B 412 5.19 -17.24 2.72
C SER B 412 6.00 -18.50 2.48
N LEU B 413 6.11 -19.35 3.50
CA LEU B 413 6.77 -20.63 3.37
C LEU B 413 6.02 -21.55 2.42
N HIS B 414 4.70 -21.41 2.35
CA HIS B 414 3.87 -22.16 1.43
C HIS B 414 3.61 -21.40 0.14
N GLN B 415 4.09 -20.17 0.05
CA GLN B 415 4.03 -19.42 -1.20
C GLN B 415 5.30 -19.76 -1.96
N GLN B 416 5.23 -20.77 -2.79
CA GLN B 416 6.31 -21.07 -3.72
C GLN B 416 5.83 -22.22 -4.60
N ASN B 417 6.45 -22.34 -5.77
CA ASN B 417 6.15 -23.38 -6.72
C ASN B 417 7.18 -24.50 -6.66
N ALA B 418 8.19 -24.38 -5.81
CA ALA B 418 9.41 -25.17 -5.96
C ALA B 418 9.29 -26.55 -5.32
N VAL B 419 9.22 -26.60 -4.00
CA VAL B 419 9.22 -27.87 -3.27
C VAL B 419 8.00 -27.84 -2.37
N PRO B 420 7.44 -28.99 -2.02
CA PRO B 420 6.08 -29.01 -1.48
C PRO B 420 6.00 -28.27 -0.15
N PRO B 421 4.84 -27.64 0.11
CA PRO B 421 4.65 -26.92 1.39
C PRO B 421 5.13 -27.69 2.60
N ARG B 422 5.05 -29.02 2.57
CA ARG B 422 5.63 -29.81 3.63
C ARG B 422 7.09 -29.47 3.81
N VAL B 423 7.88 -29.71 2.76
CA VAL B 423 9.32 -29.76 2.88
C VAL B 423 9.91 -28.37 3.06
N ALA B 424 9.27 -27.34 2.47
CA ALA B 424 9.71 -25.97 2.71
C ALA B 424 9.85 -25.69 4.21
N GLU B 425 8.97 -26.30 5.00
CA GLU B 425 9.03 -26.19 6.45
C GLU B 425 10.22 -26.95 7.01
N GLN B 426 10.29 -28.26 6.74
CA GLN B 426 11.36 -29.08 7.28
C GLN B 426 12.73 -28.49 6.95
N LEU B 427 12.88 -28.00 5.72
CA LEU B 427 14.09 -27.27 5.34
C LEU B 427 14.25 -26.03 6.19
N CYS B 428 13.22 -25.17 6.21
CA CYS B 428 13.26 -23.99 7.06
C CYS B 428 13.67 -24.32 8.48
N ARG B 429 13.18 -25.44 9.03
CA ARG B 429 13.52 -25.82 10.40
C ARG B 429 15.01 -26.04 10.55
N LEU B 430 15.64 -26.71 9.58
CA LEU B 430 17.03 -27.12 9.74
C LEU B 430 17.96 -25.93 9.60
N LEU B 431 17.56 -24.94 8.81
CA LEU B 431 18.36 -23.74 8.61
C LEU B 431 18.45 -22.92 9.88
N ARG B 432 17.31 -22.65 10.50
CA ARG B 432 17.29 -21.98 11.79
C ARG B 432 18.24 -22.64 12.77
N LEU B 433 18.16 -23.96 12.88
CA LEU B 433 18.99 -24.66 13.83
C LEU B 433 20.48 -24.53 13.48
N ALA B 434 20.83 -24.74 12.20
CA ALA B 434 22.23 -24.61 11.82
C ALA B 434 22.77 -23.20 12.10
N ILE B 435 22.02 -22.15 11.74
CA ILE B 435 22.48 -20.79 11.99
C ILE B 435 22.86 -20.62 13.44
N ILE B 436 21.93 -20.98 14.33
CA ILE B 436 22.04 -20.75 15.77
C ILE B 436 23.32 -21.35 16.34
N PHE B 437 23.62 -22.59 15.97
CA PHE B 437 24.78 -23.25 16.57
C PHE B 437 26.07 -22.98 15.82
N ALA B 438 26.00 -22.29 14.69
CA ALA B 438 27.17 -21.73 14.04
C ALA B 438 27.47 -20.32 14.51
N SER B 439 26.60 -19.74 15.34
CA SER B 439 26.54 -18.32 15.64
C SER B 439 27.79 -17.72 16.28
N ARG B 440 28.80 -18.52 16.58
CA ARG B 440 29.98 -17.95 17.20
C ARG B 440 31.07 -17.59 16.18
N ARG B 441 30.89 -17.94 14.89
CA ARG B 441 31.79 -17.57 13.81
C ARG B 441 33.18 -18.19 13.99
N ARG B 442 33.22 -19.46 14.40
CA ARG B 442 34.48 -20.17 14.63
C ARG B 442 34.26 -21.68 14.51
N ASP B 443 35.16 -22.37 13.83
CA ASP B 443 34.98 -23.83 13.63
C ASP B 443 35.08 -24.56 14.98
N ASP B 444 36.09 -24.23 15.77
CA ASP B 444 36.35 -24.93 17.04
C ASP B 444 35.22 -24.73 18.07
N LEU B 445 34.20 -23.91 17.79
CA LEU B 445 33.13 -23.77 18.80
C LEU B 445 31.81 -24.43 18.34
N VAL B 446 31.79 -25.18 17.23
CA VAL B 446 30.50 -25.80 16.95
C VAL B 446 30.36 -27.06 17.80
N PRO B 447 29.27 -27.21 18.54
CA PRO B 447 29.12 -28.37 19.42
C PRO B 447 28.69 -29.62 18.66
N GLU B 448 29.10 -30.78 19.19
CA GLU B 448 28.71 -32.06 18.60
C GLU B 448 27.26 -32.37 18.92
N MET B 449 26.53 -32.87 17.93
CA MET B 449 25.08 -32.90 18.05
C MET B 449 24.51 -34.10 17.33
N THR B 450 23.39 -34.58 17.87
CA THR B 450 22.56 -35.63 17.28
C THR B 450 21.18 -35.03 17.10
N LEU B 451 20.52 -35.36 16.00
CA LEU B 451 19.21 -34.78 15.70
C LEU B 451 18.31 -35.87 15.16
N GLN B 452 17.20 -36.12 15.86
CA GLN B 452 16.32 -37.22 15.46
C GLN B 452 14.88 -36.76 15.33
N ALA B 453 14.27 -37.19 14.23
CA ALA B 453 12.87 -36.80 13.95
C ALA B 453 11.96 -38.02 14.07
N ASN B 454 10.70 -37.74 14.42
CA ASN B 454 9.61 -38.73 14.52
C ASN B 454 8.35 -37.92 14.21
N HIS B 455 7.91 -37.96 12.96
CA HIS B 455 6.77 -37.18 12.43
C HIS B 455 7.30 -35.76 12.69
N GLU B 456 6.60 -34.97 13.50
CA GLU B 456 6.81 -33.51 13.57
C GLU B 456 7.66 -33.14 14.79
N LEU B 457 8.30 -34.12 15.42
CA LEU B 457 9.14 -33.85 16.56
C LEU B 457 10.57 -33.87 16.06
N LEU B 458 11.30 -32.82 16.40
CA LEU B 458 12.75 -32.83 16.36
C LEU B 458 13.24 -32.91 17.78
N THR B 459 14.27 -33.72 18.00
CA THR B 459 14.92 -33.91 19.30
C THR B 459 16.44 -33.83 19.08
N LEU B 460 17.11 -32.94 19.83
CA LEU B 460 18.51 -32.59 19.59
C LEU B 460 19.35 -32.79 20.85
N THR B 461 20.41 -33.56 20.74
CA THR B 461 21.26 -33.82 21.90
C THR B 461 22.55 -33.05 21.75
N LEU B 462 22.73 -32.07 22.61
CA LEU B 462 23.95 -31.33 22.82
C LEU B 462 24.82 -32.02 23.86
N PRO B 463 26.11 -31.68 23.92
CA PRO B 463 26.99 -32.33 24.90
C PRO B 463 26.49 -32.12 26.32
N GLN B 464 26.95 -32.99 27.22
CA GLN B 464 26.55 -32.89 28.61
C GLN B 464 27.07 -31.58 29.19
N GLY B 465 26.16 -30.81 29.78
CA GLY B 465 26.53 -29.57 30.43
C GLY B 465 26.77 -28.40 29.51
N TRP B 466 26.60 -28.58 28.20
CA TRP B 466 26.68 -27.45 27.27
C TRP B 466 25.67 -26.39 27.65
N LEU B 467 24.38 -26.74 27.58
CA LEU B 467 23.29 -25.80 27.84
C LEU B 467 23.50 -25.04 29.14
N THR B 468 23.62 -25.75 30.26
CA THR B 468 23.79 -25.06 31.54
C THR B 468 24.91 -24.02 31.44
N GLN B 469 25.95 -24.31 30.66
CA GLN B 469 27.09 -23.42 30.56
C GLN B 469 27.07 -22.53 29.32
N HIS B 470 25.94 -22.43 28.64
CA HIS B 470 25.76 -21.41 27.61
C HIS B 470 24.43 -20.73 27.84
N PRO B 471 24.38 -19.78 28.79
CA PRO B 471 23.13 -19.09 29.10
C PRO B 471 22.50 -18.39 27.88
N LEU B 472 23.30 -17.69 27.07
CA LEU B 472 22.77 -17.04 25.88
C LEU B 472 22.31 -18.07 24.85
N GLY B 473 23.09 -19.13 24.65
CA GLY B 473 22.61 -20.25 23.88
C GLY B 473 21.29 -20.73 24.42
N LYS B 474 21.28 -21.13 25.71
CA LYS B 474 20.06 -21.59 26.39
C LYS B 474 18.89 -20.63 26.18
N GLU B 475 19.16 -19.33 26.22
CA GLU B 475 18.10 -18.35 25.99
C GLU B 475 17.64 -18.38 24.54
N ILE B 476 18.59 -18.36 23.61
CA ILE B 476 18.24 -18.35 22.19
C ILE B 476 17.51 -19.63 21.81
N ILE B 477 17.98 -20.77 22.35
CA ILE B 477 17.33 -22.05 22.11
C ILE B 477 15.90 -22.03 22.62
N ALA B 478 15.71 -21.61 23.89
CA ALA B 478 14.36 -21.47 24.44
C ALA B 478 13.48 -20.66 23.52
N GLN B 479 13.93 -19.47 23.13
CA GLN B 479 13.14 -18.63 22.23
C GLN B 479 12.90 -19.30 20.90
N GLU B 480 13.82 -20.18 20.47
CA GLU B 480 13.59 -20.94 19.25
C GLU B 480 12.61 -22.08 19.44
N SER B 481 12.57 -22.71 20.62
CA SER B 481 11.52 -23.70 20.89
C SER B 481 10.13 -23.05 20.86
N GLN B 482 10.00 -21.87 21.49
CA GLN B 482 8.70 -21.21 21.50
C GLN B 482 8.25 -20.84 20.10
N TRP B 483 9.16 -20.26 19.30
CA TRP B 483 8.78 -19.84 17.95
C TRP B 483 8.28 -21.01 17.11
N GLN B 484 8.93 -22.16 17.23
CA GLN B 484 8.47 -23.34 16.49
C GLN B 484 7.11 -23.81 17.01
N SER B 485 6.96 -23.97 18.33
CA SER B 485 5.69 -24.42 18.88
C SER B 485 4.53 -23.52 18.43
N TYR B 486 4.72 -22.20 18.43
CA TYR B 486 3.68 -21.30 17.91
C TYR B 486 3.13 -21.81 16.60
N VAL B 487 4.00 -22.38 15.78
CA VAL B 487 3.68 -22.85 14.44
C VAL B 487 3.53 -24.38 14.41
N HIS B 488 3.56 -25.02 15.60
CA HIS B 488 3.35 -26.46 15.80
C HIS B 488 4.54 -27.30 15.31
N TRP B 489 5.75 -26.90 15.67
CA TRP B 489 6.96 -27.67 15.37
C TRP B 489 7.61 -28.07 16.68
N PRO B 490 7.27 -29.23 17.22
CA PRO B 490 7.81 -29.66 18.52
C PRO B 490 9.31 -29.88 18.48
N LEU B 491 9.99 -29.26 19.44
CA LEU B 491 11.45 -29.22 19.53
C LEU B 491 11.90 -29.48 20.96
N GLU B 492 12.71 -30.51 21.16
CA GLU B 492 13.29 -30.82 22.47
C GLU B 492 14.79 -30.97 22.34
N VAL B 493 15.54 -30.42 23.30
CA VAL B 493 16.99 -30.34 23.18
C VAL B 493 17.63 -30.42 24.57
N HIS B 494 18.66 -31.25 24.73
CA HIS B 494 19.24 -31.51 26.06
C HIS B 494 20.73 -31.92 26.05
N SER C 6 -38.05 0.38 -7.40
CA SER C 6 -38.37 -0.42 -8.59
C SER C 6 -37.23 -0.40 -9.62
N LEU C 7 -37.21 -1.47 -10.43
CA LEU C 7 -36.13 -1.82 -11.36
C LEU C 7 -36.43 -1.34 -12.79
N TYR C 8 -35.36 -1.09 -13.56
CA TYR C 8 -35.41 -0.74 -14.98
C TYR C 8 -34.35 -1.53 -15.74
N ALA C 9 -34.65 -1.92 -16.98
CA ALA C 9 -33.75 -2.74 -17.77
C ALA C 9 -33.64 -2.24 -19.22
N ALA C 10 -32.44 -2.31 -19.78
CA ALA C 10 -32.20 -2.04 -21.18
C ALA C 10 -31.38 -3.19 -21.76
N ILE C 11 -31.87 -3.76 -22.88
CA ILE C 11 -31.21 -4.85 -23.60
C ILE C 11 -30.87 -4.36 -25.01
N ASP C 12 -29.60 -4.45 -25.38
CA ASP C 12 -29.10 -4.09 -26.70
C ASP C 12 -28.66 -5.37 -27.40
N LEU C 13 -29.42 -5.78 -28.43
CA LEU C 13 -29.07 -6.93 -29.27
C LEU C 13 -28.23 -6.44 -30.44
N GLY C 14 -26.91 -6.60 -30.35
CA GLY C 14 -25.98 -6.03 -31.31
C GLY C 14 -25.40 -7.05 -32.25
N SER C 15 -24.23 -6.70 -32.83
CA SER C 15 -23.57 -7.57 -33.80
C SER C 15 -22.84 -8.71 -33.10
N ASN C 16 -21.86 -8.39 -32.26
CA ASN C 16 -21.12 -9.47 -31.60
C ASN C 16 -21.76 -9.89 -30.28
N SER C 17 -22.17 -8.93 -29.44
CA SER C 17 -22.66 -9.23 -28.11
C SER C 17 -24.08 -8.75 -27.85
N PHE C 18 -24.73 -9.43 -26.91
CA PHE C 18 -25.99 -8.99 -26.32
C PHE C 18 -25.66 -8.33 -24.99
N HIS C 19 -26.14 -7.11 -24.80
CA HIS C 19 -25.89 -6.32 -23.60
C HIS C 19 -27.20 -6.06 -22.86
N MET C 20 -27.19 -6.30 -21.55
CA MET C 20 -28.34 -6.04 -20.69
C MET C 20 -27.84 -5.26 -19.48
N LEU C 21 -28.46 -4.11 -19.22
CA LEU C 21 -28.11 -3.26 -18.10
C LEU C 21 -29.35 -3.12 -17.23
N VAL C 22 -29.35 -3.77 -16.08
CA VAL C 22 -30.36 -3.51 -15.05
C VAL C 22 -29.89 -2.31 -14.24
N VAL C 23 -30.78 -1.74 -13.42
CA VAL C 23 -30.61 -0.45 -12.79
C VAL C 23 -31.73 -0.27 -11.76
N ARG C 24 -31.55 0.58 -10.76
CA ARG C 24 -32.58 0.73 -9.73
C ARG C 24 -32.80 2.21 -9.40
N GLU C 25 -34.03 2.56 -9.04
CA GLU C 25 -34.36 3.97 -8.75
C GLU C 25 -34.11 4.27 -7.28
N VAL C 26 -33.18 5.18 -7.00
CA VAL C 26 -32.81 5.59 -5.61
C VAL C 26 -33.10 7.07 -5.41
N ALA C 27 -34.10 7.41 -4.59
CA ALA C 27 -34.57 8.80 -4.42
C ALA C 27 -34.88 9.35 -5.82
N GLY C 28 -34.17 10.39 -6.23
CA GLY C 28 -34.40 10.92 -7.58
C GLY C 28 -33.22 10.55 -8.46
N SER C 29 -32.67 9.37 -8.24
CA SER C 29 -31.48 8.94 -9.01
C SER C 29 -31.64 7.51 -9.52
N ILE C 30 -30.53 6.99 -10.05
CA ILE C 30 -30.46 5.70 -10.71
C ILE C 30 -29.06 5.13 -10.48
N GLN C 31 -28.96 3.87 -10.10
CA GLN C 31 -27.69 3.17 -9.91
C GLN C 31 -27.71 1.82 -10.59
N THR C 32 -26.58 1.47 -11.21
CA THR C 32 -26.43 0.16 -11.83
C THR C 32 -26.62 -0.94 -10.81
N LEU C 33 -27.46 -1.93 -11.13
CA LEU C 33 -27.55 -3.12 -10.29
C LEU C 33 -26.76 -4.29 -10.88
N THR C 34 -27.02 -4.63 -12.15
CA THR C 34 -26.26 -5.62 -12.89
C THR C 34 -26.00 -5.05 -14.28
N ARG C 35 -24.80 -5.26 -14.81
CA ARG C 35 -24.43 -4.84 -16.16
C ARG C 35 -23.73 -6.00 -16.86
N ILE C 36 -24.38 -6.58 -17.87
CA ILE C 36 -24.11 -7.93 -18.38
C ILE C 36 -23.87 -7.91 -19.88
N LYS C 37 -22.86 -8.68 -20.34
CA LYS C 37 -22.52 -8.79 -21.75
C LYS C 37 -22.23 -10.25 -22.08
N ARG C 38 -22.98 -10.81 -23.02
CA ARG C 38 -22.84 -12.19 -23.45
C ARG C 38 -22.54 -12.20 -24.96
N LYS C 39 -21.52 -12.95 -25.36
CA LYS C 39 -21.00 -12.92 -26.72
C LYS C 39 -21.79 -13.89 -27.59
N VAL C 40 -22.72 -13.33 -28.37
CA VAL C 40 -23.58 -14.17 -29.21
C VAL C 40 -22.92 -14.48 -30.55
N ARG C 41 -22.06 -13.60 -31.08
CA ARG C 41 -21.53 -13.72 -32.44
C ARG C 41 -22.68 -13.84 -33.45
N LEU C 42 -23.59 -12.87 -33.42
CA LEU C 42 -24.76 -12.89 -34.27
C LEU C 42 -24.45 -12.47 -35.71
N ALA C 43 -23.53 -11.50 -35.89
CA ALA C 43 -23.13 -11.08 -37.23
C ALA C 43 -22.29 -12.15 -37.93
N ALA C 44 -21.70 -13.07 -37.18
CA ALA C 44 -20.93 -14.16 -37.78
C ALA C 44 -21.81 -15.19 -38.45
N GLY C 45 -23.03 -15.39 -37.97
CA GLY C 45 -23.88 -16.40 -38.58
C GLY C 45 -24.65 -15.98 -39.82
N LEU C 46 -24.20 -14.89 -40.47
CA LEU C 46 -24.93 -14.20 -41.51
C LEU C 46 -24.19 -14.33 -42.84
N ASN C 47 -24.85 -14.94 -43.85
CA ASN C 47 -24.20 -15.41 -45.07
C ASN C 47 -24.30 -14.39 -46.21
N SER C 48 -23.92 -14.82 -47.42
CA SER C 48 -23.96 -14.00 -48.65
C SER C 48 -25.37 -13.81 -49.21
N GLU C 49 -26.35 -14.61 -48.79
CA GLU C 49 -27.76 -14.35 -49.06
C GLU C 49 -28.33 -13.34 -48.07
N ASN C 50 -27.50 -12.79 -47.18
CA ASN C 50 -27.89 -11.78 -46.20
C ASN C 50 -28.95 -12.30 -45.21
N ALA C 51 -28.87 -13.58 -44.88
CA ALA C 51 -29.71 -14.22 -43.89
C ALA C 51 -28.83 -14.87 -42.83
N LEU C 52 -29.42 -15.18 -41.68
CA LEU C 52 -28.67 -15.57 -40.48
C LEU C 52 -28.82 -17.06 -40.21
N SER C 53 -27.68 -17.74 -40.05
CA SER C 53 -27.63 -19.18 -39.85
C SER C 53 -28.39 -19.61 -38.60
N ASN C 54 -28.97 -20.80 -38.67
CA ASN C 54 -29.67 -21.37 -37.53
C ASN C 54 -28.81 -21.38 -36.27
N GLU C 55 -27.53 -21.68 -36.42
CA GLU C 55 -26.66 -21.79 -35.25
C GLU C 55 -26.55 -20.46 -34.49
N ALA C 56 -26.55 -19.36 -35.24
CA ALA C 56 -26.41 -18.05 -34.63
C ALA C 56 -27.72 -17.60 -33.99
N MET C 57 -28.85 -17.94 -34.60
CA MET C 57 -30.11 -17.61 -33.96
C MET C 57 -30.39 -18.46 -32.74
N GLU C 58 -29.82 -19.66 -32.68
CA GLU C 58 -29.99 -20.48 -31.49
C GLU C 58 -29.06 -20.02 -30.39
N ARG C 59 -27.81 -19.66 -30.74
CA ARG C 59 -26.94 -18.95 -29.79
C ARG C 59 -27.64 -17.73 -29.21
N GLY C 60 -28.16 -16.85 -30.07
CA GLY C 60 -28.82 -15.65 -29.59
C GLY C 60 -30.02 -15.96 -28.72
N TRP C 61 -30.76 -16.99 -29.05
CA TRP C 61 -31.97 -17.26 -28.29
C TRP C 61 -31.67 -17.84 -26.92
N GLN C 62 -30.65 -18.68 -26.83
CA GLN C 62 -30.26 -19.23 -25.54
C GLN C 62 -29.86 -18.11 -24.60
N CYS C 63 -29.02 -17.18 -25.09
CA CYS C 63 -28.67 -15.99 -24.32
C CYS C 63 -29.89 -15.31 -23.76
N LEU C 64 -30.86 -15.02 -24.61
CA LEU C 64 -32.05 -14.31 -24.14
C LEU C 64 -32.87 -15.14 -23.15
N ARG C 65 -32.86 -16.46 -23.26
CA ARG C 65 -33.51 -17.27 -22.21
C ARG C 65 -32.97 -16.92 -20.83
N LEU C 66 -31.67 -16.60 -20.75
CA LEU C 66 -31.04 -16.19 -19.49
C LEU C 66 -31.44 -14.78 -19.10
N PHE C 67 -31.31 -13.82 -20.03
CA PHE C 67 -31.84 -12.47 -19.81
C PHE C 67 -33.30 -12.51 -19.38
N ALA C 68 -34.12 -13.33 -20.03
CA ALA C 68 -35.52 -13.42 -19.64
C ALA C 68 -35.68 -13.77 -18.18
N GLU C 69 -34.80 -14.64 -17.64
CA GLU C 69 -34.92 -14.95 -16.22
C GLU C 69 -34.72 -13.71 -15.38
N ARG C 70 -33.86 -12.79 -15.84
CA ARG C 70 -33.60 -11.56 -15.10
C ARG C 70 -34.75 -10.55 -15.15
N LEU C 71 -35.72 -10.70 -16.06
CA LEU C 71 -36.74 -9.66 -16.19
C LEU C 71 -38.03 -9.98 -15.48
N GLN C 72 -38.15 -11.16 -14.85
CA GLN C 72 -39.41 -11.54 -14.22
C GLN C 72 -39.89 -10.45 -13.27
N ASP C 73 -41.19 -10.14 -13.36
CA ASP C 73 -41.85 -9.10 -12.52
C ASP C 73 -41.09 -7.76 -12.49
N ILE C 74 -40.32 -7.47 -13.53
CA ILE C 74 -39.98 -6.09 -13.91
C ILE C 74 -41.05 -5.64 -14.89
N PRO C 75 -41.84 -4.61 -14.57
CA PRO C 75 -42.98 -4.23 -15.43
C PRO C 75 -42.48 -3.80 -16.79
N PRO C 76 -43.06 -4.33 -17.88
CA PRO C 76 -42.48 -4.06 -19.21
C PRO C 76 -42.50 -2.60 -19.59
N SER C 77 -43.30 -1.78 -18.88
CA SER C 77 -43.17 -0.33 -18.95
C SER C 77 -41.76 0.14 -18.60
N GLN C 78 -41.05 -0.62 -17.76
CA GLN C 78 -39.70 -0.30 -17.33
C GLN C 78 -38.62 -1.08 -18.09
N ILE C 79 -38.98 -1.79 -19.17
CA ILE C 79 -38.03 -2.51 -20.02
C ILE C 79 -38.03 -1.86 -21.40
N ARG C 80 -36.84 -1.73 -22.00
CA ARG C 80 -36.75 -1.45 -23.42
C ARG C 80 -35.66 -2.32 -23.99
N VAL C 81 -36.04 -3.13 -24.99
CA VAL C 81 -35.13 -3.96 -25.78
C VAL C 81 -35.08 -3.36 -27.17
N VAL C 82 -33.86 -3.28 -27.73
CA VAL C 82 -33.62 -2.71 -29.04
C VAL C 82 -32.57 -3.54 -29.76
N ALA C 83 -32.52 -3.35 -31.08
CA ALA C 83 -31.61 -4.09 -31.94
C ALA C 83 -31.08 -3.17 -33.03
N THR C 84 -29.98 -3.59 -33.64
CA THR C 84 -29.07 -2.68 -34.34
C THR C 84 -28.70 -3.32 -35.66
N ALA C 85 -27.55 -2.92 -36.21
CA ALA C 85 -27.16 -3.22 -37.58
C ALA C 85 -27.55 -4.62 -38.08
N THR C 86 -27.05 -5.68 -37.42
CA THR C 86 -27.29 -7.03 -37.93
C THR C 86 -28.78 -7.31 -38.08
N LEU C 87 -29.55 -7.14 -37.01
CA LEU C 87 -30.99 -7.37 -37.09
C LEU C 87 -31.73 -6.31 -37.90
N ARG C 88 -31.07 -5.19 -38.22
CA ARG C 88 -31.64 -4.21 -39.15
C ARG C 88 -31.58 -4.74 -40.57
N LEU C 89 -30.45 -5.37 -40.93
CA LEU C 89 -30.18 -5.82 -42.27
C LEU C 89 -30.37 -7.32 -42.48
N ALA C 90 -30.81 -8.06 -41.47
CA ALA C 90 -31.17 -9.44 -41.74
C ALA C 90 -32.44 -9.45 -42.59
N VAL C 91 -32.41 -10.21 -43.68
CA VAL C 91 -33.65 -10.56 -44.36
C VAL C 91 -34.44 -11.50 -43.48
N ASN C 92 -33.71 -12.23 -42.62
CA ASN C 92 -34.22 -13.15 -41.61
C ASN C 92 -34.88 -12.48 -40.40
N ALA C 93 -34.57 -11.19 -40.15
CA ALA C 93 -34.68 -10.62 -38.81
C ALA C 93 -35.99 -10.96 -38.12
N GLY C 94 -37.10 -10.87 -38.83
CA GLY C 94 -38.37 -11.12 -38.19
C GLY C 94 -38.51 -12.54 -37.69
N ASP C 95 -37.73 -13.47 -38.24
CA ASP C 95 -37.76 -14.84 -37.72
C ASP C 95 -37.08 -14.90 -36.36
N PHE C 96 -35.97 -14.18 -36.19
CA PHE C 96 -35.31 -14.11 -34.90
C PHE C 96 -36.12 -13.29 -33.91
N ILE C 97 -36.48 -12.07 -34.30
CA ILE C 97 -37.24 -11.18 -33.42
C ILE C 97 -38.49 -11.88 -32.91
N ALA C 98 -39.16 -12.65 -33.77
CA ALA C 98 -40.42 -13.28 -33.40
C ALA C 98 -40.26 -14.17 -32.17
N LYS C 99 -39.28 -15.09 -32.20
CA LYS C 99 -39.04 -15.96 -31.05
C LYS C 99 -38.39 -15.19 -29.90
N ALA C 100 -37.53 -14.19 -30.23
CA ALA C 100 -36.98 -13.32 -29.20
C ALA C 100 -38.08 -12.73 -28.32
N GLN C 101 -39.18 -12.26 -28.93
CA GLN C 101 -40.24 -11.65 -28.15
C GLN C 101 -41.09 -12.67 -27.44
N GLU C 102 -41.01 -13.94 -27.83
CA GLU C 102 -41.68 -14.95 -27.02
C GLU C 102 -40.82 -15.37 -25.83
N ILE C 103 -39.49 -15.31 -25.97
CA ILE C 103 -38.56 -15.73 -24.91
C ILE C 103 -38.54 -14.70 -23.78
N LEU C 104 -38.10 -13.48 -24.08
CA LEU C 104 -38.39 -12.29 -23.26
C LEU C 104 -39.88 -12.07 -23.27
N GLY C 105 -40.39 -11.43 -22.24
CA GLY C 105 -41.84 -11.37 -22.29
C GLY C 105 -42.41 -10.14 -22.99
N CYS C 106 -41.74 -9.60 -24.00
CA CYS C 106 -41.91 -8.18 -24.26
C CYS C 106 -41.30 -7.84 -25.65
N PRO C 107 -41.65 -6.66 -26.21
CA PRO C 107 -41.24 -6.36 -27.59
C PRO C 107 -39.74 -6.29 -27.79
N VAL C 108 -39.35 -6.46 -29.04
CA VAL C 108 -38.04 -6.09 -29.55
C VAL C 108 -38.28 -4.99 -30.57
N GLN C 109 -37.54 -3.91 -30.46
CA GLN C 109 -37.65 -2.77 -31.34
C GLN C 109 -36.35 -2.67 -32.11
N VAL C 110 -36.39 -3.01 -33.39
CA VAL C 110 -35.36 -2.59 -34.33
C VAL C 110 -35.39 -1.07 -34.40
N ILE C 111 -34.22 -0.45 -34.48
CA ILE C 111 -34.12 1.01 -34.47
C ILE C 111 -33.19 1.42 -35.60
N SER C 112 -33.56 2.52 -36.27
CA SER C 112 -32.75 3.06 -37.34
C SER C 112 -31.38 3.47 -36.79
N GLY C 113 -30.36 3.42 -37.66
CA GLY C 113 -29.05 3.93 -37.26
C GLY C 113 -29.11 5.32 -36.67
N GLU C 114 -30.12 6.12 -37.05
CA GLU C 114 -30.26 7.45 -36.48
C GLU C 114 -30.87 7.40 -35.08
N GLU C 115 -31.86 6.52 -34.86
CA GLU C 115 -32.45 6.43 -33.54
C GLU C 115 -31.48 5.84 -32.52
N GLU C 116 -30.50 5.05 -32.99
CA GLU C 116 -29.38 4.66 -32.15
C GLU C 116 -28.52 5.85 -31.76
N ALA C 117 -28.27 6.75 -32.73
CA ALA C 117 -27.52 7.98 -32.46
C ALA C 117 -28.25 8.87 -31.47
N ARG C 118 -29.52 9.18 -31.74
CA ARG C 118 -30.28 10.00 -30.78
C ARG C 118 -30.21 9.42 -29.37
N LEU C 119 -30.33 8.09 -29.26
CA LEU C 119 -30.29 7.42 -27.97
C LEU C 119 -28.94 7.58 -27.30
N ILE C 120 -27.87 7.35 -28.06
CA ILE C 120 -26.51 7.52 -27.55
C ILE C 120 -26.29 8.94 -27.05
N TYR C 121 -26.66 9.94 -27.87
CA TYR C 121 -26.60 11.32 -27.42
C TYR C 121 -27.35 11.48 -26.12
N GLN C 122 -28.62 11.07 -26.11
CA GLN C 122 -29.43 11.23 -24.90
C GLN C 122 -28.72 10.62 -23.68
N GLY C 123 -27.83 9.66 -23.92
CA GLY C 123 -27.08 8.97 -22.90
C GLY C 123 -25.85 9.70 -22.45
N VAL C 124 -25.09 10.28 -23.37
CA VAL C 124 -24.01 11.12 -22.89
C VAL C 124 -24.57 12.39 -22.22
N ALA C 125 -25.67 12.94 -22.76
CA ALA C 125 -26.22 14.17 -22.23
C ALA C 125 -26.61 14.01 -20.77
N HIS C 126 -27.12 12.85 -20.40
CA HIS C 126 -27.46 12.63 -19.00
C HIS C 126 -26.22 12.34 -18.15
N THR C 127 -25.11 11.94 -18.74
CA THR C 127 -24.01 11.47 -17.92
C THR C 127 -22.73 12.29 -18.03
N THR C 128 -22.70 13.39 -18.78
CA THR C 128 -21.44 14.07 -19.07
C THR C 128 -21.44 15.52 -18.60
N GLY C 129 -20.41 15.87 -17.81
CA GLY C 129 -20.18 17.23 -17.36
C GLY C 129 -19.41 18.05 -18.40
N GLY C 130 -19.33 19.36 -18.14
CA GLY C 130 -18.88 20.30 -19.15
C GLY C 130 -20.05 21.00 -19.82
N ALA C 131 -19.73 21.66 -20.94
CA ALA C 131 -20.67 22.56 -21.58
C ALA C 131 -21.80 21.82 -22.27
N ASP C 132 -22.98 22.46 -22.33
CA ASP C 132 -24.13 21.87 -22.99
C ASP C 132 -23.87 21.67 -24.48
N GLN C 133 -23.21 22.63 -25.12
CA GLN C 133 -22.92 22.56 -26.54
C GLN C 133 -21.76 21.59 -26.74
N ARG C 134 -22.03 20.49 -27.43
CA ARG C 134 -21.07 19.40 -27.48
C ARG C 134 -21.16 18.73 -28.85
N LEU C 135 -20.15 17.92 -29.15
CA LEU C 135 -20.10 17.11 -30.35
C LEU C 135 -19.70 15.68 -29.97
N VAL C 136 -20.65 14.72 -30.09
CA VAL C 136 -20.43 13.33 -29.69
C VAL C 136 -19.88 12.52 -30.86
N VAL C 137 -18.91 11.67 -30.59
CA VAL C 137 -18.30 10.80 -31.58
C VAL C 137 -18.32 9.39 -31.02
N ASP C 138 -19.07 8.52 -31.68
CA ASP C 138 -19.09 7.09 -31.40
C ASP C 138 -18.58 6.37 -32.65
N ILE C 139 -17.40 5.77 -32.54
CA ILE C 139 -16.83 5.00 -33.63
C ILE C 139 -17.08 3.52 -33.33
N GLY C 140 -18.16 2.99 -33.92
CA GLY C 140 -18.49 1.60 -33.81
C GLY C 140 -18.03 0.82 -35.04
N GLY C 141 -18.30 -0.49 -34.98
CA GLY C 141 -18.01 -1.35 -36.12
C GLY C 141 -18.99 -1.16 -37.26
N ALA C 142 -20.28 -0.99 -36.93
CA ALA C 142 -21.31 -0.85 -37.95
C ALA C 142 -21.33 0.56 -38.53
N SER C 143 -21.63 1.55 -37.69
CA SER C 143 -21.70 2.93 -38.11
C SER C 143 -20.95 3.80 -37.11
N THR C 144 -20.28 4.81 -37.63
CA THR C 144 -19.65 5.83 -36.82
C THR C 144 -20.54 7.06 -36.86
N GLU C 145 -21.28 7.26 -35.76
CA GLU C 145 -22.19 8.40 -35.62
C GLU C 145 -21.44 9.65 -35.17
N LEU C 146 -21.93 10.81 -35.61
CA LEU C 146 -21.45 12.10 -35.16
C LEU C 146 -22.66 12.99 -34.93
N VAL C 147 -22.81 13.50 -33.70
CA VAL C 147 -24.01 14.30 -33.35
C VAL C 147 -23.62 15.59 -32.62
N THR C 148 -24.25 16.70 -33.00
CA THR C 148 -24.02 17.99 -32.31
C THR C 148 -25.27 18.29 -31.50
N GLY C 149 -25.14 18.98 -30.36
CA GLY C 149 -26.35 19.26 -29.58
C GLY C 149 -26.09 20.18 -28.42
N THR C 150 -27.15 20.81 -27.94
CA THR C 150 -27.10 21.68 -26.77
C THR C 150 -28.08 21.15 -25.73
N GLY C 151 -27.53 20.65 -24.64
CA GLY C 151 -28.27 20.23 -23.45
C GLY C 151 -29.50 19.39 -23.69
N ALA C 152 -29.32 18.25 -24.35
CA ALA C 152 -30.42 17.33 -24.64
C ALA C 152 -31.39 17.86 -25.71
N GLN C 153 -30.95 18.71 -26.64
CA GLN C 153 -31.62 18.79 -27.93
C GLN C 153 -30.59 18.61 -29.04
N THR C 154 -30.89 17.70 -29.95
CA THR C 154 -29.98 17.38 -31.04
C THR C 154 -30.21 18.35 -32.17
N THR C 155 -29.16 19.11 -32.49
CA THR C 155 -29.19 20.10 -33.60
C THR C 155 -28.95 19.30 -34.89
N SER C 156 -27.83 18.61 -34.97
CA SER C 156 -27.56 17.76 -36.15
C SER C 156 -27.38 16.32 -35.68
N LEU C 157 -27.70 15.35 -36.53
CA LEU C 157 -27.64 13.92 -36.11
C LEU C 157 -27.36 13.08 -37.35
N PHE C 158 -26.16 12.53 -37.47
CA PHE C 158 -25.75 11.77 -38.65
C PHE C 158 -25.18 10.42 -38.23
N SER C 159 -25.78 9.34 -38.75
CA SER C 159 -25.21 8.00 -38.67
C SER C 159 -24.54 7.69 -40.01
N LEU C 160 -23.21 7.79 -40.03
CA LEU C 160 -22.39 7.58 -41.21
C LEU C 160 -21.78 6.18 -41.15
N SER C 161 -21.79 5.49 -42.29
CA SER C 161 -21.39 4.08 -42.35
C SER C 161 -19.87 4.03 -42.47
N MET C 162 -19.21 3.89 -41.34
CA MET C 162 -17.78 3.64 -41.28
C MET C 162 -17.57 2.76 -40.07
N GLY C 163 -16.85 1.68 -40.25
CA GLY C 163 -16.50 0.82 -39.14
C GLY C 163 -15.08 1.06 -38.68
N CYS C 164 -14.80 0.53 -37.50
CA CYS C 164 -13.45 0.09 -37.19
C CYS C 164 -13.20 -1.31 -37.74
N VAL C 165 -14.26 -2.03 -38.07
CA VAL C 165 -14.12 -3.30 -38.76
C VAL C 165 -14.05 -3.10 -40.27
N THR C 166 -14.94 -2.27 -40.82
CA THR C 166 -15.05 -2.07 -42.26
C THR C 166 -14.01 -1.08 -42.81
N TRP C 167 -13.50 -0.21 -41.95
CA TRP C 167 -12.35 0.61 -42.44
C TRP C 167 -11.09 -0.23 -42.26
N LEU C 168 -11.20 -1.34 -41.52
CA LEU C 168 -10.10 -2.29 -41.24
C LEU C 168 -9.97 -3.24 -42.44
N GLU C 169 -10.86 -4.23 -42.55
CA GLU C 169 -10.82 -5.22 -43.66
C GLU C 169 -10.67 -4.49 -44.99
N ARG C 170 -11.56 -3.52 -45.25
CA ARG C 170 -11.56 -2.74 -46.50
C ARG C 170 -10.15 -2.22 -46.83
N TYR C 171 -9.56 -1.40 -45.95
CA TYR C 171 -8.27 -0.73 -46.29
C TYR C 171 -7.04 -1.37 -45.62
N PHE C 172 -7.21 -2.48 -44.90
CA PHE C 172 -6.04 -3.18 -44.30
C PHE C 172 -6.21 -4.68 -44.51
N ALA C 173 -5.30 -5.28 -45.30
CA ALA C 173 -5.37 -6.73 -45.55
C ALA C 173 -4.31 -7.42 -44.69
N LEU C 177 -0.09 -2.39 -41.67
CA LEU C 177 -0.34 -1.00 -41.32
C LEU C 177 0.81 -0.16 -41.87
N GLY C 178 0.52 0.61 -42.91
CA GLY C 178 1.46 1.60 -43.39
C GLY C 178 1.20 2.96 -42.76
N GLN C 179 2.19 3.84 -42.90
CA GLN C 179 1.92 5.24 -42.60
C GLN C 179 0.87 5.78 -43.56
N GLU C 180 0.86 5.26 -44.78
CA GLU C 180 -0.05 5.62 -45.86
C GLU C 180 -1.29 4.74 -45.94
N ASN C 181 -1.31 3.59 -45.25
CA ASN C 181 -2.51 2.77 -45.22
C ASN C 181 -3.59 3.43 -44.37
N PHE C 182 -3.17 4.16 -43.34
CA PHE C 182 -4.16 4.94 -42.57
C PHE C 182 -4.76 5.89 -43.61
N ASP C 183 -3.83 6.50 -44.34
CA ASP C 183 -4.00 7.50 -45.43
C ASP C 183 -5.20 7.14 -46.30
N ALA C 184 -5.31 5.89 -46.72
CA ALA C 184 -6.47 5.48 -47.56
C ALA C 184 -7.73 5.69 -46.73
N ALA C 185 -7.85 4.92 -45.64
CA ALA C 185 -9.05 4.96 -44.77
C ALA C 185 -9.30 6.40 -44.31
N GLU C 186 -8.22 7.16 -44.07
CA GLU C 186 -8.35 8.57 -43.63
C GLU C 186 -9.20 9.34 -44.64
N LYS C 187 -8.69 9.46 -45.87
CA LYS C 187 -9.45 10.17 -46.96
C LYS C 187 -10.77 9.44 -47.20
N ALA C 188 -10.74 8.10 -47.20
CA ALA C 188 -11.97 7.30 -47.34
C ALA C 188 -13.00 7.80 -46.33
N ALA C 189 -12.63 7.81 -45.04
CA ALA C 189 -13.54 8.29 -43.98
C ALA C 189 -13.76 9.80 -44.14
N ARG C 190 -12.73 10.53 -44.62
CA ARG C 190 -12.84 11.99 -44.84
C ARG C 190 -13.83 12.28 -45.98
N GLU C 191 -14.04 11.37 -46.93
CA GLU C 191 -15.02 11.64 -48.01
C GLU C 191 -16.41 11.76 -47.37
N VAL C 192 -16.72 10.89 -46.42
CA VAL C 192 -18.02 10.91 -45.68
C VAL C 192 -18.02 12.14 -44.75
N LEU C 193 -16.86 12.53 -44.26
CA LEU C 193 -16.71 13.72 -43.38
C LEU C 193 -16.65 14.99 -44.24
N ARG C 194 -16.40 14.82 -45.55
CA ARG C 194 -16.25 16.00 -46.43
C ARG C 194 -17.58 16.76 -46.52
N PRO C 195 -18.74 16.10 -46.73
CA PRO C 195 -19.99 16.89 -46.81
C PRO C 195 -20.39 17.59 -45.51
N VAL C 196 -20.20 16.94 -44.35
CA VAL C 196 -20.76 17.42 -43.09
C VAL C 196 -19.79 18.31 -42.29
N ALA C 197 -18.58 18.54 -42.79
CA ALA C 197 -17.75 19.60 -42.21
C ALA C 197 -18.49 20.93 -42.23
N ASP C 198 -19.35 21.12 -43.23
CA ASP C 198 -20.28 22.23 -43.36
C ASP C 198 -21.16 22.32 -42.12
N GLU C 199 -21.98 21.28 -41.90
CA GLU C 199 -23.05 21.34 -40.90
C GLU C 199 -22.58 21.01 -39.48
N LEU C 200 -21.45 20.35 -39.33
CA LEU C 200 -20.96 20.07 -37.99
C LEU C 200 -20.22 21.26 -37.41
N ARG C 201 -19.37 21.92 -38.20
CA ARG C 201 -18.83 23.18 -37.71
C ARG C 201 -19.81 24.33 -37.88
N TYR C 202 -20.95 24.08 -38.53
CA TYR C 202 -22.06 25.02 -38.55
C TYR C 202 -22.54 25.26 -37.12
N HIS C 203 -23.11 24.21 -36.53
CA HIS C 203 -23.61 24.31 -35.17
C HIS C 203 -22.46 24.34 -34.17
N GLY C 204 -21.33 23.76 -34.53
CA GLY C 204 -20.17 23.81 -33.67
C GLY C 204 -20.32 22.99 -32.40
N TRP C 205 -19.53 23.35 -31.39
CA TRP C 205 -19.49 22.75 -30.06
C TRP C 205 -18.49 23.55 -29.25
N LYS C 206 -18.66 23.52 -27.94
CA LYS C 206 -17.59 23.97 -27.08
C LYS C 206 -16.88 22.82 -26.37
N VAL C 207 -17.38 21.59 -26.48
CA VAL C 207 -16.68 20.42 -25.93
C VAL C 207 -16.93 19.23 -26.85
N CYS C 208 -15.91 18.39 -27.03
CA CYS C 208 -16.00 17.19 -27.85
C CYS C 208 -15.84 15.92 -26.99
N VAL C 209 -16.66 14.92 -27.24
CA VAL C 209 -16.72 13.75 -26.37
C VAL C 209 -16.92 12.47 -27.20
N GLY C 210 -16.01 11.48 -26.98
CA GLY C 210 -16.12 10.17 -27.61
C GLY C 210 -16.90 9.18 -26.78
N ALA C 211 -17.39 8.12 -27.43
CA ALA C 211 -18.34 7.27 -26.70
C ALA C 211 -18.05 5.77 -26.73
N SER C 212 -17.30 5.22 -27.68
CA SER C 212 -17.35 3.76 -27.76
C SER C 212 -15.97 3.12 -27.54
N GLY C 213 -15.81 1.90 -28.05
CA GLY C 213 -14.64 1.08 -27.70
C GLY C 213 -13.31 1.69 -28.14
N THR C 214 -13.23 2.15 -29.39
CA THR C 214 -11.98 2.78 -29.81
C THR C 214 -11.66 4.00 -28.94
N VAL C 215 -12.68 4.82 -28.64
CA VAL C 215 -12.47 5.90 -27.70
C VAL C 215 -12.02 5.34 -26.35
N GLN C 216 -12.85 4.47 -25.76
CA GLN C 216 -12.49 3.79 -24.52
C GLN C 216 -11.09 3.20 -24.58
N ALA C 217 -10.74 2.56 -25.70
CA ALA C 217 -9.42 1.99 -25.86
C ALA C 217 -8.35 3.04 -25.64
N LEU C 218 -8.37 4.08 -26.46
CA LEU C 218 -7.40 5.15 -26.33
C LEU C 218 -7.31 5.70 -24.92
N GLN C 219 -8.46 5.92 -24.28
CA GLN C 219 -8.44 6.32 -22.89
C GLN C 219 -7.53 5.43 -22.07
N GLU C 220 -7.68 4.12 -22.23
CA GLU C 220 -6.93 3.18 -21.39
C GLU C 220 -5.45 3.12 -21.74
N ILE C 221 -5.05 3.45 -22.96
CA ILE C 221 -3.62 3.45 -23.25
C ILE C 221 -2.97 4.70 -22.67
N MET C 222 -3.69 5.83 -22.74
CA MET C 222 -3.17 7.05 -22.15
C MET C 222 -2.98 6.87 -20.65
N MET C 223 -4.04 6.46 -19.95
N MET C 223 -4.00 6.36 -19.96
CA MET C 223 -3.94 6.03 -18.55
CA MET C 223 -3.88 6.11 -18.52
C MET C 223 -2.70 5.18 -18.34
C MET C 223 -2.87 5.00 -18.21
N ALA C 224 -2.52 4.16 -19.19
CA ALA C 224 -1.44 3.19 -18.99
C ALA C 224 -0.07 3.81 -19.16
N GLN C 225 0.07 4.78 -20.03
CA GLN C 225 1.39 5.29 -20.36
C GLN C 225 1.81 6.48 -19.53
N GLY C 226 0.91 7.00 -18.70
CA GLY C 226 1.24 8.11 -17.85
C GLY C 226 0.73 9.47 -18.28
N MET C 227 -0.12 9.54 -19.31
CA MET C 227 -0.69 10.81 -19.73
C MET C 227 -2.00 11.07 -18.99
N ASP C 228 -2.51 12.29 -19.14
CA ASP C 228 -3.83 12.60 -18.60
C ASP C 228 -4.88 12.03 -19.55
N GLU C 229 -6.13 12.38 -19.35
CA GLU C 229 -7.22 11.81 -20.14
C GLU C 229 -7.67 12.71 -21.28
N ARG C 230 -7.03 13.85 -21.45
CA ARG C 230 -7.31 14.70 -22.60
C ARG C 230 -6.76 14.05 -23.86
N ILE C 231 -7.62 13.69 -24.80
CA ILE C 231 -7.20 13.18 -26.10
C ILE C 231 -6.90 14.37 -26.99
N THR C 232 -5.62 14.56 -27.33
CA THR C 232 -5.22 15.61 -28.27
C THR C 232 -4.60 15.00 -29.51
N LEU C 233 -4.74 15.76 -30.59
CA LEU C 233 -4.16 15.45 -31.90
C LEU C 233 -2.70 15.01 -31.80
N GLU C 234 -1.91 15.71 -31.00
CA GLU C 234 -0.49 15.41 -30.91
C GLU C 234 -0.24 14.06 -30.24
N LYS C 235 -1.19 13.60 -29.43
CA LYS C 235 -1.06 12.32 -28.73
C LYS C 235 -1.40 11.15 -29.64
N LEU C 236 -2.40 11.32 -30.51
CA LEU C 236 -2.66 10.33 -31.54
C LEU C 236 -1.55 10.27 -32.58
N GLN C 237 -0.71 11.31 -32.67
CA GLN C 237 0.44 11.31 -33.58
C GLN C 237 1.65 10.59 -33.01
N GLN C 238 1.71 10.45 -31.68
CA GLN C 238 2.64 9.52 -31.07
C GLN C 238 2.38 8.10 -31.56
N LEU C 239 1.11 7.82 -31.83
CA LEU C 239 0.67 6.50 -32.23
C LEU C 239 0.86 6.28 -33.73
N LYS C 240 0.22 7.14 -34.55
CA LYS C 240 0.29 6.98 -36.01
C LYS C 240 1.72 6.87 -36.50
N GLN C 241 2.65 7.63 -35.91
CA GLN C 241 4.05 7.52 -36.31
C GLN C 241 4.74 6.32 -35.66
N ARG C 242 4.19 5.80 -34.56
CA ARG C 242 4.57 4.50 -34.01
C ARG C 242 3.65 3.37 -34.48
N ALA C 243 2.69 3.67 -35.38
CA ALA C 243 1.70 2.70 -35.87
C ALA C 243 2.08 2.00 -37.17
N ILE C 244 3.03 2.54 -37.92
CA ILE C 244 3.73 1.73 -38.90
C ILE C 244 4.95 1.07 -38.26
N HIS C 245 5.27 1.44 -37.00
CA HIS C 245 6.41 0.87 -36.29
C HIS C 245 6.28 -0.64 -36.12
N CYS C 246 5.09 -1.12 -35.74
CA CYS C 246 4.87 -2.56 -35.64
C CYS C 246 4.48 -3.15 -37.00
N GLY C 247 3.64 -2.46 -37.77
CA GLY C 247 3.57 -2.62 -39.21
C GLY C 247 2.45 -3.47 -39.78
N ARG C 248 1.92 -4.43 -39.03
CA ARG C 248 0.86 -5.28 -39.57
C ARG C 248 -0.25 -5.57 -38.56
N THR C 258 -5.77 -3.59 -25.29
CA THR C 258 -6.45 -4.85 -24.89
C THR C 258 -6.54 -5.76 -26.12
N LEU C 259 -6.38 -7.08 -25.90
CA LEU C 259 -6.40 -8.13 -26.95
C LEU C 259 -7.52 -7.87 -27.96
N GLU C 260 -8.77 -8.05 -27.55
CA GLU C 260 -9.91 -7.84 -28.49
C GLU C 260 -9.82 -6.43 -29.09
N ARG C 261 -9.61 -5.42 -28.26
CA ARG C 261 -9.56 -4.01 -28.75
C ARG C 261 -8.49 -3.87 -29.84
N ALA C 262 -7.26 -4.26 -29.53
CA ALA C 262 -6.08 -4.13 -30.42
C ALA C 262 -6.41 -4.47 -31.88
N LEU C 263 -6.96 -5.66 -32.10
CA LEU C 263 -7.28 -6.16 -33.46
C LEU C 263 -8.00 -5.10 -34.32
N VAL C 264 -9.01 -4.43 -33.75
CA VAL C 264 -9.83 -3.44 -34.44
C VAL C 264 -9.31 -2.03 -34.25
N PHE C 265 -8.17 -1.88 -33.58
CA PHE C 265 -7.68 -0.56 -33.20
C PHE C 265 -7.27 0.33 -34.37
N PRO C 266 -6.41 -0.11 -35.30
CA PRO C 266 -5.80 0.86 -36.22
C PRO C 266 -6.80 1.59 -37.09
N SER C 267 -7.87 0.88 -37.49
CA SER C 267 -8.94 1.49 -38.34
C SER C 267 -9.65 2.56 -37.52
N GLY C 268 -10.14 2.18 -36.34
CA GLY C 268 -10.74 3.19 -35.48
C GLY C 268 -9.80 4.37 -35.29
N LEU C 269 -8.55 4.09 -34.92
CA LEU C 269 -7.53 5.14 -34.77
C LEU C 269 -7.37 5.96 -36.04
N ALA C 270 -7.38 5.30 -37.20
CA ALA C 270 -7.32 6.05 -38.46
C ALA C 270 -8.55 6.93 -38.62
N ILE C 271 -9.71 6.48 -38.13
CA ILE C 271 -10.92 7.29 -38.22
C ILE C 271 -10.83 8.49 -37.29
N LEU C 272 -10.37 8.27 -36.05
CA LEU C 272 -10.26 9.37 -35.11
C LEU C 272 -9.24 10.40 -35.59
N ILE C 273 -8.04 9.95 -35.96
CA ILE C 273 -7.05 10.89 -36.49
C ILE C 273 -7.56 11.56 -37.75
N ALA C 274 -8.57 10.98 -38.41
CA ALA C 274 -9.20 11.67 -39.51
C ALA C 274 -10.22 12.68 -39.03
N ILE C 275 -10.93 12.38 -37.93
CA ILE C 275 -11.98 13.27 -37.46
C ILE C 275 -11.39 14.49 -36.75
N PHE C 276 -10.30 14.32 -36.00
CA PHE C 276 -9.64 15.44 -35.35
C PHE C 276 -9.10 16.45 -36.36
N THR C 277 -8.54 15.95 -37.46
CA THR C 277 -7.96 16.80 -38.49
C THR C 277 -9.03 17.47 -39.33
N GLU C 278 -10.08 16.73 -39.67
CA GLU C 278 -11.18 17.29 -40.45
C GLU C 278 -11.88 18.42 -39.71
N LEU C 279 -12.32 18.15 -38.48
CA LEU C 279 -13.16 19.07 -37.72
C LEU C 279 -12.36 20.01 -36.83
N ASN C 280 -11.03 19.89 -36.82
CA ASN C 280 -10.17 20.69 -35.94
C ASN C 280 -10.64 20.62 -34.49
N ILE C 281 -11.02 19.42 -34.06
CA ILE C 281 -11.31 19.17 -32.66
C ILE C 281 -10.03 19.34 -31.86
N GLN C 282 -10.07 20.21 -30.86
CA GLN C 282 -8.88 20.39 -30.04
C GLN C 282 -8.68 19.21 -29.11
N CYS C 283 -9.75 18.81 -28.43
CA CYS C 283 -9.68 17.91 -27.29
C CYS C 283 -10.93 17.04 -27.29
N MET C 284 -10.75 15.74 -27.05
CA MET C 284 -11.85 14.82 -26.83
C MET C 284 -11.64 14.08 -25.52
N THR C 285 -12.69 13.97 -24.75
CA THR C 285 -12.67 13.15 -23.55
C THR C 285 -13.84 12.19 -23.63
N LEU C 286 -13.79 11.18 -22.76
CA LEU C 286 -14.67 10.04 -22.87
C LEU C 286 -16.00 10.35 -22.21
N ALA C 287 -17.09 10.15 -22.95
CA ALA C 287 -18.39 10.26 -22.33
C ALA C 287 -18.54 9.23 -21.24
N GLY C 288 -19.34 9.59 -20.25
CA GLY C 288 -19.80 8.63 -19.29
C GLY C 288 -21.06 7.92 -19.69
N GLY C 289 -21.50 8.04 -20.93
CA GLY C 289 -22.74 7.42 -21.36
C GLY C 289 -22.72 6.97 -22.81
N ALA C 290 -23.71 6.17 -23.17
CA ALA C 290 -23.79 5.57 -24.50
C ALA C 290 -25.24 5.16 -24.72
N LEU C 291 -25.45 4.21 -25.64
CA LEU C 291 -26.81 3.81 -25.99
C LEU C 291 -27.59 3.36 -24.76
N ARG C 292 -27.02 2.44 -24.00
CA ARG C 292 -27.80 1.75 -22.99
C ARG C 292 -28.25 2.71 -21.88
N GLU C 293 -27.42 3.71 -21.59
CA GLU C 293 -27.85 4.76 -20.68
C GLU C 293 -28.95 5.60 -21.29
N GLY C 294 -28.83 5.94 -22.59
CA GLY C 294 -29.92 6.63 -23.27
C GLY C 294 -31.26 5.94 -23.05
N LEU C 295 -31.31 4.64 -23.34
CA LEU C 295 -32.53 3.89 -23.13
C LEU C 295 -33.04 3.99 -21.71
N VAL C 296 -32.16 3.87 -20.74
CA VAL C 296 -32.69 3.76 -19.39
C VAL C 296 -32.90 5.13 -18.75
N TYR C 297 -32.17 6.17 -19.19
CA TYR C 297 -32.56 7.51 -18.76
C TYR C 297 -33.84 7.96 -19.43
N GLY C 298 -34.06 7.59 -20.71
CA GLY C 298 -35.33 7.91 -21.35
C GLY C 298 -36.50 7.40 -20.53
N MET C 299 -36.35 6.25 -19.88
CA MET C 299 -37.49 5.67 -19.15
C MET C 299 -37.68 6.33 -17.82
N LEU C 300 -36.66 7.07 -17.37
CA LEU C 300 -36.70 7.73 -16.08
C LEU C 300 -37.65 8.93 -16.05
N HIS C 301 -37.85 9.57 -17.21
CA HIS C 301 -38.76 10.71 -17.33
C HIS C 301 -38.28 11.88 -16.48
N LEU C 302 -37.01 12.25 -16.71
CA LEU C 302 -36.28 13.26 -15.96
C LEU C 302 -36.19 14.56 -16.73
N ALA C 303 -36.71 15.63 -16.14
CA ALA C 303 -36.45 16.96 -16.67
C ALA C 303 -34.96 17.12 -16.82
N VAL C 304 -34.50 17.51 -17.99
CA VAL C 304 -33.07 17.52 -18.21
C VAL C 304 -32.47 18.77 -17.55
N GLU C 305 -31.36 18.58 -16.86
CA GLU C 305 -30.78 19.58 -16.00
C GLU C 305 -29.93 20.58 -16.76
N GLN C 306 -29.85 21.79 -16.20
N GLN C 306 -29.83 21.78 -16.21
CA GLN C 306 -28.94 22.81 -16.70
CA GLN C 306 -28.92 22.76 -16.77
C GLN C 306 -27.48 22.38 -16.54
C GLN C 306 -27.48 22.33 -16.57
N ASP C 307 -27.19 21.67 -15.46
CA ASP C 307 -25.84 21.19 -15.15
C ASP C 307 -25.94 19.82 -14.50
N ILE C 308 -25.36 18.83 -15.16
CA ILE C 308 -25.50 17.44 -14.73
C ILE C 308 -24.83 17.22 -13.37
N ARG C 309 -23.63 17.77 -13.20
CA ARG C 309 -22.91 17.64 -11.94
C ARG C 309 -23.75 18.09 -10.76
N SER C 310 -24.63 19.07 -10.95
CA SER C 310 -25.46 19.51 -9.84
C SER C 310 -26.43 18.42 -9.45
N ARG C 311 -27.00 17.74 -10.45
CA ARG C 311 -27.93 16.66 -10.13
C ARG C 311 -27.23 15.54 -9.38
N THR C 312 -26.02 15.21 -9.81
CA THR C 312 -25.27 14.15 -9.15
C THR C 312 -25.03 14.49 -7.69
N LEU C 313 -24.45 15.67 -7.44
CA LEU C 313 -24.15 16.10 -6.09
C LEU C 313 -25.41 16.08 -5.24
N ARG C 314 -26.49 16.71 -5.74
CA ARG C 314 -27.76 16.70 -5.05
C ARG C 314 -28.16 15.26 -4.68
N ASN C 315 -28.12 14.33 -5.63
N ASN C 315 -28.10 14.34 -5.63
CA ASN C 315 -28.57 12.98 -5.32
CA ASN C 315 -28.58 12.99 -5.33
C ASN C 315 -27.69 12.31 -4.26
C ASN C 315 -27.68 12.25 -4.33
N ILE C 316 -26.36 12.51 -4.35
CA ILE C 316 -25.47 11.89 -3.37
C ILE C 316 -25.76 12.45 -1.98
N GLN C 317 -26.04 13.76 -1.92
CA GLN C 317 -26.36 14.39 -0.65
C GLN C 317 -27.62 13.81 -0.02
N ARG C 318 -28.67 13.57 -0.81
CA ARG C 318 -29.84 12.88 -0.27
C ARG C 318 -29.45 11.51 0.23
N ARG C 319 -28.82 10.71 -0.64
CA ARG C 319 -28.51 9.31 -0.33
C ARG C 319 -27.76 9.16 0.99
N PHE C 320 -26.76 10.02 1.23
CA PHE C 320 -25.92 9.91 2.42
C PHE C 320 -26.29 10.93 3.52
N MET C 321 -27.46 11.56 3.38
CA MET C 321 -27.97 12.49 4.39
C MET C 321 -26.89 13.49 4.78
N ILE C 322 -26.24 14.02 3.77
CA ILE C 322 -25.33 15.14 3.97
C ILE C 322 -26.14 16.37 4.34
N ASP C 323 -25.75 17.04 5.41
CA ASP C 323 -26.22 18.39 5.73
C ASP C 323 -25.94 19.35 4.58
N ILE C 324 -27.02 19.77 3.92
CA ILE C 324 -26.97 20.67 2.77
C ILE C 324 -26.64 22.11 3.15
N ASP C 325 -27.19 22.61 4.26
CA ASP C 325 -26.90 24.00 4.62
C ASP C 325 -25.41 24.17 4.90
N GLN C 326 -24.84 23.26 5.69
CA GLN C 326 -23.40 23.28 5.97
C GLN C 326 -22.59 23.09 4.69
N ALA C 327 -23.03 22.18 3.82
CA ALA C 327 -22.37 22.01 2.53
C ALA C 327 -22.36 23.31 1.73
N GLN C 328 -23.53 23.96 1.59
CA GLN C 328 -23.64 25.19 0.81
C GLN C 328 -22.78 26.30 1.39
N ARG C 329 -22.75 26.39 2.73
CA ARG C 329 -22.01 27.46 3.40
C ARG C 329 -20.52 27.39 3.10
N VAL C 330 -19.94 26.18 3.09
CA VAL C 330 -18.52 26.00 2.77
C VAL C 330 -18.23 26.31 1.30
N ALA C 331 -19.12 25.90 0.40
CA ALA C 331 -18.93 26.24 -1.00
C ALA C 331 -18.85 27.75 -1.19
N LYS C 332 -19.76 28.49 -0.54
CA LYS C 332 -19.74 29.96 -0.64
C LYS C 332 -18.39 30.52 -0.22
N VAL C 333 -17.92 30.15 0.98
CA VAL C 333 -16.62 30.65 1.45
C VAL C 333 -15.52 30.28 0.47
N ALA C 334 -15.46 29.01 0.06
CA ALA C 334 -14.42 28.58 -0.86
C ALA C 334 -14.50 29.32 -2.19
N ALA C 335 -15.71 29.49 -2.73
CA ALA C 335 -15.90 30.27 -3.95
C ALA C 335 -15.39 31.70 -3.78
N ASN C 336 -15.72 32.33 -2.65
CA ASN C 336 -15.24 33.66 -2.38
C ASN C 336 -13.71 33.71 -2.36
N PHE C 337 -13.08 32.79 -1.60
CA PHE C 337 -11.63 32.69 -1.56
C PHE C 337 -11.03 32.48 -2.95
N PHE C 338 -11.65 31.61 -3.75
CA PHE C 338 -11.11 31.32 -5.07
C PHE C 338 -11.09 32.58 -5.91
N ASP C 339 -12.24 33.25 -6.01
CA ASP C 339 -12.33 34.50 -6.75
C ASP C 339 -11.27 35.52 -6.34
N GLN C 340 -10.87 35.53 -5.06
CA GLN C 340 -9.93 36.56 -4.62
C GLN C 340 -8.49 36.24 -4.95
N VAL C 341 -8.16 34.97 -5.20
CA VAL C 341 -6.82 34.59 -5.58
C VAL C 341 -6.75 34.18 -7.03
N GLU C 342 -7.89 34.16 -7.73
CA GLU C 342 -7.96 33.68 -9.09
C GLU C 342 -6.91 34.30 -10.01
N ASN C 343 -6.80 35.62 -10.01
CA ASN C 343 -5.86 36.28 -10.92
C ASN C 343 -4.42 35.98 -10.55
N GLU C 344 -4.07 36.11 -9.26
CA GLU C 344 -2.68 35.87 -8.90
C GLU C 344 -2.28 34.42 -9.15
N TRP C 345 -3.20 33.46 -8.97
CA TRP C 345 -2.88 32.06 -9.21
C TRP C 345 -3.32 31.56 -10.58
N HIS C 346 -3.95 32.42 -11.39
CA HIS C 346 -4.31 32.11 -12.77
C HIS C 346 -5.19 30.89 -12.85
N LEU C 347 -6.09 30.73 -11.89
CA LEU C 347 -6.97 29.57 -11.90
C LEU C 347 -8.02 29.66 -12.99
N GLU C 348 -8.27 28.53 -13.64
CA GLU C 348 -9.29 28.41 -14.68
C GLU C 348 -10.57 27.87 -14.07
N ALA C 349 -11.62 27.83 -14.89
CA ALA C 349 -12.95 27.65 -14.32
C ALA C 349 -13.19 26.22 -13.88
N ILE C 350 -12.60 25.25 -14.57
CA ILE C 350 -12.86 23.87 -14.17
C ILE C 350 -12.36 23.64 -12.75
N SER C 351 -11.22 24.26 -12.38
CA SER C 351 -10.74 24.22 -10.99
C SER C 351 -11.79 24.76 -10.01
N ARG C 352 -12.50 25.82 -10.38
CA ARG C 352 -13.55 26.32 -9.51
C ARG C 352 -14.64 25.29 -9.31
N ASP C 353 -15.07 24.64 -10.40
CA ASP C 353 -16.13 23.63 -10.26
C ASP C 353 -15.64 22.39 -9.51
N LEU C 354 -14.36 22.03 -9.65
CA LEU C 354 -13.82 20.94 -8.85
C LEU C 354 -13.82 21.32 -7.37
N LEU C 355 -13.36 22.55 -7.06
CA LEU C 355 -13.33 23.01 -5.69
C LEU C 355 -14.72 23.01 -5.06
N ILE C 356 -15.69 23.66 -5.71
CA ILE C 356 -17.05 23.67 -5.19
C ILE C 356 -17.56 22.24 -5.02
N SER C 357 -17.42 21.43 -6.07
CA SER C 357 -17.88 20.06 -5.99
C SER C 357 -17.30 19.35 -4.76
N ALA C 358 -16.00 19.56 -4.50
CA ALA C 358 -15.39 19.06 -3.27
C ALA C 358 -16.17 19.51 -2.05
N CYS C 359 -16.46 20.83 -1.97
CA CYS C 359 -17.19 21.36 -0.80
C CYS C 359 -18.57 20.72 -0.66
N GLN C 360 -19.25 20.47 -1.78
CA GLN C 360 -20.57 19.87 -1.64
C GLN C 360 -20.47 18.47 -1.03
N LEU C 361 -19.36 17.77 -1.23
CA LEU C 361 -19.25 16.39 -0.77
C LEU C 361 -18.45 16.24 0.51
N HIS C 362 -17.77 17.31 0.95
CA HIS C 362 -16.68 17.20 1.91
C HIS C 362 -17.09 16.54 3.23
N GLU C 363 -18.37 16.59 3.62
CA GLU C 363 -18.76 15.90 4.85
C GLU C 363 -19.30 14.48 4.64
N ILE C 364 -19.23 13.93 3.42
CA ILE C 364 -19.84 12.61 3.20
C ILE C 364 -19.20 11.56 4.11
N GLY C 365 -17.92 11.74 4.50
CA GLY C 365 -17.30 10.80 5.43
C GLY C 365 -18.03 10.71 6.76
N LEU C 366 -18.62 11.81 7.19
CA LEU C 366 -19.44 11.79 8.39
C LEU C 366 -20.58 10.79 8.32
N SER C 367 -21.07 10.43 7.12
CA SER C 367 -22.04 9.36 6.98
C SER C 367 -21.61 8.13 7.72
N VAL C 368 -20.32 7.80 7.61
CA VAL C 368 -19.84 6.54 8.15
C VAL C 368 -19.58 6.72 9.64
N ASP C 369 -18.72 7.67 9.99
CA ASP C 369 -18.35 7.89 11.38
C ASP C 369 -17.57 9.18 11.51
N PHE C 370 -17.61 9.76 12.71
CA PHE C 370 -17.08 11.12 12.85
C PHE C 370 -15.55 11.10 12.95
N LYS C 371 -15.00 10.15 13.67
CA LYS C 371 -13.55 10.09 13.91
C LYS C 371 -12.67 10.24 12.67
N GLN C 372 -12.69 9.26 11.80
CA GLN C 372 -11.83 9.28 10.64
C GLN C 372 -12.57 9.69 9.37
N ALA C 373 -13.51 10.63 9.47
CA ALA C 373 -14.38 11.03 8.37
C ALA C 373 -13.66 11.35 7.05
N PRO C 374 -12.48 12.00 7.04
CA PRO C 374 -11.80 12.21 5.75
C PRO C 374 -11.38 10.90 5.07
N GLN C 375 -10.93 9.92 5.85
CA GLN C 375 -10.68 8.61 5.29
C GLN C 375 -11.93 8.07 4.63
N HIS C 376 -13.06 8.10 5.35
CA HIS C 376 -14.33 7.63 4.80
C HIS C 376 -14.78 8.45 3.61
N ALA C 377 -14.54 9.76 3.64
CA ALA C 377 -14.96 10.57 2.50
C ALA C 377 -14.24 10.11 1.26
N ALA C 378 -12.93 9.94 1.35
CA ALA C 378 -12.15 9.57 0.18
C ALA C 378 -12.50 8.15 -0.27
N TYR C 379 -12.80 7.25 0.67
CA TYR C 379 -13.24 5.92 0.26
C TYR C 379 -14.51 6.00 -0.53
N LEU C 380 -15.51 6.75 -0.04
CA LEU C 380 -16.79 6.80 -0.75
C LEU C 380 -16.62 7.47 -2.10
N VAL C 381 -15.81 8.51 -2.19
CA VAL C 381 -15.77 9.25 -3.45
C VAL C 381 -14.92 8.52 -4.51
N ARG C 382 -13.85 7.81 -4.12
N ARG C 382 -13.87 7.79 -4.10
CA ARG C 382 -13.19 6.95 -5.08
CA ARG C 382 -13.13 6.93 -5.01
C ARG C 382 -14.19 5.98 -5.68
C ARG C 382 -14.05 5.87 -5.61
N ASN C 383 -15.02 5.40 -4.84
CA ASN C 383 -15.82 4.28 -5.27
C ASN C 383 -17.24 4.62 -5.72
N LEU C 384 -17.75 5.83 -5.47
CA LEU C 384 -19.09 6.14 -5.95
C LEU C 384 -19.09 6.32 -7.46
N ASP C 385 -20.23 6.05 -8.07
CA ASP C 385 -20.41 6.43 -9.45
C ASP C 385 -20.84 7.88 -9.47
N LEU C 386 -20.00 8.75 -10.04
CA LEU C 386 -20.26 10.20 -10.07
C LEU C 386 -20.48 10.65 -11.51
N PRO C 387 -21.71 10.57 -12.01
CA PRO C 387 -21.97 10.99 -13.40
C PRO C 387 -21.81 12.50 -13.52
N GLY C 388 -21.14 12.91 -14.57
CA GLY C 388 -20.70 14.27 -14.70
C GLY C 388 -19.26 14.46 -14.36
N PHE C 389 -18.60 13.45 -13.77
CA PHE C 389 -17.20 13.56 -13.37
C PHE C 389 -16.38 12.43 -13.99
N THR C 390 -15.28 12.80 -14.63
CA THR C 390 -14.33 11.83 -15.14
C THR C 390 -13.70 11.00 -14.01
N PRO C 391 -13.21 9.80 -14.34
CA PRO C 391 -12.41 9.05 -13.36
C PRO C 391 -11.28 9.86 -12.74
N ALA C 392 -10.53 10.61 -13.54
CA ALA C 392 -9.45 11.42 -12.98
C ALA C 392 -9.97 12.50 -12.03
N GLN C 393 -11.17 13.01 -12.26
CA GLN C 393 -11.70 14.08 -11.40
C GLN C 393 -12.16 13.52 -10.07
N LYS C 394 -12.75 12.31 -10.10
CA LYS C 394 -13.13 11.64 -8.87
C LYS C 394 -11.95 11.51 -7.93
N LYS C 395 -10.84 10.92 -8.43
CA LYS C 395 -9.66 10.75 -7.60
C LYS C 395 -9.19 12.08 -7.04
N LEU C 396 -9.18 13.13 -7.87
CA LEU C 396 -8.84 14.44 -7.33
C LEU C 396 -9.79 14.82 -6.21
N LEU C 397 -11.11 14.80 -6.44
CA LEU C 397 -12.07 15.09 -5.36
C LEU C 397 -11.75 14.26 -4.12
N ALA C 398 -11.57 12.95 -4.30
CA ALA C 398 -11.31 12.07 -3.17
C ALA C 398 -10.09 12.50 -2.38
N THR C 399 -8.99 12.80 -3.06
CA THR C 399 -7.77 13.10 -2.33
C THR C 399 -7.82 14.49 -1.72
N LEU C 400 -8.56 15.41 -2.35
CA LEU C 400 -8.88 16.67 -1.70
C LEU C 400 -9.63 16.44 -0.41
N LEU C 401 -10.60 15.53 -0.41
CA LEU C 401 -11.39 15.27 0.78
C LEU C 401 -10.54 14.62 1.87
N LEU C 402 -9.64 13.72 1.46
CA LEU C 402 -8.70 13.10 2.40
C LEU C 402 -7.88 14.14 3.12
N ASN C 403 -7.53 15.22 2.44
CA ASN C 403 -6.65 16.22 3.02
C ASN C 403 -7.42 17.45 3.52
N GLN C 404 -8.70 17.29 3.83
CA GLN C 404 -9.46 18.45 4.27
C GLN C 404 -9.02 18.98 5.64
N THR C 405 -8.39 18.14 6.42
CA THR C 405 -7.86 18.56 7.74
C THR C 405 -6.69 17.66 8.10
N ASN C 406 -6.08 17.93 9.26
CA ASN C 406 -4.90 17.21 9.82
C ASN C 406 -3.61 17.56 9.04
N PRO C 407 -2.46 16.97 9.39
CA PRO C 407 -1.24 17.28 8.68
C PRO C 407 -1.42 16.98 7.19
N VAL C 408 -1.08 17.94 6.34
CA VAL C 408 -1.15 17.73 4.89
C VAL C 408 -0.35 16.50 4.50
N ASP C 409 -0.92 15.65 3.64
CA ASP C 409 -0.22 14.49 3.10
C ASP C 409 -0.01 14.66 1.60
N LEU C 410 1.13 15.27 1.23
CA LEU C 410 1.39 15.57 -0.18
C LEU C 410 1.45 14.30 -1.01
N SER C 411 1.96 13.24 -0.41
CA SER C 411 1.98 11.94 -1.07
C SER C 411 0.60 11.55 -1.57
N SER C 412 -0.43 11.68 -0.74
CA SER C 412 -1.72 11.25 -1.26
C SER C 412 -2.39 12.32 -2.12
N LEU C 413 -2.08 13.59 -1.85
CA LEU C 413 -2.58 14.70 -2.66
C LEU C 413 -2.17 14.56 -4.12
N HIS C 414 -0.94 14.15 -4.38
CA HIS C 414 -0.43 14.13 -5.75
C HIS C 414 -0.70 12.80 -6.44
N GLN C 415 -1.60 12.03 -5.88
CA GLN C 415 -2.11 10.84 -6.51
C GLN C 415 -3.18 11.14 -7.54
N GLN C 416 -3.20 12.35 -8.09
CA GLN C 416 -4.24 12.73 -9.04
C GLN C 416 -3.57 13.28 -10.29
N ASN C 417 -4.26 13.23 -11.43
CA ASN C 417 -3.77 13.83 -12.66
C ASN C 417 -4.79 14.77 -13.34
N ALA C 418 -5.89 15.09 -12.65
CA ALA C 418 -6.94 15.90 -13.25
C ALA C 418 -6.52 17.36 -13.39
N VAL C 419 -5.80 17.91 -12.43
CA VAL C 419 -5.30 19.29 -12.49
C VAL C 419 -3.79 19.28 -12.32
N PRO C 420 -3.11 20.34 -12.74
CA PRO C 420 -1.67 20.40 -12.52
C PRO C 420 -1.38 20.33 -11.04
N PRO C 421 -0.22 19.76 -10.64
CA PRO C 421 0.05 19.57 -9.22
C PRO C 421 -0.02 20.84 -8.39
N ARG C 422 0.63 21.93 -8.85
CA ARG C 422 0.53 23.20 -8.15
C ARG C 422 -0.92 23.55 -7.85
N VAL C 423 -1.81 23.33 -8.82
CA VAL C 423 -3.22 23.69 -8.66
C VAL C 423 -3.92 22.78 -7.66
N ALA C 424 -3.61 21.46 -7.68
CA ALA C 424 -4.11 20.56 -6.65
C ALA C 424 -3.78 21.11 -5.26
N GLU C 425 -2.53 21.46 -5.03
CA GLU C 425 -2.16 22.06 -3.75
C GLU C 425 -3.01 23.30 -3.45
N GLN C 426 -3.28 24.14 -4.46
CA GLN C 426 -3.98 25.39 -4.16
C GLN C 426 -5.44 25.14 -3.80
N LEU C 427 -6.11 24.26 -4.55
CA LEU C 427 -7.49 23.93 -4.22
C LEU C 427 -7.57 23.24 -2.86
N CYS C 428 -6.59 22.40 -2.53
CA CYS C 428 -6.46 21.90 -1.16
C CYS C 428 -6.47 23.05 -0.14
N ARG C 429 -5.57 24.02 -0.32
CA ARG C 429 -5.52 25.14 0.61
C ARG C 429 -6.85 25.87 0.70
N LEU C 430 -7.50 26.12 -0.45
CA LEU C 430 -8.77 26.84 -0.42
C LEU C 430 -9.82 26.05 0.36
N LEU C 431 -9.92 24.75 0.09
CA LEU C 431 -10.87 23.88 0.79
C LEU C 431 -10.60 23.84 2.30
N ARG C 432 -9.32 23.67 2.70
CA ARG C 432 -9.02 23.59 4.12
C ARG C 432 -9.44 24.87 4.83
N LEU C 433 -9.04 26.03 4.30
CA LEU C 433 -9.46 27.29 4.93
C LEU C 433 -10.98 27.42 4.93
N ALA C 434 -11.62 27.15 3.79
CA ALA C 434 -13.06 27.32 3.70
C ALA C 434 -13.78 26.56 4.82
N ILE C 435 -13.39 25.30 5.02
CA ILE C 435 -14.03 24.48 6.06
C ILE C 435 -13.89 25.12 7.43
N ILE C 436 -12.76 25.78 7.67
CA ILE C 436 -12.50 26.40 8.97
C ILE C 436 -13.38 27.64 9.19
N PHE C 437 -13.48 28.53 8.22
CA PHE C 437 -14.21 29.76 8.46
C PHE C 437 -15.71 29.64 8.25
N ALA C 438 -16.20 28.55 7.69
CA ALA C 438 -17.63 28.26 7.73
C ALA C 438 -17.98 27.29 8.85
N SER C 439 -17.03 26.96 9.74
CA SER C 439 -17.20 25.80 10.62
C SER C 439 -18.28 25.98 11.67
N ARG C 440 -18.67 27.21 12.00
CA ARG C 440 -19.63 27.40 13.07
C ARG C 440 -21.05 26.93 12.73
N ARG C 441 -21.32 26.59 11.46
CA ARG C 441 -22.62 26.10 10.99
C ARG C 441 -23.72 27.16 11.10
N ARG C 442 -23.34 28.43 11.19
CA ARG C 442 -24.30 29.53 11.12
C ARG C 442 -23.98 30.37 9.90
N ASP C 443 -25.01 30.72 9.14
CA ASP C 443 -24.78 31.55 7.97
C ASP C 443 -24.54 33.00 8.35
N ASP C 444 -24.88 33.39 9.59
CA ASP C 444 -24.64 34.72 10.12
C ASP C 444 -23.36 34.82 10.93
N LEU C 445 -22.72 33.69 11.25
CA LEU C 445 -21.47 33.67 12.02
C LEU C 445 -20.22 33.64 11.15
N VAL C 446 -20.36 33.71 9.82
CA VAL C 446 -19.25 33.61 8.88
C VAL C 446 -18.69 35.01 8.65
N PRO C 447 -17.43 35.28 9.02
CA PRO C 447 -16.94 36.66 9.01
C PRO C 447 -16.62 37.17 7.61
N GLU C 448 -16.46 38.49 7.52
CA GLU C 448 -15.99 39.17 6.33
C GLU C 448 -14.47 39.16 6.30
N MET C 449 -13.88 38.64 5.21
CA MET C 449 -12.45 38.39 5.15
C MET C 449 -11.87 38.79 3.80
N THR C 450 -10.61 39.23 3.83
CA THR C 450 -9.83 39.52 2.63
C THR C 450 -8.76 38.46 2.46
N LEU C 451 -8.71 37.86 1.26
CA LEU C 451 -7.73 36.85 0.93
C LEU C 451 -6.86 37.35 -0.22
N GLN C 452 -5.56 37.37 0.03
CA GLN C 452 -4.59 37.91 -0.91
C GLN C 452 -3.44 36.92 -1.07
N ALA C 453 -3.20 36.53 -2.31
CA ALA C 453 -2.13 35.58 -2.61
C ALA C 453 -0.98 36.33 -3.29
N ASN C 454 0.22 36.14 -2.77
CA ASN C 454 1.46 36.70 -3.35
C ASN C 454 2.37 35.49 -3.53
N HIS C 455 2.37 34.92 -4.73
CA HIS C 455 3.10 33.66 -5.06
C HIS C 455 2.46 32.64 -4.12
N GLU C 456 3.27 32.01 -3.26
CA GLU C 456 2.79 30.87 -2.43
C GLU C 456 2.29 31.36 -1.06
N LEU C 457 2.22 32.66 -0.87
CA LEU C 457 1.82 33.26 0.37
C LEU C 457 0.33 33.54 0.32
N LEU C 458 -0.38 33.11 1.34
CA LEU C 458 -1.74 33.55 1.57
C LEU C 458 -1.75 34.47 2.79
N THR C 459 -2.43 35.60 2.65
CA THR C 459 -2.65 36.50 3.76
C THR C 459 -4.16 36.68 3.90
N LEU C 460 -4.67 36.26 5.05
CA LEU C 460 -6.09 36.33 5.37
C LEU C 460 -6.27 37.43 6.40
N THR C 461 -7.11 38.38 6.11
CA THR C 461 -7.36 39.51 6.99
C THR C 461 -8.72 39.31 7.62
N LEU C 462 -8.73 39.15 8.92
CA LEU C 462 -9.97 38.90 9.62
C LEU C 462 -10.54 40.20 10.18
N PRO C 463 -11.83 40.23 10.48
CA PRO C 463 -12.42 41.42 11.10
C PRO C 463 -11.63 41.79 12.34
N GLN C 464 -11.47 43.10 12.55
CA GLN C 464 -10.66 43.55 13.67
C GLN C 464 -11.27 42.99 14.94
N GLY C 465 -10.40 42.40 15.78
CA GLY C 465 -10.81 41.74 17.01
C GLY C 465 -11.46 40.38 16.88
N TRP C 466 -11.56 39.82 15.67
CA TRP C 466 -12.23 38.54 15.50
C TRP C 466 -11.48 37.43 16.22
N LEU C 467 -10.15 37.41 16.13
CA LEU C 467 -9.39 36.35 16.76
C LEU C 467 -9.59 36.37 18.28
N THR C 468 -9.35 37.52 18.92
CA THR C 468 -9.47 37.59 20.37
C THR C 468 -10.91 37.36 20.82
N GLN C 469 -11.87 37.45 19.92
CA GLN C 469 -13.26 37.17 20.22
C GLN C 469 -13.73 35.80 19.76
N HIS C 470 -12.86 34.97 19.21
CA HIS C 470 -13.21 33.61 18.82
C HIS C 470 -12.07 32.67 19.18
N PRO C 471 -11.98 32.30 20.46
CA PRO C 471 -10.78 31.60 20.93
C PRO C 471 -10.68 30.18 20.41
N LEU C 472 -11.81 29.57 20.02
CA LEU C 472 -11.75 28.28 19.32
C LEU C 472 -11.36 28.48 17.86
N GLY C 473 -11.88 29.53 17.22
CA GLY C 473 -11.40 29.86 15.90
C GLY C 473 -9.91 30.12 15.91
N LYS C 474 -9.45 30.91 16.88
CA LYS C 474 -8.03 31.24 16.95
C LYS C 474 -7.20 29.97 17.05
N GLU C 475 -7.53 29.11 17.98
CA GLU C 475 -6.87 27.81 18.09
C GLU C 475 -6.79 27.08 16.74
N ILE C 476 -7.92 26.98 16.03
CA ILE C 476 -7.98 26.17 14.81
C ILE C 476 -7.14 26.78 13.70
N ILE C 477 -7.17 28.12 13.56
CA ILE C 477 -6.36 28.77 12.53
C ILE C 477 -4.88 28.70 12.86
N ALA C 478 -4.52 28.80 14.14
CA ALA C 478 -3.11 28.63 14.49
C ALA C 478 -2.60 27.25 14.06
N GLN C 479 -3.37 26.23 14.41
CA GLN C 479 -3.08 24.85 14.02
C GLN C 479 -2.99 24.72 12.50
N GLU C 480 -3.98 25.27 11.77
CA GLU C 480 -3.92 25.21 10.32
C GLU C 480 -2.65 25.89 9.79
N SER C 481 -2.30 27.07 10.32
CA SER C 481 -1.04 27.71 9.93
C SER C 481 0.15 26.80 10.14
N GLN C 482 0.18 26.14 11.30
CA GLN C 482 1.27 25.22 11.61
C GLN C 482 1.36 24.14 10.55
N TRP C 483 0.23 23.49 10.26
CA TRP C 483 0.22 22.36 9.31
C TRP C 483 0.65 22.80 7.91
N GLN C 484 0.10 23.92 7.41
CA GLN C 484 0.52 24.39 6.10
C GLN C 484 2.01 24.68 6.07
N SER C 485 2.58 25.06 7.20
CA SER C 485 4.02 25.41 7.21
C SER C 485 4.90 24.17 7.17
N TYR C 486 4.46 23.04 7.74
CA TYR C 486 5.22 21.79 7.67
C TYR C 486 5.43 21.38 6.22
N VAL C 487 4.50 21.79 5.37
CA VAL C 487 4.53 21.45 3.97
C VAL C 487 4.93 22.68 3.14
N HIS C 488 5.42 23.72 3.83
CA HIS C 488 6.03 24.88 3.23
C HIS C 488 5.01 25.72 2.46
N TRP C 489 3.79 25.79 3.00
CA TRP C 489 2.79 26.73 2.52
C TRP C 489 2.66 27.88 3.51
N PRO C 490 3.24 29.05 3.26
CA PRO C 490 3.14 30.16 4.23
C PRO C 490 1.70 30.66 4.35
N LEU C 491 1.22 30.72 5.59
CA LEU C 491 -0.10 31.27 5.88
C LEU C 491 0.02 32.34 6.95
N GLU C 492 -0.53 33.53 6.67
CA GLU C 492 -0.58 34.64 7.61
C GLU C 492 -2.01 35.11 7.75
N VAL C 493 -2.56 35.03 8.95
CA VAL C 493 -3.94 35.46 9.19
C VAL C 493 -3.94 36.44 10.35
N HIS C 494 -4.51 37.64 10.10
CA HIS C 494 -4.51 38.73 11.09
C HIS C 494 -5.92 38.96 11.61
N SER D 6 -31.84 17.51 14.10
CA SER D 6 -31.26 18.62 14.89
C SER D 6 -30.09 18.10 15.74
N LEU D 7 -29.30 19.00 16.31
CA LEU D 7 -28.07 18.65 17.07
C LEU D 7 -28.21 18.90 18.57
N TYR D 8 -27.83 17.91 19.37
CA TYR D 8 -27.94 17.94 20.85
C TYR D 8 -26.54 17.83 21.48
N ALA D 9 -26.37 18.40 22.68
CA ALA D 9 -25.11 18.43 23.40
C ALA D 9 -25.27 18.08 24.87
N ALA D 10 -24.36 17.26 25.37
CA ALA D 10 -24.21 16.97 26.79
C ALA D 10 -22.82 17.45 27.21
N ILE D 11 -22.74 18.16 28.33
CA ILE D 11 -21.45 18.60 28.87
C ILE D 11 -21.35 18.20 30.33
N ASP D 12 -20.20 17.66 30.68
CA ASP D 12 -19.93 17.07 31.98
C ASP D 12 -18.74 17.85 32.54
N LEU D 13 -18.96 18.67 33.57
CA LEU D 13 -17.87 19.39 34.23
C LEU D 13 -17.32 18.49 35.33
N GLY D 14 -16.21 17.82 35.07
CA GLY D 14 -15.63 16.87 36.01
C GLY D 14 -14.57 17.51 36.89
N SER D 15 -13.87 16.63 37.62
CA SER D 15 -12.83 17.08 38.53
C SER D 15 -11.55 17.42 37.79
N ASN D 16 -11.18 16.54 36.88
CA ASN D 16 -9.93 16.68 36.13
C ASN D 16 -10.17 17.32 34.76
N SER D 17 -11.31 17.01 34.15
CA SER D 17 -11.56 17.30 32.75
C SER D 17 -13.00 17.76 32.57
N PHE D 18 -13.23 18.61 31.55
CA PHE D 18 -14.57 18.92 31.07
C PHE D 18 -14.81 18.10 29.81
N HIS D 19 -15.97 17.47 29.73
CA HIS D 19 -16.31 16.55 28.66
C HIS D 19 -17.48 17.11 27.90
N MET D 20 -17.47 16.89 26.59
CA MET D 20 -18.56 17.30 25.73
C MET D 20 -18.87 16.23 24.69
N LEU D 21 -20.15 16.10 24.39
CA LEU D 21 -20.65 15.18 23.38
C LEU D 21 -21.69 15.93 22.55
N VAL D 22 -21.45 16.05 21.25
CA VAL D 22 -22.44 16.60 20.33
C VAL D 22 -22.93 15.47 19.41
N VAL D 23 -24.23 15.42 19.22
CA VAL D 23 -24.87 14.29 18.60
C VAL D 23 -25.93 14.83 17.65
N ARG D 24 -26.11 14.16 16.51
CA ARG D 24 -27.15 14.50 15.55
C ARG D 24 -28.20 13.41 15.52
N GLU D 25 -29.46 13.84 15.58
CA GLU D 25 -30.64 12.95 15.49
C GLU D 25 -30.98 12.79 14.01
N VAL D 26 -30.75 11.61 13.43
CA VAL D 26 -31.05 11.37 12.00
C VAL D 26 -31.78 10.04 11.91
N ALA D 27 -32.69 9.91 10.95
CA ALA D 27 -33.49 8.68 10.79
C ALA D 27 -34.09 8.28 12.12
N GLY D 28 -33.85 7.03 12.56
CA GLY D 28 -34.48 6.56 13.81
C GLY D 28 -33.63 6.74 15.05
N SER D 29 -32.47 7.37 14.94
CA SER D 29 -31.63 7.49 16.16
C SER D 29 -30.73 8.72 16.12
N ILE D 30 -29.60 8.60 16.80
CA ILE D 30 -28.60 9.69 16.94
C ILE D 30 -27.22 9.15 16.58
N GLN D 31 -26.40 9.99 15.96
CA GLN D 31 -25.03 9.66 15.63
C GLN D 31 -24.09 10.69 16.23
N THR D 32 -22.91 10.26 16.67
CA THR D 32 -21.98 11.17 17.31
C THR D 32 -21.36 12.13 16.31
N LEU D 33 -21.24 13.40 16.68
CA LEU D 33 -20.59 14.42 15.86
C LEU D 33 -19.21 14.80 16.37
N THR D 34 -19.13 15.21 17.64
CA THR D 34 -17.86 15.48 18.31
C THR D 34 -17.90 14.83 19.68
N ARG D 35 -16.74 14.41 20.13
CA ARG D 35 -16.57 13.84 21.45
C ARG D 35 -15.26 14.39 21.95
N ILE D 36 -15.33 15.33 22.89
CA ILE D 36 -14.22 16.18 23.25
C ILE D 36 -13.98 16.07 24.74
N LYS D 37 -12.71 16.10 25.11
CA LYS D 37 -12.23 16.14 26.48
C LYS D 37 -11.17 17.22 26.59
N ARG D 38 -11.36 18.16 27.52
CA ARG D 38 -10.35 19.17 27.80
C ARG D 38 -9.97 19.08 29.28
N LYS D 39 -8.68 19.18 29.56
CA LYS D 39 -8.18 19.02 30.92
C LYS D 39 -8.19 20.41 31.56
N VAL D 40 -9.08 20.62 32.55
CA VAL D 40 -9.10 21.87 33.32
C VAL D 40 -8.53 21.73 34.73
N ARG D 41 -8.38 20.49 35.24
CA ARG D 41 -7.77 20.23 36.55
C ARG D 41 -8.42 21.08 37.66
N LEU D 42 -9.75 21.05 37.68
CA LEU D 42 -10.50 21.85 38.63
C LEU D 42 -10.21 21.42 40.06
N ALA D 43 -10.26 20.09 40.31
CA ALA D 43 -10.07 19.57 41.68
C ALA D 43 -8.74 19.98 42.29
N ALA D 44 -7.66 19.91 41.50
CA ALA D 44 -6.35 20.38 41.95
C ALA D 44 -6.37 21.80 42.55
N GLY D 45 -7.39 22.59 42.25
CA GLY D 45 -7.41 23.96 42.76
C GLY D 45 -8.20 24.15 44.05
N LEU D 46 -8.35 23.07 44.82
CA LEU D 46 -9.05 23.09 46.13
C LEU D 46 -7.97 23.37 47.19
N ASN D 47 -8.28 24.11 48.24
CA ASN D 47 -7.22 24.54 49.18
C ASN D 47 -7.33 23.93 50.57
N SER D 48 -8.26 22.99 50.78
CA SER D 48 -8.60 22.26 52.04
C SER D 48 -9.60 23.06 52.88
N GLU D 49 -9.94 24.26 52.42
CA GLU D 49 -11.03 25.09 53.00
C GLU D 49 -12.25 24.92 52.08
N ASN D 50 -12.16 23.99 51.12
CA ASN D 50 -13.20 23.63 50.13
C ASN D 50 -13.47 24.80 49.20
N ALA D 51 -12.44 25.59 48.89
CA ALA D 51 -12.61 26.67 47.93
C ALA D 51 -11.73 26.41 46.73
N LEU D 52 -12.19 26.87 45.56
CA LEU D 52 -11.46 26.68 44.32
C LEU D 52 -10.54 27.86 44.03
N SER D 53 -9.26 27.58 43.75
CA SER D 53 -8.36 28.63 43.35
C SER D 53 -8.97 29.43 42.21
N ASN D 54 -8.61 30.71 42.13
CA ASN D 54 -9.12 31.50 41.01
C ASN D 54 -8.43 31.11 39.71
N GLU D 55 -7.17 30.71 39.77
CA GLU D 55 -6.53 30.20 38.56
C GLU D 55 -7.31 29.02 38.02
N ALA D 56 -7.74 28.11 38.90
CA ALA D 56 -8.56 26.98 38.47
C ALA D 56 -9.87 27.47 37.84
N MET D 57 -10.56 28.39 38.50
CA MET D 57 -11.75 28.95 37.87
C MET D 57 -11.43 29.58 36.52
N GLU D 58 -10.26 30.18 36.37
CA GLU D 58 -9.94 30.80 35.10
C GLU D 58 -9.79 29.74 34.01
N ARG D 59 -9.12 28.63 34.32
CA ARG D 59 -9.01 27.51 33.39
C ARG D 59 -10.38 26.98 32.97
N GLY D 60 -11.23 26.67 33.94
CA GLY D 60 -12.55 26.15 33.64
C GLY D 60 -13.37 27.09 32.77
N TRP D 61 -13.32 28.38 33.09
CA TRP D 61 -14.02 29.35 32.25
C TRP D 61 -13.40 29.44 30.88
N GLN D 62 -12.08 29.29 30.78
CA GLN D 62 -11.48 29.35 29.46
C GLN D 62 -11.91 28.16 28.61
N CYS D 63 -11.93 26.97 29.22
CA CYS D 63 -12.41 25.79 28.52
C CYS D 63 -13.87 25.97 28.10
N LEU D 64 -14.69 26.55 28.97
CA LEU D 64 -16.08 26.73 28.60
C LEU D 64 -16.23 27.74 27.47
N ARG D 65 -15.36 28.76 27.43
CA ARG D 65 -15.40 29.72 26.34
C ARG D 65 -15.25 29.03 25.00
N LEU D 66 -14.40 27.98 24.95
CA LEU D 66 -14.23 27.23 23.72
C LEU D 66 -15.45 26.36 23.45
N PHE D 67 -15.92 25.60 24.48
CA PHE D 67 -17.15 24.82 24.33
C PHE D 67 -18.30 25.69 23.81
N ALA D 68 -18.41 26.91 24.36
CA ALA D 68 -19.53 27.78 24.01
C ALA D 68 -19.48 28.23 22.55
N GLU D 69 -18.26 28.44 22.02
CA GLU D 69 -18.14 28.70 20.58
C GLU D 69 -18.61 27.51 19.75
N ARG D 70 -18.35 26.29 20.22
CA ARG D 70 -18.72 25.08 19.45
C ARG D 70 -20.22 24.79 19.60
N LEU D 71 -20.92 25.55 20.43
CA LEU D 71 -22.32 25.24 20.70
C LEU D 71 -23.31 26.25 20.11
N GLN D 72 -22.86 27.42 19.67
CA GLN D 72 -23.76 28.29 18.91
C GLN D 72 -24.40 27.48 17.79
N ASP D 73 -25.66 27.83 17.48
CA ASP D 73 -26.57 27.11 16.58
C ASP D 73 -27.11 25.84 17.24
N ILE D 74 -26.69 25.53 18.47
CA ILE D 74 -27.41 24.58 19.30
C ILE D 74 -28.26 25.40 20.28
N PRO D 75 -29.55 25.14 20.38
CA PRO D 75 -30.41 25.91 21.29
C PRO D 75 -30.33 25.38 22.71
N PRO D 76 -30.40 26.26 23.70
CA PRO D 76 -30.19 25.82 25.08
C PRO D 76 -31.08 24.67 25.50
N SER D 77 -32.26 24.51 24.89
CA SER D 77 -33.14 23.44 25.34
C SER D 77 -32.66 22.07 24.89
N GLN D 78 -31.72 22.02 23.96
CA GLN D 78 -31.17 20.74 23.53
C GLN D 78 -29.80 20.49 24.15
N ILE D 79 -29.35 21.37 25.05
CA ILE D 79 -28.09 21.22 25.78
C ILE D 79 -28.40 20.89 27.23
N ARG D 80 -27.58 20.03 27.82
CA ARG D 80 -27.61 19.80 29.25
C ARG D 80 -26.18 19.92 29.74
N VAL D 81 -25.95 20.81 30.68
CA VAL D 81 -24.66 20.92 31.33
C VAL D 81 -24.84 20.51 32.79
N VAL D 82 -23.96 19.62 33.26
CA VAL D 82 -23.99 19.10 34.63
C VAL D 82 -22.60 19.22 35.25
N ALA D 83 -22.55 19.00 36.57
CA ALA D 83 -21.36 19.22 37.37
C ALA D 83 -21.27 18.16 38.46
N THR D 84 -20.12 17.48 38.55
CA THR D 84 -19.88 16.32 39.40
C THR D 84 -19.27 16.76 40.73
N ALA D 85 -18.77 15.80 41.53
CA ALA D 85 -18.44 16.02 42.95
C ALA D 85 -17.67 17.32 43.24
N THR D 86 -16.67 17.66 42.43
CA THR D 86 -15.82 18.80 42.77
C THR D 86 -16.64 20.08 42.91
N LEU D 87 -17.50 20.37 41.94
CA LEU D 87 -18.40 21.51 42.13
C LEU D 87 -19.57 21.17 43.06
N ARG D 88 -19.71 19.92 43.48
CA ARG D 88 -20.66 19.64 44.55
C ARG D 88 -20.14 20.14 45.89
N LEU D 89 -18.85 19.88 46.18
CA LEU D 89 -18.16 20.36 47.37
C LEU D 89 -17.25 21.54 46.98
N ALA D 90 -17.83 22.72 47.01
CA ALA D 90 -17.05 23.95 46.96
C ALA D 90 -18.03 25.00 47.44
N VAL D 91 -17.59 25.81 48.39
CA VAL D 91 -18.44 26.94 48.77
C VAL D 91 -18.37 27.92 47.62
N ASN D 92 -17.23 27.89 46.93
CA ASN D 92 -16.99 28.64 45.71
C ASN D 92 -17.94 28.29 44.60
N ALA D 93 -18.48 27.07 44.60
CA ALA D 93 -19.06 26.52 43.38
C ALA D 93 -19.98 27.52 42.74
N GLY D 94 -20.89 28.09 43.53
CA GLY D 94 -21.85 29.05 42.99
C GLY D 94 -21.21 30.18 42.18
N ASP D 95 -19.98 30.54 42.50
CA ASP D 95 -19.35 31.64 41.78
C ASP D 95 -18.87 31.19 40.42
N PHE D 96 -18.18 30.04 40.39
CA PHE D 96 -17.80 29.45 39.11
C PHE D 96 -19.03 29.23 38.23
N ILE D 97 -19.99 28.45 38.74
CA ILE D 97 -21.18 28.12 37.96
C ILE D 97 -21.85 29.38 37.45
N ALA D 98 -21.79 30.48 38.19
CA ALA D 98 -22.46 31.70 37.77
C ALA D 98 -21.82 32.29 36.51
N LYS D 99 -20.49 32.45 36.51
CA LYS D 99 -19.86 32.97 35.29
C LYS D 99 -19.99 32.00 34.14
N ALA D 100 -19.78 30.70 34.42
CA ALA D 100 -19.99 29.63 33.45
C ALA D 100 -21.34 29.68 32.77
N GLN D 101 -22.40 30.01 33.49
CA GLN D 101 -23.71 30.01 32.84
C GLN D 101 -23.89 31.22 31.94
N GLU D 102 -23.11 32.28 32.17
CA GLU D 102 -23.17 33.42 31.25
C GLU D 102 -22.27 33.15 30.07
N ILE D 103 -21.15 32.44 30.29
CA ILE D 103 -20.31 31.98 29.19
C ILE D 103 -21.10 31.05 28.27
N LEU D 104 -21.56 29.93 28.81
CA LEU D 104 -22.41 29.04 28.02
C LEU D 104 -23.76 29.72 27.80
N GLY D 105 -24.57 29.16 26.91
CA GLY D 105 -25.84 29.84 26.77
C GLY D 105 -26.91 29.45 27.78
N CYS D 106 -26.54 28.88 28.93
CA CYS D 106 -27.54 27.98 29.48
C CYS D 106 -27.22 27.51 30.91
N PRO D 107 -28.16 26.86 31.59
CA PRO D 107 -27.94 26.58 33.02
C PRO D 107 -26.92 25.47 33.22
N VAL D 108 -26.31 25.47 34.42
CA VAL D 108 -25.42 24.39 34.85
C VAL D 108 -26.10 23.72 36.04
N GLN D 109 -26.40 22.44 35.91
CA GLN D 109 -27.10 21.69 36.95
C GLN D 109 -26.12 20.80 37.70
N VAL D 110 -25.86 21.14 38.97
CA VAL D 110 -25.12 20.26 39.87
C VAL D 110 -25.94 19.02 40.16
N ILE D 111 -25.32 17.84 40.14
CA ILE D 111 -26.06 16.58 40.32
C ILE D 111 -25.38 15.66 41.34
N SER D 112 -26.19 15.02 42.17
CA SER D 112 -25.70 14.08 43.15
C SER D 112 -25.08 12.85 42.49
N GLY D 113 -24.25 12.15 43.27
CA GLY D 113 -23.62 10.95 42.76
C GLY D 113 -24.63 9.88 42.39
N GLU D 114 -25.70 9.74 43.18
CA GLU D 114 -26.72 8.75 42.84
C GLU D 114 -27.37 9.10 41.52
N GLU D 115 -27.64 10.40 41.33
CA GLU D 115 -28.24 10.90 40.11
C GLU D 115 -27.28 10.75 38.93
N GLU D 116 -25.99 10.94 39.19
CA GLU D 116 -24.98 10.67 38.18
C GLU D 116 -24.95 9.20 37.84
N ALA D 117 -25.00 8.34 38.86
CA ALA D 117 -25.16 6.91 38.63
C ALA D 117 -26.46 6.59 37.91
N ARG D 118 -27.53 7.33 38.21
CA ARG D 118 -28.78 7.17 37.48
C ARG D 118 -28.57 7.51 36.01
N LEU D 119 -28.06 8.70 35.74
CA LEU D 119 -27.83 9.10 34.36
C LEU D 119 -26.86 8.17 33.65
N ILE D 120 -25.76 7.77 34.32
CA ILE D 120 -24.83 6.82 33.71
C ILE D 120 -25.57 5.56 33.25
N TYR D 121 -26.42 5.02 34.12
CA TYR D 121 -27.13 3.79 33.80
C TYR D 121 -28.06 3.98 32.61
N GLN D 122 -28.81 5.07 32.59
CA GLN D 122 -29.59 5.37 31.41
C GLN D 122 -28.70 5.35 30.17
N GLY D 123 -27.45 5.81 30.31
CA GLY D 123 -26.53 5.83 29.19
C GLY D 123 -26.17 4.45 28.69
N VAL D 124 -25.97 3.50 29.60
CA VAL D 124 -25.67 2.16 29.16
C VAL D 124 -26.93 1.50 28.64
N ALA D 125 -28.10 1.90 29.13
CA ALA D 125 -29.33 1.24 28.73
C ALA D 125 -29.65 1.51 27.26
N HIS D 126 -29.56 2.76 26.83
CA HIS D 126 -29.96 3.08 25.46
C HIS D 126 -28.94 2.66 24.40
N THR D 127 -27.73 2.26 24.79
CA THR D 127 -26.65 1.99 23.84
C THR D 127 -26.11 0.56 23.89
N THR D 128 -26.71 -0.33 24.66
CA THR D 128 -26.07 -1.61 24.94
C THR D 128 -26.95 -2.78 24.53
N GLY D 129 -26.47 -3.56 23.56
CA GLY D 129 -27.08 -4.83 23.25
C GLY D 129 -26.79 -5.87 24.32
N GLY D 130 -27.43 -7.01 24.17
CA GLY D 130 -27.49 -7.95 25.26
C GLY D 130 -28.85 -7.89 25.92
N ALA D 131 -28.95 -8.61 27.05
CA ALA D 131 -30.24 -8.83 27.67
C ALA D 131 -30.72 -7.57 28.40
N ASP D 132 -31.91 -7.67 29.00
CA ASP D 132 -32.44 -6.56 29.77
C ASP D 132 -31.72 -6.41 31.12
N GLN D 133 -31.79 -7.43 31.97
CA GLN D 133 -31.18 -7.33 33.29
C GLN D 133 -29.67 -7.35 33.19
N ARG D 134 -29.01 -6.40 33.85
CA ARG D 134 -27.58 -6.24 33.69
C ARG D 134 -26.97 -5.61 34.93
N LEU D 135 -25.71 -5.94 35.17
CA LEU D 135 -24.93 -5.44 36.31
C LEU D 135 -23.76 -4.62 35.78
N VAL D 136 -23.80 -3.30 36.02
CA VAL D 136 -22.82 -2.33 35.52
C VAL D 136 -21.72 -2.12 36.56
N VAL D 137 -20.48 -1.95 36.11
CA VAL D 137 -19.35 -1.78 37.00
C VAL D 137 -18.48 -0.65 36.48
N ASP D 138 -18.31 0.38 37.32
CA ASP D 138 -17.56 1.58 36.99
C ASP D 138 -16.50 1.76 38.07
N ILE D 139 -15.23 1.69 37.67
CA ILE D 139 -14.12 1.88 38.65
C ILE D 139 -13.54 3.26 38.38
N GLU D 145 -18.89 2.65 41.22
CA GLU D 145 -20.34 2.81 41.12
C GLU D 145 -20.89 1.63 40.32
N LEU D 146 -21.69 0.78 40.98
CA LEU D 146 -22.26 -0.42 40.39
C LEU D 146 -23.78 -0.31 40.42
N VAL D 147 -24.44 -0.80 39.38
CA VAL D 147 -25.89 -0.65 39.22
C VAL D 147 -26.46 -1.91 38.59
N THR D 148 -27.66 -2.32 39.03
CA THR D 148 -28.47 -3.32 38.34
C THR D 148 -29.77 -2.70 37.86
N GLY D 149 -30.28 -3.24 36.74
CA GLY D 149 -31.58 -2.83 36.24
C GLY D 149 -32.01 -3.71 35.07
N THR D 150 -33.23 -3.45 34.61
CA THR D 150 -33.82 -4.14 33.47
C THR D 150 -34.53 -3.12 32.58
N GLY D 151 -34.09 -3.03 31.32
CA GLY D 151 -34.77 -2.24 30.31
C GLY D 151 -35.02 -0.77 30.64
N ALA D 152 -33.94 -0.02 30.89
CA ALA D 152 -33.97 1.41 31.20
C ALA D 152 -34.60 1.75 32.55
N GLN D 153 -34.64 0.80 33.47
CA GLN D 153 -35.19 1.04 34.79
C GLN D 153 -34.18 0.54 35.81
N THR D 154 -33.64 1.45 36.63
CA THR D 154 -32.55 1.11 37.52
C THR D 154 -33.12 0.58 38.83
N THR D 155 -32.91 -0.72 39.08
CA THR D 155 -33.46 -1.40 40.26
C THR D 155 -32.66 -1.08 41.51
N SER D 156 -31.38 -1.42 41.50
CA SER D 156 -30.41 -1.15 42.55
C SER D 156 -29.43 -0.07 42.06
N LEU D 157 -28.49 0.31 42.92
CA LEU D 157 -27.58 1.45 42.66
C LEU D 157 -26.55 1.50 43.79
N PHE D 158 -25.41 2.14 43.53
CA PHE D 158 -24.30 2.08 44.47
C PHE D 158 -23.26 3.18 44.21
N SER D 159 -22.50 3.47 45.27
CA SER D 159 -21.13 3.98 45.20
C SER D 159 -20.34 3.30 46.32
N LEU D 160 -19.29 2.56 45.96
CA LEU D 160 -18.48 1.83 46.91
C LEU D 160 -17.25 2.66 47.30
N SER D 161 -16.42 2.08 48.18
CA SER D 161 -15.33 2.78 48.84
C SER D 161 -14.01 2.73 48.06
N MET D 162 -14.04 2.24 46.82
CA MET D 162 -12.86 2.20 45.98
C MET D 162 -13.05 3.13 44.78
N GLY D 163 -11.91 3.54 44.18
CA GLY D 163 -11.87 4.36 43.00
C GLY D 163 -10.60 4.08 42.21
N CYS D 164 -10.41 4.85 41.13
CA CYS D 164 -9.21 4.69 40.27
C CYS D 164 -7.88 4.86 41.03
N VAL D 165 -7.50 6.11 41.26
CA VAL D 165 -6.24 6.52 41.98
C VAL D 165 -6.25 6.01 43.42
N THR D 166 -7.39 6.17 44.10
CA THR D 166 -7.60 5.82 45.53
C THR D 166 -6.84 4.56 45.97
N TRP D 167 -6.87 3.49 45.17
CA TRP D 167 -6.24 2.21 45.59
C TRP D 167 -4.72 2.16 45.38
N LEU D 168 -4.20 2.78 44.31
CA LEU D 168 -2.74 2.70 43.99
C LEU D 168 -1.87 2.97 45.21
N GLU D 169 -2.08 4.11 45.86
CA GLU D 169 -1.26 4.49 47.04
C GLU D 169 -1.44 3.46 48.16
N LEU D 177 5.09 -4.95 41.53
CA LEU D 177 3.83 -5.69 41.32
C LEU D 177 3.93 -7.14 41.81
N GLY D 178 5.00 -7.48 42.52
CA GLY D 178 5.13 -8.80 43.11
C GLY D 178 3.91 -9.20 43.91
N GLN D 179 3.58 -10.50 43.92
CA GLN D 179 2.25 -10.98 44.31
C GLN D 179 1.72 -10.33 45.59
N GLU D 180 2.62 -9.98 46.52
CA GLU D 180 2.23 -9.21 47.69
C GLU D 180 1.43 -7.98 47.32
N ASN D 181 2.05 -7.05 46.58
CA ASN D 181 1.44 -5.75 46.34
C ASN D 181 0.14 -5.86 45.54
N PHE D 182 -0.01 -6.94 44.76
CA PHE D 182 -1.26 -7.18 44.04
C PHE D 182 -2.36 -7.61 44.99
N ASP D 183 -2.13 -8.70 45.74
CA ASP D 183 -3.08 -9.16 46.75
C ASP D 183 -3.09 -8.27 47.99
N ALA D 184 -2.17 -7.29 48.08
CA ALA D 184 -2.34 -6.20 49.02
C ALA D 184 -3.52 -5.30 48.60
N ALA D 185 -3.71 -5.15 47.30
CA ALA D 185 -4.89 -4.46 46.80
C ALA D 185 -6.09 -5.40 46.74
N GLU D 186 -5.88 -6.65 46.31
CA GLU D 186 -6.98 -7.58 45.98
C GLU D 186 -7.83 -7.90 47.20
N LYS D 187 -7.23 -8.52 48.22
CA LYS D 187 -8.00 -8.92 49.38
C LYS D 187 -8.47 -7.70 50.17
N ALA D 188 -7.69 -6.61 50.18
CA ALA D 188 -8.16 -5.35 50.75
C ALA D 188 -9.31 -4.76 49.92
N ALA D 189 -9.34 -5.04 48.62
CA ALA D 189 -10.51 -4.70 47.82
C ALA D 189 -11.65 -5.68 48.06
N ARG D 190 -11.34 -6.99 48.05
CA ARG D 190 -12.34 -7.99 48.43
C ARG D 190 -12.93 -7.68 49.81
N GLU D 191 -12.13 -7.11 50.72
CA GLU D 191 -12.65 -6.65 52.02
C GLU D 191 -13.72 -5.58 51.82
N VAL D 192 -13.43 -4.56 51.01
CA VAL D 192 -14.36 -3.45 50.83
C VAL D 192 -15.68 -3.95 50.26
N LEU D 193 -15.61 -4.87 49.32
CA LEU D 193 -16.80 -5.34 48.63
C LEU D 193 -17.35 -6.64 49.19
N ARG D 194 -16.76 -7.17 50.27
CA ARG D 194 -17.29 -8.39 50.87
C ARG D 194 -18.65 -8.19 51.55
N PRO D 195 -18.87 -7.14 52.34
CA PRO D 195 -20.18 -7.01 53.01
C PRO D 195 -21.30 -6.60 52.06
N VAL D 196 -20.99 -5.87 50.99
CA VAL D 196 -22.00 -5.32 50.09
C VAL D 196 -22.32 -6.27 48.93
N ALA D 197 -21.66 -7.43 48.85
CA ALA D 197 -21.84 -8.38 47.75
C ALA D 197 -23.08 -9.24 47.90
N ASP D 198 -23.85 -9.06 48.98
CA ASP D 198 -24.96 -9.94 49.29
C ASP D 198 -26.23 -9.52 48.57
N GLU D 199 -26.72 -8.31 48.85
CA GLU D 199 -27.93 -7.82 48.22
C GLU D 199 -27.83 -7.85 46.70
N LEU D 200 -26.63 -8.01 46.16
CA LEU D 200 -26.45 -8.04 44.71
C LEU D 200 -26.94 -9.34 44.11
N ARG D 201 -26.40 -10.48 44.55
CA ARG D 201 -26.76 -11.75 43.94
C ARG D 201 -28.28 -11.96 43.95
N TYR D 202 -28.98 -11.39 44.94
CA TYR D 202 -30.44 -11.47 44.98
C TYR D 202 -31.05 -10.79 43.76
N HIS D 203 -30.70 -9.52 43.54
CA HIS D 203 -31.25 -8.80 42.39
C HIS D 203 -30.89 -9.49 41.08
N GLY D 204 -29.67 -10.03 40.97
CA GLY D 204 -29.32 -10.89 39.86
C GLY D 204 -28.95 -10.14 38.59
N TRP D 205 -28.21 -10.82 37.72
CA TRP D 205 -27.87 -10.20 36.44
C TRP D 205 -27.65 -11.28 35.40
N LYS D 206 -28.22 -11.05 34.23
CA LYS D 206 -27.89 -11.89 33.09
C LYS D 206 -26.59 -11.43 32.44
N VAL D 207 -26.40 -10.11 32.29
CA VAL D 207 -25.25 -9.56 31.58
C VAL D 207 -24.46 -8.66 32.53
N CYS D 208 -23.15 -8.89 32.61
CA CYS D 208 -22.27 -8.02 33.37
C CYS D 208 -21.51 -7.11 32.42
N VAL D 209 -21.57 -5.80 32.68
CA VAL D 209 -20.99 -4.82 31.78
C VAL D 209 -20.10 -3.87 32.59
N GLY D 210 -19.20 -3.21 31.89
CA GLY D 210 -18.36 -2.18 32.49
C GLY D 210 -18.40 -0.93 31.66
N ALA D 211 -18.47 0.21 32.33
CA ALA D 211 -18.64 1.47 31.63
C ALA D 211 -17.43 2.36 31.74
N SER D 212 -16.70 2.26 32.85
CA SER D 212 -15.59 3.16 33.05
C SER D 212 -14.55 3.00 31.95
N GLY D 213 -13.75 4.05 31.79
CA GLY D 213 -12.57 3.95 30.94
C GLY D 213 -11.66 2.80 31.32
N THR D 214 -11.52 2.54 32.63
CA THR D 214 -10.68 1.44 33.07
C THR D 214 -10.99 0.14 32.32
N VAL D 215 -12.26 -0.26 32.31
CA VAL D 215 -12.73 -1.42 31.54
C VAL D 215 -12.11 -1.38 30.15
N GLN D 216 -12.14 -0.20 29.53
CA GLN D 216 -11.53 -0.04 28.23
C GLN D 216 -9.99 -0.17 28.26
N ALA D 217 -9.33 -0.02 29.40
CA ALA D 217 -7.95 -0.52 29.42
C ALA D 217 -7.94 -1.98 28.99
N LEU D 218 -8.95 -2.76 29.40
CA LEU D 218 -8.94 -4.19 29.19
C LEU D 218 -9.50 -4.62 27.84
N GLN D 219 -10.58 -3.99 27.37
CA GLN D 219 -11.17 -4.41 26.10
C GLN D 219 -10.17 -4.26 24.95
N GLU D 220 -9.33 -3.21 25.00
CA GLU D 220 -8.30 -3.05 23.97
C GLU D 220 -7.37 -4.25 23.92
N ILE D 221 -7.07 -4.85 25.06
CA ILE D 221 -6.16 -6.03 24.98
C ILE D 221 -6.92 -7.22 24.39
N MET D 222 -8.16 -7.47 24.82
CA MET D 222 -8.98 -8.62 24.36
C MET D 222 -8.98 -8.71 22.83
N MET D 223 -9.22 -7.60 22.14
CA MET D 223 -9.22 -7.61 20.66
C MET D 223 -7.88 -7.07 20.14
N ALA D 224 -6.80 -7.25 20.92
CA ALA D 224 -5.45 -6.81 20.52
C ALA D 224 -4.55 -8.03 20.42
N GLN D 225 -4.74 -8.99 21.32
CA GLN D 225 -3.90 -10.21 21.32
C GLN D 225 -4.53 -11.28 20.43
N GLY D 226 -5.84 -11.24 20.25
CA GLY D 226 -6.47 -12.28 19.45
C GLY D 226 -7.33 -13.24 20.23
N ILE D 231 -14.37 -10.50 29.10
CA ILE D 231 -13.36 -10.35 30.15
C ILE D 231 -13.59 -11.43 31.19
N THR D 232 -12.62 -12.34 31.33
CA THR D 232 -12.72 -13.49 32.21
C THR D 232 -11.66 -13.39 33.29
N LEU D 233 -11.90 -14.03 34.44
CA LEU D 233 -10.85 -14.08 35.44
C LEU D 233 -9.64 -14.86 34.93
N GLU D 234 -9.89 -15.86 34.08
CA GLU D 234 -8.80 -16.59 33.42
C GLU D 234 -7.82 -15.64 32.74
N LYS D 235 -8.33 -14.82 31.81
CA LYS D 235 -7.47 -13.87 31.11
C LYS D 235 -7.05 -12.71 32.02
N LEU D 236 -7.78 -12.44 33.12
CA LEU D 236 -7.40 -11.38 34.06
C LEU D 236 -6.16 -11.77 34.85
N GLN D 237 -6.19 -12.95 35.48
CA GLN D 237 -5.00 -13.47 36.16
C GLN D 237 -3.87 -13.67 35.19
N GLN D 238 -4.15 -14.27 34.02
CA GLN D 238 -3.14 -14.45 32.99
C GLN D 238 -2.65 -13.11 32.44
N LEU D 239 -3.43 -12.03 32.62
CA LEU D 239 -2.95 -10.67 32.43
C LEU D 239 -2.26 -10.15 33.67
N LYS D 240 -2.86 -10.39 34.84
CA LYS D 240 -2.22 -10.04 36.10
C LYS D 240 -0.83 -10.67 36.21
N GLN D 241 -0.61 -11.79 35.52
CA GLN D 241 0.70 -12.42 35.44
C GLN D 241 1.54 -11.91 34.27
N ARG D 242 0.91 -11.09 33.44
CA ARG D 242 1.71 -10.37 32.42
C ARG D 242 2.27 -9.17 33.20
N ALA D 243 1.61 -8.83 34.30
CA ALA D 243 2.07 -7.75 35.19
C ALA D 243 3.10 -8.25 36.20
N ILE D 244 2.71 -9.26 36.99
CA ILE D 244 3.62 -9.87 37.96
C ILE D 244 4.99 -10.10 37.36
N HIS D 245 5.03 -10.66 36.15
CA HIS D 245 6.28 -11.01 35.49
C HIS D 245 7.06 -9.79 35.02
N CYS D 246 6.47 -8.59 35.04
CA CYS D 246 7.17 -7.39 34.59
C CYS D 246 8.13 -6.84 35.65
N GLY D 247 7.75 -6.91 36.92
CA GLY D 247 8.64 -6.42 37.95
C GLY D 247 8.44 -4.95 38.21
N ALA D 262 -1.67 3.47 32.03
CA ALA D 262 -0.58 2.94 32.84
C ALA D 262 -0.49 3.65 34.17
N LEU D 263 -0.75 4.95 34.18
CA LEU D 263 -0.87 5.68 35.43
C LEU D 263 -1.75 4.90 36.42
N VAL D 264 -2.99 4.60 36.03
CA VAL D 264 -3.97 4.06 36.97
C VAL D 264 -4.18 2.55 36.83
N PHE D 265 -3.52 1.91 35.87
CA PHE D 265 -3.96 0.57 35.49
C PHE D 265 -3.86 -0.48 36.59
N PRO D 266 -2.74 -0.64 37.29
CA PRO D 266 -2.63 -1.79 38.21
C PRO D 266 -3.63 -1.74 39.34
N SER D 267 -3.96 -0.55 39.81
CA SER D 267 -5.04 -0.36 40.77
C SER D 267 -6.33 -0.90 40.19
N GLY D 268 -6.79 -0.29 39.09
CA GLY D 268 -8.04 -0.70 38.48
C GLY D 268 -8.12 -2.19 38.23
N LEU D 269 -6.99 -2.80 37.82
CA LEU D 269 -6.96 -4.24 37.59
C LEU D 269 -7.25 -5.00 38.89
N ALA D 270 -6.46 -4.72 39.93
CA ALA D 270 -6.60 -5.47 41.18
C ALA D 270 -8.00 -5.34 41.77
N ILE D 271 -8.64 -4.19 41.58
CA ILE D 271 -10.01 -4.03 42.04
C ILE D 271 -10.93 -4.98 41.29
N LEU D 272 -10.84 -4.95 39.96
CA LEU D 272 -11.80 -5.70 39.14
C LEU D 272 -11.67 -7.19 39.38
N ILE D 273 -10.46 -7.74 39.27
CA ILE D 273 -10.33 -9.17 39.49
C ILE D 273 -10.67 -9.51 40.94
N ALA D 274 -10.71 -8.52 41.82
CA ALA D 274 -11.37 -8.71 43.11
C ALA D 274 -12.88 -8.55 42.99
N ILE D 275 -13.34 -7.54 42.25
CA ILE D 275 -14.77 -7.39 42.00
C ILE D 275 -15.32 -8.64 41.33
N PHE D 276 -14.48 -9.36 40.59
CA PHE D 276 -14.90 -10.54 39.84
C PHE D 276 -15.20 -11.71 40.76
N THR D 277 -14.17 -12.15 41.49
CA THR D 277 -14.30 -13.34 42.33
C THR D 277 -15.37 -13.15 43.40
N GLU D 278 -15.32 -12.03 44.12
CA GLU D 278 -16.28 -11.80 45.19
C GLU D 278 -17.71 -11.69 44.66
N LEU D 279 -17.88 -11.27 43.41
CA LEU D 279 -19.19 -11.24 42.79
C LEU D 279 -19.47 -12.46 41.92
N ASN D 280 -18.50 -13.34 41.75
CA ASN D 280 -18.67 -14.59 41.00
C ASN D 280 -19.20 -14.33 39.59
N ILE D 281 -18.55 -13.38 38.93
CA ILE D 281 -19.04 -12.86 37.66
C ILE D 281 -18.34 -13.62 36.52
N GLN D 282 -19.13 -14.04 35.54
CA GLN D 282 -18.63 -14.93 34.51
C GLN D 282 -17.80 -14.18 33.47
N CYS D 283 -18.37 -13.15 32.88
CA CYS D 283 -17.65 -12.40 31.87
C CYS D 283 -18.22 -11.00 31.81
N MET D 284 -17.36 -10.05 31.43
CA MET D 284 -17.71 -8.64 31.38
C MET D 284 -17.51 -8.11 29.98
N THR D 285 -18.55 -7.49 29.43
CA THR D 285 -18.51 -6.74 28.19
C THR D 285 -18.47 -5.25 28.51
N LEU D 286 -18.38 -4.43 27.47
CA LEU D 286 -18.24 -2.98 27.62
C LEU D 286 -19.51 -2.30 27.12
N ALA D 287 -20.02 -1.36 27.92
CA ALA D 287 -21.24 -0.67 27.54
C ALA D 287 -20.94 0.37 26.48
N GLY D 288 -21.97 0.71 25.71
CA GLY D 288 -21.76 1.68 24.65
C GLY D 288 -22.19 3.07 25.03
N GLY D 289 -22.25 3.39 26.32
CA GLY D 289 -22.70 4.69 26.78
C GLY D 289 -22.45 4.88 28.26
N ALA D 290 -22.55 6.13 28.69
CA ALA D 290 -22.19 6.57 30.04
C ALA D 290 -22.98 7.84 30.34
N LEU D 291 -22.46 8.67 31.27
CA LEU D 291 -23.16 9.88 31.68
C LEU D 291 -23.67 10.66 30.46
N ARG D 292 -22.77 11.04 29.54
CA ARG D 292 -23.15 11.96 28.47
C ARG D 292 -24.17 11.37 27.52
N GLU D 293 -24.13 10.06 27.32
CA GLU D 293 -25.23 9.43 26.60
C GLU D 293 -26.53 9.55 27.38
N GLY D 294 -26.50 9.25 28.68
CA GLY D 294 -27.67 9.43 29.51
C GLY D 294 -28.28 10.81 29.40
N LEU D 295 -27.45 11.84 29.39
CA LEU D 295 -27.99 13.19 29.29
C LEU D 295 -28.67 13.39 27.94
N VAL D 296 -28.08 12.86 26.86
CA VAL D 296 -28.66 13.07 25.53
C VAL D 296 -30.00 12.33 25.39
N TYR D 297 -30.02 11.04 25.76
CA TYR D 297 -31.25 10.26 25.62
C TYR D 297 -32.35 10.77 26.55
N GLY D 298 -32.02 11.25 27.74
CA GLY D 298 -33.01 11.87 28.59
C GLY D 298 -33.66 13.09 27.99
N MET D 299 -33.08 13.67 26.92
CA MET D 299 -33.67 14.80 26.22
C MET D 299 -34.53 14.39 25.05
N LEU D 300 -34.46 13.11 24.68
CA LEU D 300 -35.08 12.63 23.47
C LEU D 300 -36.44 12.03 23.79
N HIS D 301 -37.36 12.30 22.89
CA HIS D 301 -38.79 11.73 22.87
C HIS D 301 -38.91 10.49 22.04
N ASP D 307 -35.18 -3.51 22.09
CA ASP D 307 -34.06 -4.06 21.36
C ASP D 307 -33.20 -2.92 20.80
N ILE D 308 -31.98 -2.83 21.30
CA ILE D 308 -31.02 -1.88 20.75
C ILE D 308 -30.64 -2.28 19.33
N ARG D 309 -30.24 -3.54 19.14
CA ARG D 309 -29.92 -4.09 17.82
C ARG D 309 -30.94 -3.72 16.75
N SER D 310 -32.21 -3.98 17.02
CA SER D 310 -33.24 -3.67 16.02
C SER D 310 -33.21 -2.20 15.66
N ARG D 311 -32.99 -1.33 16.66
CA ARG D 311 -32.95 0.11 16.42
C ARG D 311 -31.78 0.47 15.51
N THR D 312 -30.57 0.07 15.90
CA THR D 312 -29.39 0.18 15.06
C THR D 312 -29.66 -0.30 13.63
N LEU D 313 -30.02 -1.59 13.47
CA LEU D 313 -30.20 -2.19 12.15
C LEU D 313 -31.08 -1.33 11.26
N ARG D 314 -32.26 -0.98 11.76
CA ARG D 314 -33.19 -0.16 11.00
C ARG D 314 -32.66 1.25 10.78
N ASN D 315 -31.97 1.80 11.79
CA ASN D 315 -31.28 3.09 11.66
C ASN D 315 -30.32 3.08 10.48
N ILE D 316 -29.50 2.03 10.37
CA ILE D 316 -28.51 1.92 9.30
C ILE D 316 -29.20 1.75 7.93
N GLN D 317 -30.21 0.88 7.87
CA GLN D 317 -30.96 0.72 6.62
C GLN D 317 -31.50 2.07 6.17
N ARG D 318 -32.11 2.82 7.08
CA ARG D 318 -32.61 4.15 6.71
C ARG D 318 -31.50 5.00 6.14
N ARG D 319 -30.36 5.08 6.84
CA ARG D 319 -29.30 6.01 6.47
C ARG D 319 -28.71 5.71 5.11
N PHE D 320 -28.49 4.43 4.82
CA PHE D 320 -27.86 4.05 3.56
C PHE D 320 -28.84 3.56 2.51
N MET D 321 -30.15 3.83 2.71
CA MET D 321 -31.19 3.56 1.70
C MET D 321 -31.19 2.10 1.24
N ILE D 322 -30.96 1.19 2.17
CA ILE D 322 -31.12 -0.23 1.91
C ILE D 322 -32.59 -0.55 1.62
N ASP D 323 -32.81 -1.41 0.62
CA ASP D 323 -34.12 -1.98 0.30
C ASP D 323 -34.54 -2.91 1.44
N ILE D 324 -35.43 -2.43 2.32
CA ILE D 324 -35.80 -3.16 3.54
C ILE D 324 -36.66 -4.40 3.25
N ASP D 325 -37.46 -4.38 2.17
CA ASP D 325 -38.23 -5.57 1.84
C ASP D 325 -37.31 -6.69 1.36
N GLN D 326 -36.26 -6.34 0.60
CA GLN D 326 -35.32 -7.34 0.14
C GLN D 326 -34.53 -7.94 1.31
N ALA D 327 -34.01 -7.07 2.20
CA ALA D 327 -33.32 -7.52 3.41
C ALA D 327 -34.18 -8.48 4.23
N GLN D 328 -35.45 -8.12 4.47
CA GLN D 328 -36.36 -9.03 5.17
C GLN D 328 -36.55 -10.33 4.40
N ARG D 329 -36.73 -10.23 3.08
CA ARG D 329 -36.85 -11.39 2.22
C ARG D 329 -35.64 -12.33 2.38
N VAL D 330 -34.42 -11.79 2.24
CA VAL D 330 -33.23 -12.61 2.45
C VAL D 330 -33.20 -13.18 3.87
N ALA D 331 -33.57 -12.39 4.87
CA ALA D 331 -33.47 -12.87 6.25
C ALA D 331 -34.41 -14.04 6.52
N LYS D 332 -35.67 -13.95 6.04
CA LYS D 332 -36.59 -15.06 6.25
C LYS D 332 -36.09 -16.32 5.57
N VAL D 333 -35.40 -16.20 4.43
CA VAL D 333 -34.86 -17.40 3.77
C VAL D 333 -33.72 -17.97 4.61
N ALA D 334 -32.77 -17.10 4.98
CA ALA D 334 -31.62 -17.54 5.76
C ALA D 334 -32.03 -18.10 7.11
N ALA D 335 -32.99 -17.45 7.79
CA ALA D 335 -33.45 -18.00 9.06
C ALA D 335 -34.18 -19.32 8.85
N ASN D 336 -34.97 -19.42 7.77
CA ASN D 336 -35.60 -20.70 7.45
C ASN D 336 -34.51 -21.76 7.20
N PHE D 337 -33.55 -21.47 6.32
CA PHE D 337 -32.38 -22.34 6.18
C PHE D 337 -31.79 -22.68 7.55
N PHE D 338 -31.52 -21.65 8.37
CA PHE D 338 -30.92 -21.87 9.68
C PHE D 338 -31.70 -22.92 10.46
N ASP D 339 -33.02 -22.78 10.50
CA ASP D 339 -33.83 -23.69 11.29
C ASP D 339 -33.69 -25.12 10.81
N GLN D 340 -33.42 -25.32 9.51
CA GLN D 340 -33.40 -26.67 8.99
C GLN D 340 -32.07 -27.35 9.29
N VAL D 341 -31.01 -26.58 9.47
CA VAL D 341 -29.69 -27.15 9.69
C VAL D 341 -29.19 -26.97 11.12
N GLU D 342 -29.95 -26.29 11.97
CA GLU D 342 -29.42 -25.90 13.28
C GLU D 342 -29.36 -27.07 14.24
N ASN D 343 -30.32 -27.99 14.15
CA ASN D 343 -30.27 -29.22 14.93
C ASN D 343 -29.04 -30.03 14.58
N GLU D 344 -28.79 -30.23 13.29
CA GLU D 344 -27.64 -31.05 12.87
C GLU D 344 -26.32 -30.36 13.19
N TRP D 345 -26.27 -29.03 13.00
CA TRP D 345 -25.05 -28.25 13.15
C TRP D 345 -24.84 -27.68 14.58
N HIS D 346 -25.76 -27.95 15.52
CA HIS D 346 -25.72 -27.45 16.91
C HIS D 346 -25.50 -25.94 16.97
N LEU D 347 -26.49 -25.20 16.49
CA LEU D 347 -26.37 -23.76 16.36
C LEU D 347 -27.20 -23.07 17.43
N GLU D 348 -26.61 -22.05 18.00
CA GLU D 348 -27.17 -21.26 19.09
C GLU D 348 -28.13 -20.19 18.57
N ALA D 349 -29.19 -19.92 19.35
CA ALA D 349 -30.08 -18.82 19.02
C ALA D 349 -29.33 -17.52 18.79
N ILE D 350 -28.16 -17.40 19.41
CA ILE D 350 -27.30 -16.23 19.23
C ILE D 350 -26.79 -16.16 17.80
N SER D 351 -26.32 -17.30 17.28
CA SER D 351 -25.90 -17.35 15.88
C SER D 351 -27.05 -16.97 14.95
N ARG D 352 -28.26 -17.39 15.29
CA ARG D 352 -29.37 -17.01 14.45
C ARG D 352 -29.43 -15.51 14.27
N ASP D 353 -29.19 -14.76 15.34
CA ASP D 353 -29.45 -13.33 15.25
C ASP D 353 -28.29 -12.58 14.61
N LEU D 354 -27.08 -13.11 14.71
CA LEU D 354 -26.00 -12.57 13.91
C LEU D 354 -26.30 -12.76 12.44
N LEU D 355 -26.70 -13.99 12.05
CA LEU D 355 -27.04 -14.27 10.67
C LEU D 355 -28.10 -13.30 10.16
N ILE D 356 -29.16 -13.13 10.93
CA ILE D 356 -30.23 -12.23 10.48
C ILE D 356 -29.74 -10.79 10.37
N SER D 357 -28.93 -10.34 11.34
CA SER D 357 -28.33 -9.02 11.22
C SER D 357 -27.55 -8.89 9.92
N ALA D 358 -26.68 -9.86 9.64
CA ALA D 358 -25.94 -9.85 8.39
C ALA D 358 -26.87 -9.69 7.20
N CYS D 359 -27.95 -10.49 7.16
CA CYS D 359 -28.92 -10.34 6.06
C CYS D 359 -29.52 -8.93 6.03
N GLN D 360 -29.76 -8.31 7.20
CA GLN D 360 -30.36 -6.98 7.17
C GLN D 360 -29.45 -5.94 6.51
N LEU D 361 -28.16 -6.14 6.58
CA LEU D 361 -27.24 -5.15 6.04
C LEU D 361 -26.53 -5.61 4.77
N HIS D 362 -26.85 -6.80 4.26
CA HIS D 362 -25.98 -7.39 3.25
C HIS D 362 -25.88 -6.53 1.98
N GLU D 363 -26.90 -5.72 1.67
CA GLU D 363 -26.83 -4.88 0.46
C GLU D 363 -26.27 -3.48 0.71
N ILE D 364 -25.75 -3.21 1.91
CA ILE D 364 -25.26 -1.87 2.22
C ILE D 364 -24.13 -1.47 1.28
N GLY D 365 -23.29 -2.44 0.86
CA GLY D 365 -22.22 -2.10 -0.06
C GLY D 365 -22.75 -1.58 -1.37
N LEU D 366 -23.98 -1.95 -1.72
CA LEU D 366 -24.58 -1.50 -2.95
C LEU D 366 -24.93 -0.01 -2.91
N SER D 367 -25.19 0.52 -1.72
CA SER D 367 -25.36 1.96 -1.57
C SER D 367 -24.14 2.72 -2.04
N VAL D 368 -22.95 2.11 -2.00
CA VAL D 368 -21.76 2.74 -2.56
C VAL D 368 -21.68 2.52 -4.08
N ASP D 369 -21.67 1.26 -4.52
CA ASP D 369 -21.61 0.90 -5.93
C ASP D 369 -21.66 -0.61 -6.10
N PHE D 370 -22.16 -1.07 -7.27
CA PHE D 370 -22.56 -2.47 -7.48
C PHE D 370 -21.37 -3.39 -7.76
N LYS D 371 -20.36 -2.90 -8.50
CA LYS D 371 -19.21 -3.68 -8.93
C LYS D 371 -18.58 -4.48 -7.81
N GLN D 372 -18.07 -3.79 -6.80
CA GLN D 372 -17.35 -4.45 -5.72
C GLN D 372 -18.10 -4.28 -4.43
N ALA D 373 -19.43 -4.32 -4.49
CA ALA D 373 -20.32 -4.11 -3.37
C ALA D 373 -19.92 -4.93 -2.14
N PRO D 374 -19.49 -6.19 -2.27
CA PRO D 374 -19.14 -6.93 -1.05
C PRO D 374 -18.02 -6.26 -0.28
N GLN D 375 -17.13 -5.61 -0.99
CA GLN D 375 -16.00 -5.05 -0.31
C GLN D 375 -16.36 -3.70 0.30
N HIS D 376 -17.17 -2.87 -0.39
CA HIS D 376 -17.71 -1.68 0.24
C HIS D 376 -18.57 -2.04 1.46
N ALA D 377 -19.27 -3.18 1.38
CA ALA D 377 -20.09 -3.55 2.51
C ALA D 377 -19.22 -3.85 3.72
N ALA D 378 -18.13 -4.62 3.54
CA ALA D 378 -17.23 -4.87 4.66
C ALA D 378 -16.61 -3.57 5.16
N TYR D 379 -16.37 -2.61 4.25
CA TYR D 379 -15.81 -1.35 4.67
C TYR D 379 -16.78 -0.58 5.54
N LEU D 380 -18.02 -0.41 5.10
CA LEU D 380 -18.99 0.35 5.87
C LEU D 380 -19.20 -0.28 7.24
N VAL D 381 -19.50 -1.57 7.27
CA VAL D 381 -19.79 -2.22 8.54
C VAL D 381 -18.60 -2.11 9.49
N ARG D 382 -17.37 -2.23 8.97
CA ARG D 382 -16.20 -2.14 9.83
C ARG D 382 -16.10 -0.78 10.50
N ASN D 383 -16.51 0.29 9.83
CA ASN D 383 -16.30 1.61 10.39
C ASN D 383 -17.56 2.26 10.96
N LEU D 384 -18.72 1.73 10.71
CA LEU D 384 -19.86 2.32 11.36
C LEU D 384 -19.77 2.00 12.85
N ASP D 385 -20.23 2.94 13.66
CA ASP D 385 -20.54 2.62 15.03
C ASP D 385 -21.89 1.94 15.02
N LEU D 386 -21.96 0.76 15.64
CA LEU D 386 -23.13 -0.13 15.58
C LEU D 386 -23.58 -0.51 16.99
N PRO D 387 -24.42 0.32 17.60
CA PRO D 387 -24.90 0.03 18.95
C PRO D 387 -25.66 -1.29 19.01
N GLY D 388 -25.22 -2.17 19.91
CA GLY D 388 -25.84 -3.46 20.14
C GLY D 388 -24.97 -4.63 19.74
N PHE D 389 -23.78 -4.37 19.18
CA PHE D 389 -22.89 -5.40 18.71
C PHE D 389 -21.50 -5.12 19.24
N THR D 390 -20.82 -6.18 19.66
CA THR D 390 -19.45 -6.03 20.16
C THR D 390 -18.47 -5.83 19.00
N PRO D 391 -17.22 -5.44 19.29
CA PRO D 391 -16.23 -5.35 18.22
C PRO D 391 -16.07 -6.65 17.49
N ALA D 392 -16.06 -7.78 18.21
CA ALA D 392 -15.92 -9.06 17.53
C ALA D 392 -17.11 -9.31 16.62
N GLN D 393 -18.31 -8.90 17.06
CA GLN D 393 -19.52 -9.12 16.30
C GLN D 393 -19.55 -8.30 15.03
N LYS D 394 -19.29 -7.00 15.13
CA LYS D 394 -19.15 -6.15 13.96
C LYS D 394 -18.09 -6.71 13.00
N LYS D 395 -16.93 -7.07 13.52
CA LYS D 395 -15.89 -7.66 12.69
C LYS D 395 -16.39 -8.92 11.96
N LEU D 396 -17.34 -9.64 12.56
CA LEU D 396 -17.91 -10.83 11.94
C LEU D 396 -18.97 -10.49 10.90
N LEU D 397 -19.84 -9.52 11.20
CA LEU D 397 -20.72 -9.01 10.17
C LEU D 397 -19.95 -8.60 8.92
N ALA D 398 -18.87 -7.80 9.09
CA ALA D 398 -18.10 -7.35 7.96
C ALA D 398 -17.62 -8.50 7.08
N THR D 399 -17.12 -9.55 7.69
CA THR D 399 -16.50 -10.57 6.85
C THR D 399 -17.56 -11.47 6.22
N LEU D 400 -18.62 -11.79 6.96
CA LEU D 400 -19.82 -12.36 6.36
C LEU D 400 -20.24 -11.56 5.12
N LEU D 401 -20.25 -10.24 5.23
CA LEU D 401 -20.69 -9.43 4.10
C LEU D 401 -19.68 -9.47 2.97
N LEU D 402 -18.40 -9.33 3.28
CA LEU D 402 -17.37 -9.46 2.25
C LEU D 402 -17.48 -10.80 1.52
N ASN D 403 -17.83 -11.85 2.23
CA ASN D 403 -17.86 -13.18 1.63
C ASN D 403 -19.26 -13.57 1.17
N GLN D 404 -20.16 -12.60 1.01
CA GLN D 404 -21.52 -12.96 0.67
C GLN D 404 -21.63 -13.59 -0.74
N THR D 405 -20.58 -13.45 -1.51
CA THR D 405 -20.43 -14.03 -2.86
C THR D 405 -18.94 -14.01 -3.24
N ASN D 406 -18.62 -14.50 -4.44
CA ASN D 406 -17.25 -14.61 -5.02
C ASN D 406 -16.40 -15.71 -4.35
N PRO D 407 -15.16 -15.92 -4.81
CA PRO D 407 -14.29 -16.92 -4.22
C PRO D 407 -14.18 -16.68 -2.70
N VAL D 408 -14.40 -17.75 -1.94
CA VAL D 408 -14.42 -17.67 -0.45
C VAL D 408 -13.03 -17.44 0.13
N ASP D 409 -12.92 -16.49 1.04
CA ASP D 409 -11.69 -16.30 1.80
C ASP D 409 -11.94 -16.77 3.24
N LEU D 410 -11.43 -17.97 3.55
CA LEU D 410 -11.65 -18.57 4.87
C LEU D 410 -10.89 -17.82 5.97
N SER D 411 -9.64 -17.43 5.69
CA SER D 411 -8.90 -16.61 6.63
C SER D 411 -9.74 -15.44 7.11
N SER D 412 -10.38 -14.72 6.17
CA SER D 412 -11.21 -13.59 6.55
C SER D 412 -12.31 -14.02 7.52
N LEU D 413 -13.02 -15.10 7.21
CA LEU D 413 -14.02 -15.61 8.13
C LEU D 413 -13.43 -15.86 9.51
N HIS D 414 -12.12 -16.12 9.58
CA HIS D 414 -11.52 -16.61 10.80
C HIS D 414 -11.03 -15.51 11.73
N GLN D 415 -10.53 -14.39 11.22
CA GLN D 415 -10.07 -13.35 12.12
C GLN D 415 -11.29 -12.60 12.61
N GLN D 416 -11.88 -13.14 13.67
CA GLN D 416 -13.03 -12.58 14.35
C GLN D 416 -13.23 -13.44 15.58
N ASN D 417 -13.76 -12.87 16.66
CA ASN D 417 -13.88 -13.56 17.94
C ASN D 417 -15.32 -13.78 18.40
N ALA D 418 -16.30 -13.37 17.60
CA ALA D 418 -17.67 -13.53 18.05
C ALA D 418 -18.09 -14.98 18.03
N VAL D 419 -17.55 -15.77 17.11
CA VAL D 419 -18.00 -17.16 16.98
C VAL D 419 -16.79 -18.02 16.63
N PRO D 420 -16.89 -19.32 16.89
CA PRO D 420 -15.83 -20.22 16.46
C PRO D 420 -15.67 -20.16 14.95
N PRO D 421 -14.50 -20.49 14.43
CA PRO D 421 -14.31 -20.45 12.97
C PRO D 421 -15.35 -21.26 12.22
N ARG D 422 -15.65 -22.48 12.65
CA ARG D 422 -16.57 -23.32 11.91
C ARG D 422 -17.96 -22.66 11.80
N VAL D 423 -18.37 -21.95 12.85
CA VAL D 423 -19.69 -21.31 12.86
C VAL D 423 -19.73 -20.16 11.85
N ALA D 424 -18.67 -19.34 11.82
CA ALA D 424 -18.61 -18.26 10.83
C ALA D 424 -18.80 -18.81 9.41
N GLU D 425 -18.19 -19.97 9.13
CA GLU D 425 -18.39 -20.63 7.84
C GLU D 425 -19.83 -21.09 7.67
N GLN D 426 -20.37 -21.77 8.67
CA GLN D 426 -21.72 -22.28 8.55
C GLN D 426 -22.71 -21.17 8.24
N LEU D 427 -22.49 -19.99 8.81
CA LEU D 427 -23.47 -18.92 8.64
C LEU D 427 -23.17 -18.16 7.37
N CYS D 428 -21.91 -18.17 6.94
CA CYS D 428 -21.59 -17.60 5.65
C CYS D 428 -22.32 -18.35 4.56
N ARG D 429 -22.29 -19.69 4.64
CA ARG D 429 -22.99 -20.52 3.67
C ARG D 429 -24.46 -20.17 3.60
N LEU D 430 -25.13 -20.11 4.75
CA LEU D 430 -26.57 -19.84 4.73
C LEU D 430 -26.87 -18.48 4.10
N LEU D 431 -26.00 -17.49 4.38
CA LEU D 431 -26.18 -16.15 3.84
C LEU D 431 -25.98 -16.10 2.33
N ARG D 432 -24.96 -16.80 1.81
CA ARG D 432 -24.71 -16.79 0.36
C ARG D 432 -25.89 -17.43 -0.39
N LEU D 433 -26.39 -18.55 0.14
CA LEU D 433 -27.48 -19.27 -0.50
C LEU D 433 -28.79 -18.53 -0.31
N ALA D 434 -28.97 -17.85 0.82
CA ALA D 434 -30.21 -17.08 0.99
C ALA D 434 -30.27 -15.93 -0.01
N ILE D 435 -29.11 -15.35 -0.31
CA ILE D 435 -29.06 -14.24 -1.23
C ILE D 435 -29.41 -14.72 -2.63
N ILE D 436 -28.88 -15.88 -3.04
CA ILE D 436 -29.13 -16.38 -4.39
C ILE D 436 -30.60 -16.59 -4.63
N PHE D 437 -31.29 -17.28 -3.71
CA PHE D 437 -32.69 -17.62 -3.96
C PHE D 437 -33.64 -16.46 -3.71
N ALA D 438 -33.17 -15.33 -3.23
CA ALA D 438 -34.02 -14.14 -3.15
C ALA D 438 -33.67 -13.11 -4.22
N SER D 439 -32.82 -13.46 -5.19
CA SER D 439 -32.34 -12.45 -6.14
C SER D 439 -33.43 -11.87 -7.04
N ARG D 440 -34.65 -12.35 -6.95
CA ARG D 440 -35.71 -11.78 -7.80
C ARG D 440 -36.33 -10.52 -7.22
N ARG D 441 -36.23 -10.31 -5.90
CA ARG D 441 -36.87 -9.20 -5.19
C ARG D 441 -38.39 -9.33 -5.13
N ARG D 442 -38.93 -10.54 -5.06
CA ARG D 442 -40.37 -10.75 -5.00
C ARG D 442 -40.67 -11.92 -4.09
N ASP D 443 -41.59 -11.72 -3.13
CA ASP D 443 -41.81 -12.75 -2.11
C ASP D 443 -42.28 -14.07 -2.73
N ASP D 444 -43.26 -14.02 -3.62
CA ASP D 444 -43.79 -15.28 -4.12
C ASP D 444 -42.92 -15.88 -5.23
N LEU D 445 -41.84 -15.21 -5.65
CA LEU D 445 -40.88 -15.83 -6.56
C LEU D 445 -39.76 -16.60 -5.83
N VAL D 446 -39.63 -16.49 -4.51
CA VAL D 446 -38.55 -17.23 -3.85
C VAL D 446 -39.08 -18.65 -3.67
N PRO D 447 -38.36 -19.65 -4.16
CA PRO D 447 -38.92 -21.01 -4.20
C PRO D 447 -39.04 -21.67 -2.84
N GLU D 448 -39.93 -22.65 -2.78
CA GLU D 448 -40.04 -23.53 -1.64
C GLU D 448 -38.89 -24.52 -1.67
N MET D 449 -38.15 -24.62 -0.57
CA MET D 449 -36.96 -25.43 -0.52
C MET D 449 -36.92 -26.20 0.78
N THR D 450 -36.12 -27.25 0.79
CA THR D 450 -35.72 -27.93 1.99
C THR D 450 -34.21 -28.01 1.96
N LEU D 451 -33.59 -27.88 3.13
CA LEU D 451 -32.15 -27.93 3.27
C LEU D 451 -31.79 -28.92 4.38
N GLN D 452 -30.88 -29.83 4.07
CA GLN D 452 -30.50 -30.93 4.95
C GLN D 452 -28.98 -30.87 5.15
N ALA D 453 -28.55 -30.98 6.41
CA ALA D 453 -27.10 -30.96 6.69
C ALA D 453 -26.62 -32.29 7.25
N ASN D 454 -25.64 -32.89 6.59
CA ASN D 454 -24.97 -34.12 7.06
C ASN D 454 -23.50 -33.71 7.16
N HIS D 455 -23.08 -33.33 8.36
CA HIS D 455 -21.72 -32.77 8.58
C HIS D 455 -21.58 -31.55 7.68
N GLU D 456 -20.56 -31.54 6.82
CA GLU D 456 -20.32 -30.35 5.95
C GLU D 456 -21.15 -30.42 4.67
N LEU D 457 -21.96 -31.46 4.47
CA LEU D 457 -22.76 -31.55 3.27
C LEU D 457 -24.07 -30.79 3.43
N LEU D 458 -24.29 -29.82 2.58
CA LEU D 458 -25.63 -29.25 2.42
C LEU D 458 -26.27 -29.90 1.21
N THR D 459 -27.53 -30.25 1.35
CA THR D 459 -28.32 -30.76 0.25
C THR D 459 -29.55 -29.86 0.14
N LEU D 460 -29.63 -29.12 -0.96
CA LEU D 460 -30.72 -28.22 -1.25
C LEU D 460 -31.67 -28.92 -2.21
N THR D 461 -32.96 -28.93 -1.89
CA THR D 461 -33.96 -29.49 -2.77
C THR D 461 -34.88 -28.35 -3.18
N LEU D 462 -34.95 -28.10 -4.50
CA LEU D 462 -35.80 -27.09 -5.12
C LEU D 462 -37.11 -27.75 -5.52
N PRO D 463 -38.15 -26.96 -5.80
CA PRO D 463 -39.37 -27.58 -6.35
C PRO D 463 -39.00 -28.37 -7.61
N GLN D 464 -39.68 -29.49 -7.80
N GLN D 464 -39.77 -29.43 -7.84
CA GLN D 464 -39.44 -30.34 -8.99
CA GLN D 464 -39.64 -30.27 -9.03
C GLN D 464 -39.54 -29.46 -10.23
C GLN D 464 -39.60 -29.41 -10.30
N GLY D 465 -38.64 -29.65 -11.19
CA GLY D 465 -38.64 -28.88 -12.40
C GLY D 465 -38.09 -27.47 -12.29
N TRP D 466 -37.87 -26.95 -11.07
CA TRP D 466 -37.41 -25.57 -10.94
C TRP D 466 -36.14 -25.34 -11.75
N LEU D 467 -35.12 -26.17 -11.53
CA LEU D 467 -33.84 -25.97 -12.21
C LEU D 467 -33.99 -25.99 -13.72
N THR D 468 -34.81 -26.93 -14.22
CA THR D 468 -35.16 -26.98 -15.64
C THR D 468 -35.67 -25.64 -16.17
N GLN D 469 -36.52 -24.97 -15.40
CA GLN D 469 -37.13 -23.73 -15.89
C GLN D 469 -36.29 -22.46 -15.60
N HIS D 470 -35.14 -22.58 -14.92
CA HIS D 470 -34.35 -21.41 -14.52
C HIS D 470 -32.91 -21.55 -14.99
N PRO D 471 -32.66 -21.31 -16.26
CA PRO D 471 -31.31 -21.50 -16.79
C PRO D 471 -30.27 -20.60 -16.14
N LEU D 472 -30.57 -19.33 -15.88
CA LEU D 472 -29.59 -18.49 -15.19
C LEU D 472 -29.41 -18.97 -13.75
N GLY D 473 -30.52 -19.30 -13.07
CA GLY D 473 -30.43 -19.92 -11.76
C GLY D 473 -29.52 -21.14 -11.74
N LYS D 474 -29.77 -22.08 -12.65
CA LYS D 474 -28.89 -23.23 -12.82
C LYS D 474 -27.45 -22.77 -12.88
N GLU D 475 -27.19 -21.75 -13.71
CA GLU D 475 -25.82 -21.25 -13.88
C GLU D 475 -25.26 -20.68 -12.58
N ILE D 476 -26.06 -19.87 -11.89
CA ILE D 476 -25.59 -19.29 -10.64
C ILE D 476 -25.36 -20.37 -9.60
N ILE D 477 -26.27 -21.33 -9.52
CA ILE D 477 -26.13 -22.36 -8.48
C ILE D 477 -24.92 -23.23 -8.74
N ALA D 478 -24.58 -23.48 -10.01
CA ALA D 478 -23.40 -24.29 -10.27
C ALA D 478 -22.14 -23.55 -9.89
N GLN D 479 -22.09 -22.25 -10.21
CA GLN D 479 -20.93 -21.44 -9.88
C GLN D 479 -20.75 -21.31 -8.37
N GLU D 480 -21.85 -21.15 -7.61
CA GLU D 480 -21.78 -21.16 -6.15
C GLU D 480 -21.27 -22.50 -5.64
N SER D 481 -21.92 -23.58 -6.09
CA SER D 481 -21.43 -24.94 -5.86
C SER D 481 -19.93 -25.02 -6.07
N GLN D 482 -19.45 -24.60 -7.25
CA GLN D 482 -18.02 -24.64 -7.52
C GLN D 482 -17.25 -23.86 -6.47
N TRP D 483 -17.78 -22.68 -6.07
CA TRP D 483 -17.10 -21.85 -5.07
C TRP D 483 -17.08 -22.53 -3.70
N GLN D 484 -18.22 -23.01 -3.23
CA GLN D 484 -18.23 -23.68 -1.93
C GLN D 484 -17.23 -24.81 -1.90
N SER D 485 -17.02 -25.48 -3.03
CA SER D 485 -16.18 -26.67 -3.02
C SER D 485 -14.69 -26.32 -3.04
N TYR D 486 -14.30 -25.21 -3.66
CA TYR D 486 -12.90 -24.80 -3.60
C TYR D 486 -12.44 -24.68 -2.16
N VAL D 487 -13.39 -24.42 -1.26
CA VAL D 487 -13.12 -24.19 0.15
C VAL D 487 -13.57 -25.37 1.02
N HIS D 488 -13.92 -26.51 0.39
CA HIS D 488 -14.38 -27.75 1.04
C HIS D 488 -15.74 -27.58 1.72
N TRP D 489 -16.63 -26.81 1.11
CA TRP D 489 -18.01 -26.89 1.54
C TRP D 489 -18.75 -27.72 0.51
N PRO D 490 -19.04 -28.99 0.77
CA PRO D 490 -19.73 -29.83 -0.22
C PRO D 490 -21.21 -29.50 -0.30
N LEU D 491 -21.70 -29.26 -1.52
CA LEU D 491 -23.07 -28.78 -1.73
C LEU D 491 -23.74 -29.48 -2.92
N GLU D 492 -24.77 -30.30 -2.64
CA GLU D 492 -25.65 -30.90 -3.64
C GLU D 492 -26.93 -30.09 -3.70
N VAL D 493 -27.42 -29.83 -4.91
CA VAL D 493 -28.73 -29.19 -5.07
C VAL D 493 -29.53 -29.90 -6.16
N HIS D 494 -30.80 -30.15 -5.87
CA HIS D 494 -31.65 -31.04 -6.67
C HIS D 494 -32.87 -30.27 -7.17
#